data_7NN3
#
_entry.id   7NN3
#
_cell.length_a   99.058
_cell.length_b   116.901
_cell.length_c   160.394
_cell.angle_alpha   90.000
_cell.angle_beta   90.000
_cell.angle_gamma   90.000
#
_symmetry.space_group_name_H-M   'P 21 21 21'
#
loop_
_entity.id
_entity.type
_entity.pdbx_description
1 polymer Beta-xylanase
2 non-polymer 'TRIETHYLENE GLYCOL'
3 non-polymer 1,2-ETHANEDIOL
4 non-polymer DI(HYDROXYETHYL)ETHER
5 non-polymer 'ACETATE ION'
6 water water
#
_entity_poly.entity_id   1
_entity_poly.type   'polypeptide(L)'
_entity_poly.pdbx_seq_one_letter_code
;MGSSHHHHHHSSENLYFQGHIETLPDSFTFYDGTKVQRLSDWPKRAQELKDLYQFYMYGYKPDTSVEDVTYSVNGNTLTI
TVKVGDKQASFNATVRLPQANSGYQPPYPVIISLGYLAGFNWQTWQFIDYSTNAVNRGYAVISFMPNDVARDDSSYTGAF
YTLYPHSNKVENDTGVLMAWAWGASKILDALEKGAIPEIDAKKAIVTGFSRYGKAALVAGAFDERFAVVNPHASGQGGAA
SFRYSFAGKQYSWGVAGNAEAFSNLQGNTEGHWFNAVFREFKDPRQLPFDQHELIALCAPRTVLITGGYSDWGTNPEGTW
VSFVGARKVYEFLGVADRIGFALRDGSHAITEEDVNNLLDFCDWQLRGIQPTKDFSTSRFAIDPAWDTISVPTLYRNAD
;
_entity_poly.pdbx_strand_id   A,B,C,D
#
# COMPACT_ATOMS: atom_id res chain seq x y z
N SER A 12 -26.05 3.56 1.09
CA SER A 12 -25.32 4.82 1.21
C SER A 12 -24.20 4.72 2.25
N GLU A 13 -23.68 3.51 2.45
CA GLU A 13 -22.56 3.33 3.37
C GLU A 13 -21.19 3.41 2.68
N ASN A 14 -21.14 3.51 1.36
CA ASN A 14 -19.85 3.74 0.68
C ASN A 14 -19.39 5.17 0.94
N LEU A 15 -18.37 5.33 1.80
CA LEU A 15 -17.97 6.67 2.21
C LEU A 15 -17.34 7.49 1.09
N TYR A 16 -16.96 6.88 -0.05
CA TYR A 16 -16.45 7.69 -1.15
C TYR A 16 -17.46 8.71 -1.62
N PHE A 17 -18.75 8.44 -1.39
CA PHE A 17 -19.83 9.26 -1.91
C PHE A 17 -20.62 9.94 -0.80
N GLN A 18 -20.06 10.01 0.40
CA GLN A 18 -20.75 10.61 1.53
C GLN A 18 -20.08 11.88 2.05
N GLY A 19 -19.05 12.37 1.38
CA GLY A 19 -18.27 13.46 1.93
C GLY A 19 -19.03 14.78 1.91
N HIS A 20 -18.62 15.67 2.81
CA HIS A 20 -19.23 17.00 2.89
C HIS A 20 -18.21 17.95 3.50
N ILE A 21 -17.99 19.11 2.88
CA ILE A 21 -16.97 20.05 3.34
C ILE A 21 -17.62 21.34 3.83
N GLU A 22 -17.37 21.71 5.09
CA GLU A 22 -17.68 23.03 5.62
C GLU A 22 -16.39 23.85 5.74
N THR A 23 -16.52 25.17 5.74
CA THR A 23 -15.35 25.99 6.07
C THR A 23 -15.25 26.07 7.58
N LEU A 24 -14.17 25.53 8.14
CA LEU A 24 -13.94 25.64 9.57
C LEU A 24 -13.02 26.82 9.83
N PRO A 25 -13.47 27.88 10.49
CA PRO A 25 -12.60 29.04 10.68
C PRO A 25 -11.23 28.65 11.22
N ASP A 26 -10.19 29.13 10.55
CA ASP A 26 -8.82 28.67 10.79
C ASP A 26 -8.29 29.25 12.10
N SER A 27 -7.91 28.37 13.03
CA SER A 27 -7.27 28.81 14.26
C SER A 27 -5.97 29.53 13.98
N PHE A 28 -5.26 29.15 12.91
CA PHE A 28 -3.93 29.67 12.62
C PHE A 28 -3.94 30.86 11.67
N THR A 29 -5.08 31.51 11.49
CA THR A 29 -5.16 32.75 10.72
C THR A 29 -5.57 33.88 11.65
N PHE A 30 -4.72 34.91 11.77
CA PHE A 30 -5.05 36.08 12.57
C PHE A 30 -6.28 36.79 12.02
N TYR A 31 -6.89 37.61 12.88
CA TYR A 31 -8.05 38.39 12.45
C TYR A 31 -7.77 39.22 11.19
N ASP A 32 -6.55 39.71 11.03
CA ASP A 32 -6.20 40.53 9.87
C ASP A 32 -5.72 39.72 8.66
N GLY A 33 -5.91 38.40 8.67
CA GLY A 33 -5.59 37.57 7.52
C GLY A 33 -4.18 37.06 7.45
N THR A 34 -3.27 37.57 8.27
CA THR A 34 -1.92 37.02 8.32
C THR A 34 -1.92 35.71 9.11
N LYS A 35 -0.82 34.99 9.04
CA LYS A 35 -0.77 33.63 9.53
C LYS A 35 0.00 33.52 10.84
N VAL A 36 -0.48 32.66 11.73
CA VAL A 36 0.26 32.24 12.90
C VAL A 36 1.40 31.33 12.45
N GLN A 37 2.63 31.76 12.72
CA GLN A 37 3.81 31.05 12.25
C GLN A 37 4.69 30.51 13.37
N ARG A 38 4.75 31.19 14.50
CA ARG A 38 5.70 30.88 15.56
C ARG A 38 4.94 30.67 16.87
N LEU A 39 5.55 29.88 17.76
CA LEU A 39 4.96 29.71 19.09
C LEU A 39 4.66 31.06 19.74
N SER A 40 5.56 32.04 19.55
CA SER A 40 5.33 33.36 20.14
C SER A 40 4.10 34.07 19.56
N ASP A 41 3.60 33.63 18.39
CA ASP A 41 2.36 34.20 17.86
C ASP A 41 1.11 33.72 18.59
N TRP A 42 1.19 32.59 19.32
CA TRP A 42 -0.08 32.00 19.75
C TRP A 42 -0.80 32.85 20.80
N PRO A 43 -0.10 33.39 21.81
CA PRO A 43 -0.82 34.20 22.82
C PRO A 43 -1.64 35.32 22.23
N LYS A 44 -1.11 35.99 21.20
CA LYS A 44 -1.86 37.06 20.56
C LYS A 44 -3.09 36.52 19.83
N ARG A 45 -2.94 35.37 19.16
CA ARG A 45 -4.09 34.79 18.48
C ARG A 45 -5.14 34.34 19.49
N ALA A 46 -4.72 33.73 20.60
CA ALA A 46 -5.67 33.30 21.61
C ALA A 46 -6.49 34.48 22.15
N GLN A 47 -5.83 35.62 22.38
CA GLN A 47 -6.58 36.78 22.86
C GLN A 47 -7.64 37.23 21.85
N GLU A 48 -7.32 37.18 20.56
CA GLU A 48 -8.31 37.51 19.53
C GLU A 48 -9.51 36.58 19.61
N LEU A 49 -9.26 35.28 19.77
CA LEU A 49 -10.35 34.32 19.87
C LEU A 49 -11.18 34.55 21.12
N LYS A 50 -10.53 34.88 22.25
CA LYS A 50 -11.27 35.21 23.45
C LYS A 50 -12.16 36.43 23.22
N ASP A 51 -11.64 37.46 22.56
CA ASP A 51 -12.47 38.63 22.27
C ASP A 51 -13.64 38.27 21.37
N LEU A 52 -13.40 37.41 20.37
CA LEU A 52 -14.49 37.00 19.47
C LEU A 52 -15.57 36.24 20.21
N TYR A 53 -15.16 35.28 21.05
CA TYR A 53 -16.14 34.47 21.77
C TYR A 53 -16.93 35.31 22.76
N GLN A 54 -16.29 36.28 23.40
CA GLN A 54 -17.01 37.15 24.34
C GLN A 54 -18.00 38.04 23.61
N PHE A 55 -17.56 38.68 22.52
CA PHE A 55 -18.44 39.63 21.84
C PHE A 55 -19.59 38.92 21.13
N TYR A 56 -19.32 37.78 20.48
CA TYR A 56 -20.29 37.17 19.58
C TYR A 56 -21.08 36.02 20.18
N MET A 57 -20.76 35.56 21.40
CA MET A 57 -21.43 34.37 21.91
C MET A 57 -21.74 34.41 23.42
N TYR A 58 -20.72 34.53 24.27
CA TYR A 58 -20.92 34.34 25.69
C TYR A 58 -21.09 35.64 26.49
N GLY A 59 -20.71 36.79 25.92
CA GLY A 59 -20.56 37.99 26.72
C GLY A 59 -19.20 38.00 27.40
N TYR A 60 -18.90 39.11 28.08
CA TYR A 60 -17.57 39.39 28.58
C TYR A 60 -17.41 38.95 30.03
N LYS A 61 -16.28 38.31 30.31
CA LYS A 61 -15.86 38.09 31.68
C LYS A 61 -15.52 39.44 32.31
N PRO A 62 -15.99 39.72 33.53
CA PRO A 62 -15.63 41.01 34.16
C PRO A 62 -14.17 41.03 34.58
N ASP A 63 -13.67 42.25 34.73
CA ASP A 63 -12.32 42.49 35.22
C ASP A 63 -12.16 41.93 36.63
N THR A 64 -11.32 40.89 36.78
CA THR A 64 -11.15 40.24 38.07
C THR A 64 -10.36 41.09 39.08
N SER A 65 -9.59 42.07 38.60
CA SER A 65 -8.68 42.81 39.47
C SER A 65 -9.41 43.66 40.52
N VAL A 66 -10.68 43.97 40.31
CA VAL A 66 -11.41 44.83 41.23
C VAL A 66 -12.46 44.06 42.03
N GLU A 67 -12.37 42.73 42.06
CA GLU A 67 -13.19 41.91 42.93
C GLU A 67 -12.42 41.56 44.20
N ASP A 68 -13.06 41.77 45.35
CA ASP A 68 -12.50 41.40 46.64
C ASP A 68 -13.19 40.13 47.13
N VAL A 69 -12.44 39.02 47.17
CA VAL A 69 -13.00 37.71 47.51
C VAL A 69 -12.61 37.37 48.96
N THR A 70 -13.63 37.09 49.78
CA THR A 70 -13.45 36.56 51.14
C THR A 70 -14.22 35.26 51.28
N TYR A 71 -14.01 34.58 52.40
CA TYR A 71 -14.56 33.23 52.56
C TYR A 71 -14.80 32.92 54.03
N SER A 72 -15.62 31.91 54.26
CA SER A 72 -15.82 31.37 55.59
C SER A 72 -16.06 29.87 55.46
N VAL A 73 -15.46 29.10 56.36
CA VAL A 73 -15.58 27.64 56.33
C VAL A 73 -16.31 27.21 57.58
N ASN A 74 -17.32 26.36 57.39
CA ASN A 74 -18.11 25.85 58.51
C ASN A 74 -18.44 24.39 58.22
N GLY A 75 -17.74 23.48 58.90
CA GLY A 75 -17.91 22.07 58.59
C GLY A 75 -17.51 21.80 57.15
N ASN A 76 -18.47 21.28 56.37
CA ASN A 76 -18.25 20.93 54.97
C ASN A 76 -18.64 22.05 54.00
N THR A 77 -18.99 23.24 54.50
CA THR A 77 -19.52 24.31 53.68
C THR A 77 -18.47 25.42 53.58
N LEU A 78 -18.09 25.75 52.36
CA LEU A 78 -17.23 26.91 52.08
C LEU A 78 -18.14 28.01 51.53
N THR A 79 -18.30 29.08 52.30
CA THR A 79 -19.05 30.24 51.83
C THR A 79 -18.09 31.20 51.13
N ILE A 80 -18.40 31.50 49.87
CA ILE A 80 -17.63 32.44 49.06
C ILE A 80 -18.39 33.76 49.04
N THR A 81 -17.69 34.86 49.29
CA THR A 81 -18.28 36.19 49.27
C THR A 81 -17.44 37.07 48.37
N VAL A 82 -18.09 37.79 47.46
CA VAL A 82 -17.38 38.68 46.54
C VAL A 82 -17.97 40.08 46.65
N LYS A 83 -17.10 41.08 46.65
CA LYS A 83 -17.49 42.48 46.75
C LYS A 83 -17.00 43.23 45.51
N VAL A 84 -17.90 43.95 44.85
CA VAL A 84 -17.61 44.74 43.67
C VAL A 84 -18.26 46.11 43.86
N GLY A 85 -17.44 47.17 43.89
CA GLY A 85 -17.97 48.46 44.28
C GLY A 85 -18.64 48.38 45.64
N ASP A 86 -19.87 48.90 45.72
CA ASP A 86 -20.60 48.91 46.98
C ASP A 86 -21.55 47.73 47.12
N LYS A 87 -21.40 46.71 46.29
CA LYS A 87 -22.27 45.54 46.27
C LYS A 87 -21.49 44.32 46.73
N GLN A 88 -22.18 43.39 47.39
CA GLN A 88 -21.53 42.12 47.71
C GLN A 88 -22.55 40.99 47.68
N ALA A 89 -22.06 39.80 47.35
CA ALA A 89 -22.91 38.64 47.12
C ALA A 89 -22.13 37.41 47.53
N SER A 90 -22.85 36.38 47.99
CA SER A 90 -22.27 35.16 48.52
C SER A 90 -22.95 33.94 47.94
N PHE A 91 -22.21 32.83 47.89
CA PHE A 91 -22.80 31.54 47.61
C PHE A 91 -21.98 30.47 48.30
N ASN A 92 -22.61 29.34 48.54
CA ASN A 92 -22.03 28.21 49.27
C ASN A 92 -21.52 27.13 48.32
N ALA A 93 -20.36 26.55 48.67
CA ALA A 93 -19.82 25.38 48.02
C ALA A 93 -19.62 24.28 49.06
N THR A 94 -19.82 23.04 48.64
CA THR A 94 -19.65 21.88 49.52
C THR A 94 -18.30 21.24 49.28
N VAL A 95 -17.56 20.99 50.35
CA VAL A 95 -16.19 20.48 50.29
C VAL A 95 -16.17 19.05 50.78
N ARG A 96 -15.44 18.19 50.06
CA ARG A 96 -15.15 16.83 50.55
C ARG A 96 -13.68 16.54 50.32
N LEU A 97 -12.98 16.08 51.39
CA LEU A 97 -11.54 15.83 51.25
C LEU A 97 -11.24 14.34 51.38
N PRO A 98 -10.14 13.87 50.77
CA PRO A 98 -9.71 12.49 51.00
C PRO A 98 -9.27 12.29 52.44
N GLN A 99 -9.19 11.02 52.84
CA GLN A 99 -8.57 10.63 54.10
C GLN A 99 -7.17 10.07 53.82
N ALA A 100 -6.44 9.78 54.89
CA ALA A 100 -5.09 9.24 54.73
C ALA A 100 -5.09 7.88 54.03
N ASN A 101 -6.13 7.06 54.28
CA ASN A 101 -6.19 5.72 53.70
C ASN A 101 -6.24 5.71 52.18
N SER A 102 -6.36 6.87 51.53
CA SER A 102 -6.31 6.92 50.07
C SER A 102 -4.90 6.68 49.55
N GLY A 103 -3.90 6.63 50.42
CA GLY A 103 -2.53 6.56 49.98
C GLY A 103 -1.95 7.89 49.55
N TYR A 104 -2.66 8.99 49.77
CA TYR A 104 -2.19 10.32 49.41
C TYR A 104 -2.27 11.24 50.62
N GLN A 105 -1.31 12.15 50.72
CA GLN A 105 -1.22 13.14 51.77
C GLN A 105 -1.57 14.53 51.26
N PRO A 106 -1.98 15.44 52.13
CA PRO A 106 -2.30 16.81 51.69
C PRO A 106 -1.03 17.56 51.33
N PRO A 107 -1.14 18.60 50.49
CA PRO A 107 -2.37 19.07 49.84
C PRO A 107 -2.81 18.22 48.65
N TYR A 108 -4.13 18.20 48.37
CA TYR A 108 -4.67 17.34 47.33
C TYR A 108 -5.08 18.16 46.12
N PRO A 109 -5.00 17.57 44.93
CA PRO A 109 -5.68 18.18 43.77
C PRO A 109 -7.16 18.25 44.08
N VAL A 110 -7.87 19.13 43.38
CA VAL A 110 -9.28 19.35 43.69
C VAL A 110 -10.09 19.36 42.39
N ILE A 111 -11.21 18.64 42.39
CA ILE A 111 -12.21 18.72 41.33
C ILE A 111 -13.25 19.75 41.75
N ILE A 112 -13.36 20.83 40.97
CA ILE A 112 -14.42 21.82 41.14
C ILE A 112 -15.52 21.44 40.15
N SER A 113 -16.66 21.01 40.66
CA SER A 113 -17.79 20.53 39.86
C SER A 113 -18.89 21.57 39.86
N LEU A 114 -19.34 21.93 38.66
CA LEU A 114 -20.53 22.76 38.47
C LEU A 114 -21.72 21.83 38.55
N GLY A 115 -22.42 21.85 39.69
CA GLY A 115 -23.38 20.82 40.03
C GLY A 115 -22.72 19.71 40.83
N TYR A 116 -23.53 18.85 41.40
CA TYR A 116 -22.98 17.72 42.14
C TYR A 116 -22.29 16.75 41.20
N LEU A 117 -21.19 16.16 41.67
CA LEU A 117 -20.51 15.09 40.92
C LEU A 117 -21.28 13.79 41.17
N ALA A 118 -22.44 13.66 40.52
CA ALA A 118 -23.35 12.58 40.85
C ALA A 118 -24.24 12.24 39.66
N GLY A 119 -24.49 10.94 39.47
CA GLY A 119 -25.35 10.47 38.41
C GLY A 119 -26.78 10.28 38.89
N PHE A 120 -27.67 10.05 37.92
CA PHE A 120 -29.09 9.92 38.18
C PHE A 120 -29.57 8.52 37.79
N ASN A 121 -30.22 7.84 38.73
CA ASN A 121 -30.78 6.51 38.51
C ASN A 121 -32.20 6.65 37.99
N TRP A 122 -32.42 6.32 36.71
CA TRP A 122 -33.75 6.51 36.13
C TRP A 122 -34.77 5.49 36.62
N GLN A 123 -34.34 4.41 37.27
CA GLN A 123 -35.29 3.47 37.88
C GLN A 123 -35.93 4.07 39.13
N THR A 124 -35.10 4.61 40.02
CA THR A 124 -35.53 5.05 41.34
C THR A 124 -35.63 6.56 41.46
N TRP A 125 -35.04 7.29 40.51
CA TRP A 125 -34.91 8.74 40.58
C TRP A 125 -34.08 9.19 41.78
N GLN A 126 -33.20 8.32 42.27
CA GLN A 126 -32.20 8.70 43.27
C GLN A 126 -30.87 9.03 42.60
N PHE A 127 -30.05 9.79 43.30
CA PHE A 127 -28.75 10.17 42.75
C PHE A 127 -27.67 9.20 43.25
N ILE A 128 -26.59 9.10 42.47
CA ILE A 128 -25.47 8.24 42.81
C ILE A 128 -24.25 9.13 42.98
N ASP A 129 -23.70 9.16 44.18
CA ASP A 129 -22.63 10.08 44.53
C ASP A 129 -21.29 9.53 44.05
N TYR A 130 -20.69 10.17 43.03
CA TYR A 130 -19.37 9.75 42.60
C TYR A 130 -18.24 10.56 43.23
N SER A 131 -18.54 11.52 44.11
CA SER A 131 -17.47 12.16 44.85
C SER A 131 -16.71 11.16 45.72
N THR A 132 -17.33 10.02 46.05
CA THR A 132 -16.63 8.96 46.77
C THR A 132 -15.50 8.37 45.94
N ASN A 133 -15.76 8.09 44.65
CA ASN A 133 -14.69 7.60 43.78
C ASN A 133 -13.51 8.56 43.77
N ALA A 134 -13.80 9.87 43.79
CA ALA A 134 -12.72 10.84 43.66
C ALA A 134 -11.89 10.90 44.94
N VAL A 135 -12.53 11.02 46.10
CA VAL A 135 -11.74 11.17 47.32
C VAL A 135 -10.97 9.89 47.61
N ASN A 136 -11.51 8.74 47.23
CA ASN A 136 -10.78 7.49 47.44
C ASN A 136 -9.55 7.40 46.56
N ARG A 137 -9.46 8.20 45.51
CA ARG A 137 -8.28 8.24 44.67
C ARG A 137 -7.45 9.50 44.93
N GLY A 138 -7.72 10.15 46.05
CA GLY A 138 -6.89 11.26 46.50
C GLY A 138 -7.21 12.59 45.87
N TYR A 139 -8.45 12.79 45.40
CA TYR A 139 -8.91 14.07 44.88
C TYR A 139 -9.94 14.66 45.83
N ALA A 140 -9.71 15.90 46.26
CA ALA A 140 -10.76 16.68 46.90
C ALA A 140 -11.85 16.99 45.88
N VAL A 141 -13.08 17.18 46.37
CA VAL A 141 -14.20 17.58 45.51
C VAL A 141 -14.88 18.77 46.14
N ILE A 142 -14.98 19.87 45.39
CA ILE A 142 -15.78 21.03 45.79
C ILE A 142 -16.84 21.21 44.71
N SER A 143 -18.11 21.20 45.11
CA SER A 143 -19.21 21.42 44.19
C SER A 143 -20.00 22.65 44.64
N PHE A 144 -20.59 23.35 43.66
CA PHE A 144 -21.57 24.38 43.97
C PHE A 144 -22.78 24.20 43.07
N MET A 145 -23.86 24.90 43.42
CA MET A 145 -25.10 24.89 42.67
C MET A 145 -25.11 26.07 41.72
N PRO A 146 -24.94 25.88 40.42
CA PRO A 146 -24.78 27.04 39.51
C PRO A 146 -25.93 28.05 39.57
N ASN A 147 -27.17 27.61 39.84
CA ASN A 147 -28.27 28.57 39.94
C ASN A 147 -28.06 29.57 41.08
N ASP A 148 -27.29 29.20 42.11
CA ASP A 148 -27.01 30.20 43.15
C ASP A 148 -26.23 31.36 42.58
N VAL A 149 -25.38 31.11 41.59
CA VAL A 149 -24.56 32.15 40.98
C VAL A 149 -25.33 32.88 39.88
N ALA A 150 -26.07 32.12 39.08
CA ALA A 150 -26.94 32.68 38.04
C ALA A 150 -28.09 31.71 37.80
N ARG A 151 -29.33 32.18 37.88
CA ARG A 151 -30.46 31.30 37.59
C ARG A 151 -30.48 30.89 36.13
N ASP A 152 -30.95 29.67 35.91
CA ASP A 152 -31.02 29.11 34.56
C ASP A 152 -32.30 29.60 33.86
N ASP A 153 -32.39 30.91 33.70
CA ASP A 153 -33.52 31.54 33.01
C ASP A 153 -33.14 32.98 32.70
N SER A 154 -34.10 33.72 32.15
N SER A 154 -34.09 33.73 32.15
CA SER A 154 -33.87 35.08 31.70
CA SER A 154 -33.85 35.09 31.70
C SER A 154 -34.19 36.13 32.77
C SER A 154 -34.12 36.14 32.78
N SER A 155 -34.27 35.73 34.04
CA SER A 155 -34.43 36.72 35.11
C SER A 155 -33.15 37.51 35.37
N TYR A 156 -32.00 36.96 34.99
CA TYR A 156 -30.69 37.54 35.28
C TYR A 156 -30.58 37.92 36.76
N THR A 157 -30.74 36.89 37.59
CA THR A 157 -30.60 37.00 39.04
C THR A 157 -29.60 35.96 39.52
N GLY A 158 -29.13 36.15 40.75
CA GLY A 158 -28.09 35.32 41.33
C GLY A 158 -26.87 36.14 41.72
N ALA A 159 -25.96 35.49 42.46
CA ALA A 159 -24.81 36.20 42.99
C ALA A 159 -24.04 36.96 41.91
N PHE A 160 -23.83 36.34 40.74
CA PHE A 160 -23.13 37.07 39.67
C PHE A 160 -23.86 38.35 39.29
N TYR A 161 -25.17 38.27 39.05
CA TYR A 161 -25.88 39.45 38.56
C TYR A 161 -26.16 40.46 39.67
N THR A 162 -26.17 40.05 40.93
CA THR A 162 -26.16 41.05 42.00
C THR A 162 -24.96 41.98 41.86
N LEU A 163 -23.79 41.42 41.54
CA LEU A 163 -22.58 42.24 41.42
C LEU A 163 -22.48 42.90 40.06
N TYR A 164 -22.98 42.25 39.01
CA TYR A 164 -22.86 42.75 37.63
C TYR A 164 -24.25 42.71 37.00
N PRO A 165 -25.11 43.68 37.30
CA PRO A 165 -26.46 43.65 36.76
C PRO A 165 -26.45 43.58 35.23
N HIS A 166 -27.32 42.73 34.71
CA HIS A 166 -27.40 42.51 33.27
C HIS A 166 -28.05 43.71 32.58
N SER A 167 -27.54 44.05 31.41
CA SER A 167 -28.21 44.98 30.51
C SER A 167 -27.82 44.59 29.10
N ASN A 168 -28.33 45.33 28.12
CA ASN A 168 -27.97 45.05 26.73
C ASN A 168 -26.75 45.82 26.26
N LYS A 169 -26.14 46.63 27.12
CA LYS A 169 -24.84 47.21 26.80
C LYS A 169 -23.79 46.12 26.74
N VAL A 170 -22.90 46.22 25.74
CA VAL A 170 -21.98 45.13 25.43
C VAL A 170 -21.23 44.68 26.68
N GLU A 171 -20.78 45.63 27.52
CA GLU A 171 -20.02 45.25 28.71
C GLU A 171 -20.89 44.56 29.75
N ASN A 172 -22.20 44.80 29.74
CA ASN A 172 -23.06 44.22 30.76
C ASN A 172 -23.86 43.03 30.27
N ASP A 173 -23.83 42.73 28.97
CA ASP A 173 -24.63 41.66 28.39
C ASP A 173 -23.84 40.35 28.50
N THR A 174 -23.67 39.90 29.73
CA THR A 174 -22.95 38.66 30.00
C THR A 174 -23.96 37.53 30.17
N GLY A 175 -23.76 36.44 29.43
CA GLY A 175 -24.70 35.33 29.49
C GLY A 175 -24.51 34.45 30.71
N VAL A 176 -25.46 33.53 30.90
CA VAL A 176 -25.48 32.69 32.09
C VAL A 176 -24.31 31.68 32.11
N LEU A 177 -23.87 31.19 30.95
CA LEU A 177 -22.74 30.24 30.98
C LEU A 177 -21.46 30.90 31.49
N MET A 178 -21.19 32.12 31.02
CA MET A 178 -20.05 32.87 31.54
C MET A 178 -20.20 33.15 33.03
N ALA A 179 -21.44 33.39 33.49
CA ALA A 179 -21.67 33.60 34.91
C ALA A 179 -21.34 32.35 35.72
N TRP A 180 -21.79 31.19 35.26
CA TRP A 180 -21.48 29.93 35.94
C TRP A 180 -19.99 29.68 35.99
N ALA A 181 -19.29 29.91 34.87
CA ALA A 181 -17.84 29.79 34.83
C ALA A 181 -17.19 30.72 35.86
N TRP A 182 -17.69 31.95 35.94
CA TRP A 182 -17.20 32.91 36.96
C TRP A 182 -17.36 32.33 38.36
N GLY A 183 -18.46 31.62 38.62
CA GLY A 183 -18.61 30.95 39.90
C GLY A 183 -17.49 29.96 40.20
N ALA A 184 -17.15 29.11 39.23
CA ALA A 184 -16.04 28.18 39.44
C ALA A 184 -14.75 28.95 39.74
N SER A 185 -14.49 30.03 39.01
CA SER A 185 -13.29 30.83 39.22
C SER A 185 -13.25 31.48 40.60
N LYS A 186 -14.42 31.84 41.17
CA LYS A 186 -14.40 32.48 42.48
C LYS A 186 -14.04 31.47 43.56
N ILE A 187 -14.40 30.20 43.39
CA ILE A 187 -13.97 29.17 44.34
C ILE A 187 -12.45 29.03 44.29
N LEU A 188 -11.87 29.02 43.09
CA LEU A 188 -10.42 28.97 42.94
C LEU A 188 -9.74 30.20 43.58
N ASP A 189 -10.32 31.39 43.41
CA ASP A 189 -9.86 32.58 44.14
C ASP A 189 -9.76 32.32 45.64
N ALA A 190 -10.85 31.82 46.25
CA ALA A 190 -10.79 31.53 47.67
C ALA A 190 -9.71 30.49 47.99
N LEU A 191 -9.59 29.46 47.15
CA LEU A 191 -8.57 28.42 47.39
C LEU A 191 -7.16 29.00 47.28
N GLU A 192 -6.94 29.90 46.32
CA GLU A 192 -5.63 30.56 46.21
C GLU A 192 -5.33 31.39 47.44
N LYS A 193 -6.36 31.90 48.12
CA LYS A 193 -6.16 32.63 49.36
C LYS A 193 -6.04 31.70 50.56
N GLY A 194 -5.95 30.39 50.34
CA GLY A 194 -5.77 29.46 51.43
C GLY A 194 -7.00 29.13 52.23
N ALA A 195 -8.20 29.19 51.61
CA ALA A 195 -9.43 28.86 52.33
C ALA A 195 -9.41 27.43 52.86
N ILE A 196 -8.91 26.49 52.06
CA ILE A 196 -8.80 25.09 52.43
C ILE A 196 -7.35 24.69 52.28
N PRO A 197 -6.56 24.75 53.36
CA PRO A 197 -5.12 24.50 53.23
C PRO A 197 -4.77 23.08 52.82
N GLU A 198 -5.70 22.12 52.94
CA GLU A 198 -5.45 20.76 52.50
C GLU A 198 -5.53 20.60 50.98
N ILE A 199 -5.87 21.65 50.25
CA ILE A 199 -6.10 21.58 48.81
C ILE A 199 -4.99 22.35 48.10
N ASP A 200 -4.50 21.79 47.00
CA ASP A 200 -3.47 22.42 46.18
C ASP A 200 -4.15 23.17 45.04
N ALA A 201 -4.15 24.51 45.12
CA ALA A 201 -4.87 25.33 44.15
C ALA A 201 -4.24 25.29 42.77
N LYS A 202 -2.99 24.85 42.66
CA LYS A 202 -2.34 24.70 41.37
C LYS A 202 -2.66 23.37 40.70
N LYS A 203 -3.43 22.49 41.35
CA LYS A 203 -3.90 21.26 40.72
C LYS A 203 -5.43 21.22 40.68
N ALA A 204 -6.03 22.24 40.09
CA ALA A 204 -7.48 22.40 40.04
C ALA A 204 -8.04 21.88 38.71
N ILE A 205 -9.14 21.13 38.82
CA ILE A 205 -9.80 20.46 37.71
C ILE A 205 -11.23 20.97 37.68
N VAL A 206 -11.71 21.45 36.53
CA VAL A 206 -13.10 21.92 36.44
C VAL A 206 -13.90 20.95 35.58
N THR A 207 -15.09 20.55 36.07
CA THR A 207 -15.92 19.56 35.40
C THR A 207 -17.38 19.98 35.52
N GLY A 208 -18.17 19.61 34.53
CA GLY A 208 -19.60 19.82 34.60
C GLY A 208 -20.28 19.02 33.52
N PHE A 209 -21.54 18.67 33.75
CA PHE A 209 -22.33 17.83 32.84
C PHE A 209 -23.38 18.68 32.12
N SER A 210 -23.53 18.42 30.80
CA SER A 210 -24.61 18.97 29.98
C SER A 210 -24.51 20.49 29.94
N ARG A 211 -25.54 21.23 30.36
CA ARG A 211 -25.45 22.68 30.37
C ARG A 211 -24.26 23.14 31.21
N TYR A 212 -23.99 22.43 32.32
CA TYR A 212 -22.84 22.80 33.14
C TYR A 212 -21.52 22.41 32.51
N GLY A 213 -21.53 21.46 31.57
CA GLY A 213 -20.34 21.13 30.80
C GLY A 213 -19.96 22.20 29.80
N LYS A 214 -20.96 22.87 29.19
CA LYS A 214 -20.66 24.04 28.36
C LYS A 214 -19.94 25.09 29.21
N ALA A 215 -20.46 25.33 30.42
CA ALA A 215 -19.85 26.33 31.31
C ALA A 215 -18.50 25.88 31.84
N ALA A 216 -18.30 24.58 32.07
CA ALA A 216 -16.98 24.09 32.45
C ALA A 216 -15.95 24.40 31.37
N LEU A 217 -16.30 24.19 30.10
CA LEU A 217 -15.40 24.53 29.01
C LEU A 217 -15.10 26.03 28.98
N VAL A 218 -16.13 26.86 29.16
CA VAL A 218 -15.90 28.30 29.20
C VAL A 218 -14.99 28.66 30.37
N ALA A 219 -15.22 28.05 31.53
CA ALA A 219 -14.35 28.31 32.67
C ALA A 219 -12.90 27.96 32.35
N GLY A 220 -12.66 26.85 31.65
CA GLY A 220 -11.30 26.44 31.36
C GLY A 220 -10.63 27.30 30.32
N ALA A 221 -11.40 27.81 29.35
CA ALA A 221 -10.82 28.65 28.31
C ALA A 221 -10.50 30.05 28.80
N PHE A 222 -11.28 30.58 29.75
CA PHE A 222 -11.15 31.96 30.19
C PHE A 222 -10.50 32.11 31.54
N ASP A 223 -10.17 30.99 32.21
CA ASP A 223 -9.46 31.06 33.49
C ASP A 223 -8.26 30.11 33.41
N GLU A 224 -7.08 30.68 33.12
CA GLU A 224 -5.87 29.91 32.84
C GLU A 224 -5.34 29.15 34.05
N ARG A 225 -5.93 29.31 35.23
CA ARG A 225 -5.41 28.60 36.40
C ARG A 225 -5.88 27.16 36.47
N PHE A 226 -6.96 26.80 35.79
CA PHE A 226 -7.39 25.40 35.82
C PHE A 226 -6.39 24.52 35.07
N ALA A 227 -5.89 23.48 35.75
CA ALA A 227 -4.91 22.59 35.14
C ALA A 227 -5.56 21.53 34.24
N VAL A 228 -6.81 21.18 34.50
CA VAL A 228 -7.56 20.17 33.76
C VAL A 228 -8.96 20.74 33.51
N VAL A 229 -9.46 20.57 32.29
CA VAL A 229 -10.78 21.06 31.88
C VAL A 229 -11.57 19.88 31.33
N ASN A 230 -12.74 19.62 31.92
CA ASN A 230 -13.53 18.43 31.54
C ASN A 230 -14.96 18.84 31.22
N PRO A 231 -15.22 19.26 29.98
CA PRO A 231 -16.62 19.38 29.53
C PRO A 231 -17.20 18.00 29.30
N HIS A 232 -18.18 17.64 30.11
CA HIS A 232 -18.81 16.33 29.99
C HIS A 232 -20.16 16.45 29.30
N ALA A 233 -20.29 15.81 28.14
CA ALA A 233 -21.54 15.81 27.37
C ALA A 233 -22.02 17.24 27.11
N SER A 234 -21.09 18.12 26.71
CA SER A 234 -21.39 19.55 26.62
C SER A 234 -22.18 19.88 25.36
N GLY A 235 -21.94 19.18 24.27
CA GLY A 235 -22.85 19.35 23.15
C GLY A 235 -22.73 20.71 22.48
N GLN A 236 -23.83 21.14 21.86
CA GLN A 236 -23.83 22.36 21.06
C GLN A 236 -23.79 23.58 21.97
N GLY A 237 -22.94 24.53 21.61
CA GLY A 237 -22.60 25.62 22.50
C GLY A 237 -21.49 25.27 23.46
N GLY A 238 -21.05 24.01 23.49
CA GLY A 238 -19.89 23.52 24.22
C GLY A 238 -18.84 22.99 23.26
N ALA A 239 -18.51 21.70 23.33
CA ALA A 239 -17.42 21.17 22.52
C ALA A 239 -17.82 20.79 21.11
N ALA A 240 -19.11 20.56 20.86
CA ALA A 240 -19.59 20.07 19.57
C ALA A 240 -19.44 21.11 18.46
N SER A 241 -19.02 20.66 17.28
CA SER A 241 -18.96 21.53 16.12
C SER A 241 -20.35 22.09 15.80
N PHE A 242 -20.40 23.39 15.50
CA PHE A 242 -21.61 24.00 14.99
C PHE A 242 -21.90 23.60 13.55
N ARG A 243 -20.86 23.42 12.74
N ARG A 243 -20.86 23.40 12.74
CA ARG A 243 -21.02 23.22 11.30
CA ARG A 243 -21.02 23.22 11.30
C ARG A 243 -21.11 21.76 10.88
C ARG A 243 -21.09 21.77 10.86
N TYR A 244 -20.61 20.83 11.69
CA TYR A 244 -20.59 19.40 11.34
C TYR A 244 -21.50 18.63 12.29
N SER A 245 -22.57 18.07 11.75
CA SER A 245 -23.41 17.13 12.47
C SER A 245 -23.83 16.03 11.50
N PHE A 246 -24.31 14.92 12.05
CA PHE A 246 -24.38 13.68 11.29
C PHE A 246 -25.70 12.93 11.48
N ALA A 247 -26.80 13.64 11.70
CA ALA A 247 -28.10 13.02 11.86
C ALA A 247 -28.38 12.07 10.69
N GLY A 248 -28.82 10.85 11.00
CA GLY A 248 -29.11 9.87 9.99
C GLY A 248 -27.93 9.06 9.49
N LYS A 249 -26.71 9.39 9.90
CA LYS A 249 -25.56 8.59 9.48
C LYS A 249 -25.58 7.23 10.17
N GLN A 250 -25.25 6.19 9.41
CA GLN A 250 -25.21 4.83 9.96
C GLN A 250 -23.85 4.57 10.60
N TYR A 251 -23.82 4.47 11.92
CA TYR A 251 -22.63 3.95 12.61
C TYR A 251 -22.85 2.49 12.99
N SER A 252 -21.76 1.81 13.32
CA SER A 252 -21.88 0.40 13.68
C SER A 252 -22.71 0.22 14.96
N TRP A 253 -22.81 1.24 15.82
CA TRP A 253 -23.65 1.16 17.01
C TRP A 253 -25.03 1.78 16.82
N GLY A 254 -25.35 2.33 15.66
CA GLY A 254 -26.70 2.79 15.42
C GLY A 254 -26.75 3.92 14.42
N VAL A 255 -27.97 4.25 14.02
CA VAL A 255 -28.22 5.41 13.16
C VAL A 255 -28.31 6.65 14.02
N ALA A 256 -27.56 7.69 13.67
CA ALA A 256 -27.51 8.89 14.49
C ALA A 256 -28.87 9.59 14.52
N GLY A 257 -29.28 10.03 15.71
CA GLY A 257 -30.39 10.94 15.85
C GLY A 257 -29.96 12.38 15.59
N ASN A 258 -30.88 13.30 15.86
CA ASN A 258 -30.65 14.73 15.61
C ASN A 258 -29.72 15.33 16.66
N ALA A 259 -28.78 16.17 16.21
CA ALA A 259 -28.06 17.03 17.13
C ALA A 259 -28.92 18.24 17.45
N GLU A 260 -28.67 18.85 18.61
CA GLU A 260 -29.47 20.01 19.00
C GLU A 260 -29.41 21.09 17.92
N ALA A 261 -30.57 21.69 17.62
CA ALA A 261 -30.61 22.70 16.56
C ALA A 261 -30.09 24.04 17.05
N PHE A 262 -29.34 24.73 16.17
CA PHE A 262 -28.83 26.06 16.50
C PHE A 262 -29.93 26.98 17.03
N SER A 263 -31.10 26.97 16.38
CA SER A 263 -32.18 27.86 16.82
C SER A 263 -32.68 27.50 18.21
N ASN A 264 -32.53 26.24 18.64
CA ASN A 264 -32.93 25.89 20.00
C ASN A 264 -32.04 26.57 21.03
N LEU A 265 -30.74 26.71 20.72
CA LEU A 265 -29.83 27.45 21.60
C LEU A 265 -30.27 28.90 21.77
N GLN A 266 -30.87 29.48 20.75
CA GLN A 266 -31.18 30.91 20.75
C GLN A 266 -32.54 31.25 21.34
N GLY A 267 -33.40 30.25 21.56
CA GLY A 267 -34.78 30.49 21.90
C GLY A 267 -35.03 30.70 23.38
N ASN A 268 -36.30 30.71 23.75
CA ASN A 268 -36.62 31.17 25.09
C ASN A 268 -36.27 30.17 26.18
N THR A 269 -35.98 28.91 25.85
CA THR A 269 -35.56 27.99 26.91
C THR A 269 -34.06 28.01 27.19
N GLU A 270 -33.24 28.50 26.27
CA GLU A 270 -31.79 28.42 26.42
C GLU A 270 -31.04 29.69 26.03
N GLY A 271 -31.71 30.69 25.44
CA GLY A 271 -31.00 31.84 24.90
C GLY A 271 -30.26 32.63 25.94
N HIS A 272 -30.69 32.57 27.21
CA HIS A 272 -30.04 33.30 28.30
C HIS A 272 -28.63 32.78 28.58
N TRP A 273 -28.29 31.58 28.11
CA TRP A 273 -26.91 31.11 28.18
C TRP A 273 -25.94 32.03 27.46
N PHE A 274 -26.42 32.73 26.44
CA PHE A 274 -25.55 33.47 25.53
C PHE A 274 -25.89 34.95 25.59
N ASN A 275 -25.44 35.74 24.63
CA ASN A 275 -25.70 37.18 24.67
C ASN A 275 -26.64 37.56 23.52
N ALA A 276 -26.93 38.86 23.38
CA ALA A 276 -27.92 39.27 22.39
C ALA A 276 -27.37 39.12 20.97
N VAL A 277 -26.07 39.35 20.77
CA VAL A 277 -25.49 39.20 19.44
C VAL A 277 -25.64 37.77 18.95
N PHE A 278 -25.34 36.81 19.83
CA PHE A 278 -25.46 35.40 19.47
C PHE A 278 -26.88 35.08 19.03
N ARG A 279 -27.87 35.63 19.71
CA ARG A 279 -29.25 35.26 19.42
C ARG A 279 -29.76 35.89 18.12
N GLU A 280 -28.97 36.74 17.46
CA GLU A 280 -29.39 37.34 16.21
C GLU A 280 -28.93 36.58 14.98
N PHE A 281 -27.97 35.66 15.12
CA PHE A 281 -27.48 34.94 13.96
C PHE A 281 -28.58 34.09 13.36
N LYS A 282 -28.62 34.05 12.03
CA LYS A 282 -29.56 33.19 11.35
C LYS A 282 -29.03 31.78 11.16
N ASP A 283 -27.71 31.63 11.06
CA ASP A 283 -27.11 30.37 10.68
C ASP A 283 -25.75 30.29 11.35
N PRO A 284 -25.38 29.12 11.90
CA PRO A 284 -24.09 29.03 12.60
C PRO A 284 -22.89 29.28 11.69
N ARG A 285 -23.05 29.11 10.37
CA ARG A 285 -21.98 29.43 9.45
C ARG A 285 -21.66 30.92 9.42
N GLN A 286 -22.48 31.75 10.04
CA GLN A 286 -22.16 33.16 10.22
C GLN A 286 -21.25 33.42 11.41
N LEU A 287 -21.00 32.44 12.27
CA LEU A 287 -20.14 32.66 13.42
C LEU A 287 -18.70 32.83 12.96
N PRO A 288 -17.94 33.71 13.61
CA PRO A 288 -16.53 33.88 13.20
C PRO A 288 -15.59 32.82 13.78
N PHE A 289 -16.13 31.72 14.28
CA PHE A 289 -15.36 30.64 14.89
C PHE A 289 -16.16 29.35 14.81
N ASP A 290 -15.49 28.25 15.13
CA ASP A 290 -16.18 27.02 15.50
C ASP A 290 -15.45 26.41 16.68
N GLN A 291 -16.02 25.34 17.25
CA GLN A 291 -15.67 25.02 18.63
C GLN A 291 -14.32 24.33 18.78
N HIS A 292 -13.65 23.95 17.68
CA HIS A 292 -12.26 23.56 17.77
C HIS A 292 -11.39 24.70 18.29
N GLU A 293 -11.85 25.95 18.13
CA GLU A 293 -11.12 27.09 18.64
C GLU A 293 -11.37 27.30 20.13
N LEU A 294 -12.62 27.16 20.60
CA LEU A 294 -12.87 27.27 22.03
C LEU A 294 -12.06 26.23 22.81
N ILE A 295 -12.06 24.98 22.34
CA ILE A 295 -11.26 23.95 23.02
C ILE A 295 -9.79 24.30 23.00
N ALA A 296 -9.30 24.80 21.88
CA ALA A 296 -7.89 25.18 21.77
C ALA A 296 -7.53 26.34 22.69
N LEU A 297 -8.51 27.13 23.14
CA LEU A 297 -8.19 28.17 24.12
C LEU A 297 -7.72 27.58 25.45
N CYS A 298 -7.93 26.29 25.68
CA CYS A 298 -7.42 25.68 26.91
C CYS A 298 -5.93 25.36 26.82
N ALA A 299 -5.35 25.36 25.64
CA ALA A 299 -3.94 24.99 25.49
C ALA A 299 -3.04 26.07 26.12
N PRO A 300 -1.92 25.68 26.76
CA PRO A 300 -1.34 24.33 26.89
C PRO A 300 -1.79 23.55 28.13
N ARG A 301 -2.86 23.98 28.77
CA ARG A 301 -3.39 23.20 29.87
C ARG A 301 -4.18 22.02 29.31
N THR A 302 -4.61 21.12 30.18
CA THR A 302 -5.12 19.83 29.71
C THR A 302 -6.65 19.84 29.65
N VAL A 303 -7.19 19.17 28.63
CA VAL A 303 -8.62 19.10 28.37
C VAL A 303 -9.00 17.65 28.11
N LEU A 304 -10.12 17.22 28.70
CA LEU A 304 -10.68 15.88 28.50
C LEU A 304 -12.14 16.00 28.09
N ILE A 305 -12.46 15.51 26.91
CA ILE A 305 -13.81 15.51 26.39
C ILE A 305 -14.43 14.14 26.69
N THR A 306 -15.49 14.10 27.50
CA THR A 306 -16.20 12.87 27.84
C THR A 306 -17.65 12.98 27.37
N GLY A 307 -18.34 11.85 27.34
CA GLY A 307 -19.73 11.80 26.90
C GLY A 307 -20.06 10.41 26.39
N GLY A 308 -21.15 10.32 25.63
CA GLY A 308 -21.66 9.04 25.16
C GLY A 308 -21.67 8.95 23.64
N TYR A 309 -21.30 7.77 23.11
CA TYR A 309 -21.30 7.56 21.67
C TYR A 309 -22.71 7.61 21.08
N SER A 310 -23.73 7.31 21.87
CA SER A 310 -25.11 7.33 21.41
C SER A 310 -25.89 8.53 21.93
N ASP A 311 -25.20 9.55 22.45
CA ASP A 311 -25.84 10.75 22.99
C ASP A 311 -26.01 11.75 21.86
N TRP A 312 -27.03 11.50 21.02
CA TRP A 312 -27.10 12.14 19.71
C TRP A 312 -27.29 13.65 19.81
N GLY A 313 -28.05 14.12 20.81
CA GLY A 313 -28.26 15.56 20.95
C GLY A 313 -26.97 16.34 21.17
N THR A 314 -25.95 15.71 21.72
CA THR A 314 -24.67 16.37 21.90
C THR A 314 -23.72 16.18 20.72
N ASN A 315 -24.17 15.52 19.65
CA ASN A 315 -23.40 15.48 18.40
C ASN A 315 -22.07 14.74 18.58
N PRO A 316 -22.12 13.41 18.75
CA PRO A 316 -20.88 12.65 19.04
C PRO A 316 -19.74 12.86 18.04
N GLU A 317 -19.99 12.71 16.74
CA GLU A 317 -18.88 12.88 15.80
C GLU A 317 -18.52 14.34 15.60
N GLY A 318 -19.48 15.26 15.73
CA GLY A 318 -19.13 16.68 15.69
C GLY A 318 -18.24 17.10 16.85
N THR A 319 -18.40 16.45 18.01
CA THR A 319 -17.48 16.66 19.13
C THR A 319 -16.09 16.13 18.80
N TRP A 320 -16.01 14.97 18.13
CA TRP A 320 -14.75 14.47 17.59
C TRP A 320 -14.13 15.44 16.57
N VAL A 321 -14.94 16.00 15.66
CA VAL A 321 -14.41 16.99 14.71
C VAL A 321 -13.73 18.14 15.44
N SER A 322 -14.40 18.67 16.46
CA SER A 322 -13.81 19.77 17.22
C SER A 322 -12.55 19.33 17.94
N PHE A 323 -12.56 18.13 18.51
CA PHE A 323 -11.38 17.60 19.21
C PHE A 323 -10.19 17.52 18.26
N VAL A 324 -10.40 16.94 17.07
CA VAL A 324 -9.27 16.76 16.15
C VAL A 324 -8.72 18.12 15.74
N GLY A 325 -9.60 19.08 15.46
CA GLY A 325 -9.13 20.41 15.07
C GLY A 325 -8.43 21.14 16.19
N ALA A 326 -8.97 21.03 17.41
CA ALA A 326 -8.32 21.65 18.56
C ALA A 326 -6.94 21.05 18.81
N ARG A 327 -6.82 19.73 18.64
CA ARG A 327 -5.53 19.09 18.89
C ARG A 327 -4.43 19.64 17.99
N LYS A 328 -4.78 20.22 16.83
CA LYS A 328 -3.74 20.81 15.98
C LYS A 328 -3.01 21.92 16.71
N VAL A 329 -3.74 22.72 17.48
CA VAL A 329 -3.08 23.77 18.26
C VAL A 329 -2.20 23.15 19.33
N TYR A 330 -2.71 22.12 20.01
CA TYR A 330 -1.88 21.40 20.98
C TYR A 330 -0.60 20.85 20.34
N GLU A 331 -0.72 20.26 19.15
N GLU A 331 -0.71 20.32 19.12
CA GLU A 331 0.48 19.78 18.46
CA GLU A 331 0.45 19.77 18.43
C GLU A 331 1.42 20.94 18.16
C GLU A 331 1.41 20.87 18.02
N PHE A 332 0.89 22.02 17.58
CA PHE A 332 1.70 23.20 17.29
C PHE A 332 2.51 23.65 18.50
N LEU A 333 1.90 23.65 19.70
CA LEU A 333 2.58 24.03 20.93
C LEU A 333 3.47 22.94 21.50
N GLY A 334 3.49 21.75 20.90
CA GLY A 334 4.36 20.69 21.35
C GLY A 334 3.84 19.87 22.53
N VAL A 335 2.53 19.92 22.81
CA VAL A 335 1.94 19.20 23.94
C VAL A 335 0.68 18.46 23.51
N ALA A 336 0.78 17.67 22.43
CA ALA A 336 -0.38 16.97 21.90
C ALA A 336 -1.00 15.99 22.90
N ASP A 337 -0.21 15.48 23.85
CA ASP A 337 -0.70 14.54 24.85
C ASP A 337 -1.70 15.15 25.84
N ARG A 338 -1.81 16.48 25.87
CA ARG A 338 -2.58 17.14 26.90
C ARG A 338 -4.05 17.32 26.55
N ILE A 339 -4.48 16.92 25.34
CA ILE A 339 -5.89 16.92 24.97
C ILE A 339 -6.33 15.47 24.77
N GLY A 340 -7.42 15.08 25.44
CA GLY A 340 -7.88 13.71 25.41
C GLY A 340 -9.37 13.60 25.11
N PHE A 341 -9.74 12.41 24.60
CA PHE A 341 -11.10 12.10 24.15
C PHE A 341 -11.54 10.78 24.77
N ALA A 342 -12.75 10.76 25.35
CA ALA A 342 -13.19 9.52 25.99
C ALA A 342 -14.72 9.49 26.03
N LEU A 343 -15.32 9.11 24.90
CA LEU A 343 -16.72 8.74 24.93
C LEU A 343 -16.84 7.25 25.27
N ARG A 344 -18.02 6.87 25.73
CA ARG A 344 -18.30 5.50 26.14
C ARG A 344 -19.71 5.13 25.65
N ASP A 345 -20.12 3.90 25.92
CA ASP A 345 -21.44 3.45 25.52
C ASP A 345 -22.52 4.28 26.20
N GLY A 346 -23.64 4.42 25.52
CA GLY A 346 -24.82 4.97 26.13
C GLY A 346 -25.03 6.43 25.79
N SER A 347 -25.88 7.06 26.59
CA SER A 347 -26.44 8.35 26.21
C SER A 347 -26.13 9.45 27.21
N HIS A 348 -27.08 10.35 27.39
CA HIS A 348 -26.86 11.60 28.13
C HIS A 348 -26.93 11.32 29.62
N ALA A 349 -25.77 11.21 30.28
CA ALA A 349 -25.70 10.83 31.68
C ALA A 349 -24.30 11.10 32.22
N ILE A 350 -24.20 11.26 33.55
CA ILE A 350 -22.94 11.05 34.26
C ILE A 350 -22.91 9.59 34.70
N THR A 351 -21.91 8.83 34.23
CA THR A 351 -21.76 7.44 34.61
C THR A 351 -20.50 7.25 35.43
N GLU A 352 -20.42 6.12 36.14
CA GLU A 352 -19.19 5.81 36.88
C GLU A 352 -17.97 5.81 35.97
N GLU A 353 -18.14 5.32 34.74
CA GLU A 353 -17.06 5.28 33.77
C GLU A 353 -16.58 6.68 33.39
N ASP A 354 -17.51 7.63 33.21
CA ASP A 354 -17.11 9.02 32.97
C ASP A 354 -16.21 9.53 34.08
N VAL A 355 -16.58 9.29 35.34
N VAL A 355 -16.59 9.29 35.33
CA VAL A 355 -15.79 9.83 36.45
CA VAL A 355 -15.80 9.82 36.44
C VAL A 355 -14.46 9.10 36.56
C VAL A 355 -14.46 9.11 36.51
N ASN A 356 -14.46 7.78 36.34
CA ASN A 356 -13.20 7.03 36.39
C ASN A 356 -12.26 7.46 35.26
N ASN A 357 -12.79 7.70 34.06
CA ASN A 357 -11.95 8.23 32.97
C ASN A 357 -11.34 9.58 33.34
N LEU A 358 -12.13 10.47 33.96
CA LEU A 358 -11.57 11.75 34.40
C LEU A 358 -10.42 11.51 35.38
N LEU A 359 -10.65 10.65 36.37
CA LEU A 359 -9.63 10.40 37.39
C LEU A 359 -8.38 9.74 36.79
N ASP A 360 -8.57 8.84 35.83
CA ASP A 360 -7.42 8.27 35.13
C ASP A 360 -6.65 9.34 34.35
N PHE A 361 -7.37 10.23 33.67
CA PHE A 361 -6.72 11.30 32.92
C PHE A 361 -5.94 12.22 33.86
N CYS A 362 -6.53 12.55 35.02
CA CYS A 362 -5.85 13.42 35.98
C CYS A 362 -4.63 12.74 36.59
N ASP A 363 -4.74 11.45 36.94
CA ASP A 363 -3.58 10.75 37.50
C ASP A 363 -2.42 10.75 36.50
N TRP A 364 -2.72 10.67 35.21
CA TRP A 364 -1.70 10.75 34.18
C TRP A 364 -1.09 12.16 34.09
N GLN A 365 -1.94 13.18 33.86
CA GLN A 365 -1.42 14.52 33.59
C GLN A 365 -0.84 15.16 34.84
N LEU A 366 -1.44 14.91 36.01
CA LEU A 366 -0.97 15.57 37.23
C LEU A 366 0.03 14.73 38.01
N ARG A 367 -0.04 13.40 37.93
CA ARG A 367 0.80 12.54 38.78
C ARG A 367 1.74 11.64 38.00
N GLY A 368 1.72 11.68 36.67
CA GLY A 368 2.61 10.87 35.88
C GLY A 368 2.26 9.40 35.79
N ILE A 369 1.09 8.98 36.29
CA ILE A 369 0.71 7.57 36.26
C ILE A 369 0.21 7.23 34.85
N GLN A 370 0.89 6.30 34.18
CA GLN A 370 0.55 5.99 32.79
C GLN A 370 -0.83 5.35 32.72
N PRO A 371 -1.71 5.80 31.84
CA PRO A 371 -3.06 5.25 31.79
C PRO A 371 -3.14 3.99 30.94
N THR A 372 -4.14 3.16 31.27
CA THR A 372 -4.39 1.97 30.45
C THR A 372 -5.26 2.28 29.24
N LYS A 373 -5.89 3.45 29.17
CA LYS A 373 -6.71 3.84 28.04
C LYS A 373 -5.91 4.72 27.09
N ASP A 374 -6.19 4.59 25.78
CA ASP A 374 -5.65 5.50 24.78
C ASP A 374 -6.60 6.69 24.64
N PHE A 375 -6.20 7.83 25.18
CA PHE A 375 -7.00 9.05 25.11
C PHE A 375 -6.90 9.80 23.79
N SER A 376 -6.13 9.28 22.82
CA SER A 376 -5.90 10.02 21.58
C SER A 376 -6.73 9.49 20.40
N THR A 377 -7.43 8.37 20.55
CA THR A 377 -8.20 7.79 19.46
C THR A 377 -9.63 7.55 19.92
N SER A 378 -10.49 7.13 19.00
CA SER A 378 -11.89 6.89 19.29
C SER A 378 -12.42 5.87 18.29
N ARG A 379 -13.72 5.61 18.36
CA ARG A 379 -14.37 4.79 17.34
C ARG A 379 -14.49 5.48 15.99
N PHE A 380 -14.34 6.81 15.93
CA PHE A 380 -14.51 7.53 14.67
C PHE A 380 -13.24 7.54 13.85
N ALA A 381 -13.41 7.42 12.53
CA ALA A 381 -12.31 7.70 11.62
C ALA A 381 -12.07 9.20 11.52
N ILE A 382 -10.87 9.58 11.09
CA ILE A 382 -10.59 10.97 10.76
C ILE A 382 -10.86 11.16 9.28
N ASP A 383 -11.82 12.04 8.98
CA ASP A 383 -12.34 12.20 7.63
C ASP A 383 -11.62 13.36 6.96
N PRO A 384 -10.91 13.15 5.84
CA PRO A 384 -10.23 14.26 5.16
C PRO A 384 -11.16 15.43 4.81
N ALA A 385 -12.47 15.16 4.71
CA ALA A 385 -13.41 16.23 4.37
C ALA A 385 -13.53 17.27 5.47
N TRP A 386 -13.43 16.88 6.73
CA TRP A 386 -13.51 17.86 7.81
C TRP A 386 -12.20 18.05 8.56
N ASP A 387 -11.16 17.30 8.23
CA ASP A 387 -9.87 17.43 8.91
C ASP A 387 -9.02 18.49 8.21
N THR A 388 -9.49 19.74 8.26
CA THR A 388 -8.96 20.79 7.40
C THR A 388 -8.14 21.84 8.15
N ILE A 389 -7.94 21.71 9.45
CA ILE A 389 -7.01 22.58 10.18
C ILE A 389 -5.63 21.93 10.14
N SER A 390 -4.59 22.69 9.79
CA SER A 390 -3.26 22.09 9.71
C SER A 390 -2.27 22.89 10.55
N VAL A 391 -1.34 22.18 11.17
CA VAL A 391 -0.29 22.83 11.97
C VAL A 391 0.63 23.63 11.05
N PRO A 392 0.95 24.87 11.37
CA PRO A 392 1.92 25.62 10.57
C PRO A 392 3.25 24.88 10.45
N THR A 393 3.89 25.02 9.28
CA THR A 393 5.26 24.54 9.09
C THR A 393 6.25 25.38 9.89
N LEU A 394 7.33 24.73 10.34
CA LEU A 394 8.25 25.28 11.33
C LEU A 394 8.81 26.68 11.02
N GLU B 22 -25.65 -2.11 -33.89
CA GLU B 22 -24.84 -3.22 -33.39
C GLU B 22 -23.40 -2.78 -33.11
N THR B 23 -22.72 -2.27 -34.13
CA THR B 23 -21.31 -1.90 -34.03
C THR B 23 -21.16 -0.44 -33.57
N LEU B 24 -19.91 -0.01 -33.44
CA LEU B 24 -19.61 1.31 -32.87
C LEU B 24 -19.98 2.43 -33.84
N PRO B 25 -20.84 3.38 -33.45
CA PRO B 25 -21.04 4.56 -34.30
C PRO B 25 -19.70 5.19 -34.69
N ASP B 26 -19.62 5.66 -35.94
CA ASP B 26 -18.36 6.17 -36.48
C ASP B 26 -18.11 7.60 -36.02
N SER B 27 -16.95 7.83 -35.41
CA SER B 27 -16.61 9.17 -34.98
C SER B 27 -16.38 10.10 -36.17
N PHE B 28 -15.97 9.55 -37.31
CA PHE B 28 -15.56 10.34 -38.47
C PHE B 28 -16.66 10.52 -39.50
N THR B 29 -17.91 10.25 -39.14
CA THR B 29 -19.05 10.47 -40.03
C THR B 29 -19.94 11.51 -39.38
N PHE B 30 -20.16 12.63 -40.07
CA PHE B 30 -21.09 13.62 -39.58
C PHE B 30 -22.50 13.05 -39.51
N TYR B 31 -23.36 13.71 -38.73
CA TYR B 31 -24.72 13.22 -38.54
C TYR B 31 -25.46 13.11 -39.86
N ASP B 32 -25.14 13.95 -40.84
CA ASP B 32 -25.86 13.98 -42.10
C ASP B 32 -25.24 13.05 -43.15
N GLY B 33 -24.20 12.30 -42.80
CA GLY B 33 -23.59 11.35 -43.70
C GLY B 33 -22.27 11.78 -44.28
N THR B 34 -21.97 13.07 -44.28
CA THR B 34 -20.70 13.52 -44.81
C THR B 34 -19.55 13.05 -43.90
N LYS B 35 -18.34 13.09 -44.43
CA LYS B 35 -17.19 12.48 -43.78
C LYS B 35 -16.22 13.53 -43.26
N VAL B 36 -15.66 13.28 -42.08
CA VAL B 36 -14.53 14.03 -41.60
C VAL B 36 -13.31 13.64 -42.43
N GLN B 37 -12.73 14.60 -43.14
CA GLN B 37 -11.61 14.33 -44.04
C GLN B 37 -10.36 15.13 -43.74
N ARG B 38 -10.50 16.34 -43.18
CA ARG B 38 -9.36 17.18 -42.86
C ARG B 38 -9.29 17.38 -41.36
N LEU B 39 -8.09 17.74 -40.88
CA LEU B 39 -7.95 18.10 -39.47
C LEU B 39 -9.00 19.14 -39.07
N SER B 40 -9.19 20.17 -39.90
CA SER B 40 -10.09 21.25 -39.56
C SER B 40 -11.55 20.82 -39.52
N ASP B 41 -11.87 19.65 -40.09
CA ASP B 41 -13.23 19.13 -39.96
C ASP B 41 -13.53 18.64 -38.55
N TRP B 42 -12.53 18.22 -37.78
CA TRP B 42 -12.85 17.56 -36.51
C TRP B 42 -13.59 18.48 -35.55
N PRO B 43 -13.18 19.73 -35.34
CA PRO B 43 -13.91 20.57 -34.36
C PRO B 43 -15.39 20.70 -34.66
N LYS B 44 -15.76 20.80 -35.93
CA LYS B 44 -17.19 20.81 -36.25
C LYS B 44 -17.84 19.51 -35.83
N ARG B 45 -17.15 18.38 -36.05
CA ARG B 45 -17.69 17.09 -35.62
C ARG B 45 -17.73 16.97 -34.10
N ALA B 46 -16.72 17.49 -33.41
CA ALA B 46 -16.74 17.47 -31.95
C ALA B 46 -17.94 18.23 -31.40
N GLN B 47 -18.23 19.41 -31.95
CA GLN B 47 -19.38 20.19 -31.46
C GLN B 47 -20.68 19.42 -31.70
N GLU B 48 -20.78 18.74 -32.82
CA GLU B 48 -21.96 17.93 -33.09
C GLU B 48 -22.14 16.85 -32.04
N LEU B 49 -21.03 16.17 -31.68
CA LEU B 49 -21.09 15.15 -30.64
C LEU B 49 -21.46 15.75 -29.28
N LYS B 50 -20.87 16.92 -28.93
CA LYS B 50 -21.27 17.55 -27.68
C LYS B 50 -22.77 17.79 -27.65
N ASP B 51 -23.34 18.25 -28.76
CA ASP B 51 -24.79 18.44 -28.85
C ASP B 51 -25.55 17.13 -28.65
N LEU B 52 -25.07 16.06 -29.29
CA LEU B 52 -25.74 14.77 -29.14
C LEU B 52 -25.68 14.27 -27.69
N TYR B 53 -24.51 14.35 -27.07
CA TYR B 53 -24.39 13.90 -25.68
C TYR B 53 -25.24 14.72 -24.74
N GLN B 54 -25.40 16.02 -25.00
CA GLN B 54 -26.22 16.84 -24.14
C GLN B 54 -27.71 16.51 -24.33
N PHE B 55 -28.17 16.43 -25.58
CA PHE B 55 -29.59 16.18 -25.80
C PHE B 55 -30.00 14.78 -25.35
N TYR B 56 -29.15 13.77 -25.63
CA TYR B 56 -29.56 12.37 -25.48
C TYR B 56 -29.11 11.70 -24.19
N MET B 57 -28.23 12.32 -23.41
CA MET B 57 -27.63 11.62 -22.28
C MET B 57 -27.52 12.47 -21.01
N TYR B 58 -26.73 13.54 -21.03
CA TYR B 58 -26.36 14.24 -19.80
C TYR B 58 -27.22 15.47 -19.51
N GLY B 59 -27.98 15.96 -20.47
CA GLY B 59 -28.54 17.29 -20.39
C GLY B 59 -27.51 18.34 -20.76
N TYR B 60 -27.99 19.57 -20.96
CA TYR B 60 -27.17 20.66 -21.46
C TYR B 60 -26.45 21.36 -20.33
N LYS B 61 -25.14 21.55 -20.50
CA LYS B 61 -24.46 22.51 -19.66
C LYS B 61 -25.13 23.87 -19.86
N PRO B 62 -25.37 24.63 -18.80
CA PRO B 62 -26.04 25.92 -18.96
C PRO B 62 -25.11 26.99 -19.52
N ASP B 63 -25.72 28.00 -20.12
CA ASP B 63 -25.00 29.23 -20.46
C ASP B 63 -24.55 29.87 -19.15
N THR B 64 -23.25 29.90 -18.90
CA THR B 64 -22.72 30.40 -17.64
C THR B 64 -22.27 31.86 -17.71
N SER B 65 -22.50 32.53 -18.85
CA SER B 65 -21.90 33.84 -19.04
C SER B 65 -22.43 34.86 -18.04
N VAL B 66 -23.67 34.69 -17.56
CA VAL B 66 -24.16 35.66 -16.57
C VAL B 66 -23.73 35.34 -15.15
N GLU B 67 -23.11 34.17 -14.92
CA GLU B 67 -22.53 33.88 -13.61
C GLU B 67 -21.48 34.92 -13.23
N ASP B 68 -21.52 35.33 -11.96
CA ASP B 68 -20.40 36.05 -11.37
C ASP B 68 -19.79 35.18 -10.29
N VAL B 69 -18.51 34.86 -10.45
CA VAL B 69 -17.81 33.95 -9.55
C VAL B 69 -16.85 34.75 -8.67
N THR B 70 -17.00 34.59 -7.36
CA THR B 70 -16.08 35.17 -6.37
C THR B 70 -15.60 34.06 -5.45
N TYR B 71 -14.62 34.36 -4.60
CA TYR B 71 -14.01 33.34 -3.75
C TYR B 71 -13.47 33.97 -2.48
N SER B 72 -13.15 33.12 -1.52
CA SER B 72 -12.37 33.51 -0.36
C SER B 72 -11.60 32.30 0.13
N VAL B 73 -10.42 32.54 0.68
CA VAL B 73 -9.56 31.49 1.20
C VAL B 73 -9.37 31.71 2.70
N ASN B 74 -9.59 30.67 3.47
CA ASN B 74 -9.36 30.74 4.92
C ASN B 74 -8.63 29.48 5.32
N GLY B 75 -7.36 29.62 5.67
CA GLY B 75 -6.57 28.44 5.97
C GLY B 75 -6.45 27.57 4.74
N ASN B 76 -6.84 26.30 4.87
CA ASN B 76 -6.75 25.34 3.75
C ASN B 76 -8.04 25.24 2.96
N THR B 77 -9.02 26.09 3.20
CA THR B 77 -10.34 25.96 2.60
C THR B 77 -10.62 27.09 1.62
N LEU B 78 -10.90 26.72 0.38
CA LEU B 78 -11.35 27.67 -0.65
C LEU B 78 -12.86 27.65 -0.71
N THR B 79 -13.50 28.80 -0.50
CA THR B 79 -14.94 28.93 -0.69
C THR B 79 -15.25 29.60 -2.03
N ILE B 80 -16.12 28.98 -2.82
CA ILE B 80 -16.49 29.44 -4.15
C ILE B 80 -17.93 29.93 -4.09
N THR B 81 -18.16 31.18 -4.52
CA THR B 81 -19.51 31.74 -4.55
C THR B 81 -19.86 32.10 -5.98
N VAL B 82 -21.05 31.69 -6.42
CA VAL B 82 -21.52 31.97 -7.77
C VAL B 82 -22.87 32.64 -7.63
N LYS B 83 -23.02 33.79 -8.28
CA LYS B 83 -24.27 34.53 -8.30
C LYS B 83 -24.80 34.54 -9.72
N VAL B 84 -26.11 34.32 -9.86
CA VAL B 84 -26.80 34.45 -11.14
C VAL B 84 -27.99 35.35 -10.87
N GLY B 85 -27.87 36.62 -11.25
CA GLY B 85 -28.90 37.58 -10.87
C GLY B 85 -28.92 37.72 -9.36
N ASP B 86 -30.11 37.53 -8.77
N ASP B 86 -30.11 37.51 -8.79
CA ASP B 86 -30.26 37.54 -7.33
CA ASP B 86 -30.28 37.55 -7.34
C ASP B 86 -30.36 36.14 -6.73
C ASP B 86 -29.98 36.20 -6.69
N LYS B 87 -29.92 35.12 -7.47
CA LYS B 87 -29.68 33.80 -6.91
C LYS B 87 -28.20 33.63 -6.61
N GLN B 88 -27.89 32.99 -5.49
CA GLN B 88 -26.52 32.85 -5.03
C GLN B 88 -26.33 31.47 -4.41
N ALA B 89 -25.14 30.89 -4.61
CA ALA B 89 -24.83 29.67 -3.91
C ALA B 89 -23.32 29.55 -3.76
N SER B 90 -22.91 28.75 -2.78
N SER B 90 -22.90 28.73 -2.80
CA SER B 90 -21.49 28.55 -2.47
CA SER B 90 -21.48 28.53 -2.54
C SER B 90 -21.23 27.08 -2.17
C SER B 90 -21.22 27.09 -2.16
N PHE B 91 -19.96 26.69 -2.32
CA PHE B 91 -19.50 25.39 -1.88
C PHE B 91 -18.01 25.52 -1.57
N ASN B 92 -17.49 24.61 -0.77
CA ASN B 92 -16.13 24.68 -0.27
C ASN B 92 -15.25 23.57 -0.84
N ALA B 93 -13.95 23.86 -0.95
CA ALA B 93 -12.97 22.89 -1.41
C ALA B 93 -11.73 23.02 -0.54
N THR B 94 -11.08 21.88 -0.30
CA THR B 94 -9.84 21.86 0.44
C THR B 94 -8.66 21.97 -0.52
N VAL B 95 -7.60 22.64 -0.06
CA VAL B 95 -6.44 22.97 -0.89
C VAL B 95 -5.21 22.45 -0.18
N ARG B 96 -4.36 21.74 -0.90
CA ARG B 96 -3.07 21.34 -0.35
C ARG B 96 -1.99 21.69 -1.37
N LEU B 97 -0.91 22.32 -0.90
CA LEU B 97 0.11 22.89 -1.77
C LEU B 97 1.47 22.27 -1.53
N PRO B 98 2.26 22.04 -2.59
CA PRO B 98 3.64 21.60 -2.41
C PRO B 98 4.46 22.65 -1.69
N GLN B 99 5.58 22.20 -1.10
CA GLN B 99 6.58 23.03 -0.43
C GLN B 99 7.82 23.20 -1.30
N ALA B 100 8.86 23.82 -0.72
CA ALA B 100 10.16 23.87 -1.38
C ALA B 100 10.78 22.49 -1.49
N ASN B 101 10.54 21.62 -0.49
CA ASN B 101 11.09 20.27 -0.46
C ASN B 101 10.87 19.52 -1.76
N SER B 102 9.74 19.79 -2.44
CA SER B 102 9.35 18.97 -3.58
C SER B 102 10.37 18.98 -4.71
N GLY B 103 11.34 19.90 -4.67
CA GLY B 103 12.23 20.10 -5.79
C GLY B 103 11.63 20.90 -6.93
N TYR B 104 10.43 21.41 -6.76
CA TYR B 104 9.72 22.14 -7.80
C TYR B 104 9.37 23.53 -7.31
N GLN B 105 9.21 24.44 -8.26
CA GLN B 105 8.92 25.83 -7.92
C GLN B 105 7.52 26.23 -8.36
N PRO B 106 6.83 27.07 -7.61
CA PRO B 106 5.54 27.58 -8.06
C PRO B 106 5.70 28.28 -9.41
N PRO B 107 4.61 28.40 -10.19
CA PRO B 107 3.29 27.85 -9.85
C PRO B 107 3.18 26.34 -10.17
N TYR B 108 2.45 25.58 -9.29
CA TYR B 108 2.40 24.13 -9.48
C TYR B 108 1.17 23.72 -10.29
N PRO B 109 1.28 22.65 -11.09
CA PRO B 109 0.07 22.03 -11.64
C PRO B 109 -0.85 21.62 -10.50
N VAL B 110 -2.14 21.52 -10.79
CA VAL B 110 -3.14 21.26 -9.76
C VAL B 110 -4.02 20.08 -10.18
N ILE B 111 -4.19 19.11 -9.27
CA ILE B 111 -5.18 18.05 -9.43
C ILE B 111 -6.48 18.51 -8.77
N ILE B 112 -7.53 18.64 -9.57
CA ILE B 112 -8.85 18.97 -9.05
C ILE B 112 -9.61 17.66 -8.94
N SER B 113 -9.89 17.25 -7.71
CA SER B 113 -10.49 15.95 -7.42
C SER B 113 -11.99 16.11 -7.15
N LEU B 114 -12.82 15.48 -7.98
CA LEU B 114 -14.21 15.27 -7.62
C LEU B 114 -14.30 14.22 -6.52
N GLY B 115 -14.35 14.66 -5.26
CA GLY B 115 -14.36 13.76 -4.13
C GLY B 115 -12.96 13.58 -3.54
N TYR B 116 -12.81 12.48 -2.81
CA TYR B 116 -11.57 12.16 -2.14
C TYR B 116 -10.48 11.76 -3.13
N LEU B 117 -9.24 12.12 -2.80
CA LEU B 117 -8.05 11.50 -3.40
C LEU B 117 -7.39 10.62 -2.34
N ALA B 118 -8.03 9.47 -2.08
CA ALA B 118 -7.69 8.70 -0.89
C ALA B 118 -8.09 7.25 -1.08
N GLY B 119 -7.28 6.36 -0.51
CA GLY B 119 -7.64 4.97 -0.39
C GLY B 119 -8.38 4.72 0.90
N PHE B 120 -8.71 3.46 1.15
CA PHE B 120 -9.42 3.09 2.37
C PHE B 120 -8.95 1.72 2.82
N ASN B 121 -8.85 1.52 4.14
CA ASN B 121 -8.59 0.20 4.70
C ASN B 121 -9.80 -0.18 5.54
N TRP B 122 -10.47 -1.28 5.18
CA TRP B 122 -11.69 -1.62 5.93
C TRP B 122 -11.41 -2.35 7.24
N GLN B 123 -10.18 -2.80 7.49
CA GLN B 123 -9.85 -3.39 8.79
C GLN B 123 -9.55 -2.30 9.83
N THR B 124 -8.75 -1.30 9.46
CA THR B 124 -8.56 -0.15 10.34
C THR B 124 -9.71 0.84 10.28
N TRP B 125 -10.56 0.74 9.26
CA TRP B 125 -11.64 1.69 8.98
C TRP B 125 -11.11 3.13 8.95
N GLN B 126 -10.14 3.35 8.06
CA GLN B 126 -9.49 4.64 7.95
C GLN B 126 -9.21 4.97 6.49
N PHE B 127 -9.35 6.24 6.14
CA PHE B 127 -8.87 6.74 4.87
C PHE B 127 -7.35 6.73 4.85
N ILE B 128 -6.80 6.58 3.65
CA ILE B 128 -5.37 6.70 3.37
C ILE B 128 -5.23 7.88 2.42
N ASP B 129 -4.98 9.07 2.96
CA ASP B 129 -4.91 10.27 2.11
C ASP B 129 -3.71 10.22 1.16
N TYR B 130 -3.97 10.31 -0.15
CA TYR B 130 -2.92 10.32 -1.16
C TYR B 130 -2.55 11.73 -1.62
N SER B 131 -3.20 12.76 -1.06
CA SER B 131 -2.77 14.14 -1.31
C SER B 131 -1.28 14.32 -1.02
N THR B 132 -0.77 13.65 0.01
CA THR B 132 0.65 13.73 0.36
C THR B 132 1.53 13.29 -0.80
N ASN B 133 1.22 12.12 -1.37
CA ASN B 133 1.96 11.64 -2.53
C ASN B 133 2.05 12.70 -3.61
N ALA B 134 0.93 13.38 -3.87
CA ALA B 134 0.90 14.38 -4.94
C ALA B 134 1.72 15.61 -4.60
N VAL B 135 1.50 16.19 -3.41
CA VAL B 135 2.25 17.42 -3.10
C VAL B 135 3.74 17.14 -3.03
N ASN B 136 4.14 15.93 -2.58
CA ASN B 136 5.57 15.61 -2.54
C ASN B 136 6.16 15.51 -3.94
N ARG B 137 5.33 15.27 -4.96
CA ARG B 137 5.75 15.23 -6.36
C ARG B 137 5.53 16.54 -7.07
N GLY B 138 5.18 17.60 -6.34
CA GLY B 138 5.06 18.92 -6.93
C GLY B 138 3.71 19.25 -7.54
N TYR B 139 2.64 18.57 -7.12
CA TYR B 139 1.28 18.84 -7.59
C TYR B 139 0.44 19.34 -6.43
N ALA B 140 -0.22 20.49 -6.63
CA ALA B 140 -1.27 20.90 -5.70
C ALA B 140 -2.51 20.02 -5.86
N VAL B 141 -3.33 19.96 -4.81
CA VAL B 141 -4.55 19.17 -4.82
C VAL B 141 -5.68 20.02 -4.27
N ILE B 142 -6.74 20.17 -5.05
CA ILE B 142 -7.97 20.80 -4.59
C ILE B 142 -9.07 19.76 -4.70
N SER B 143 -9.72 19.47 -3.58
CA SER B 143 -10.78 18.49 -3.52
C SER B 143 -12.07 19.16 -3.11
N PHE B 144 -13.16 18.87 -3.84
CA PHE B 144 -14.49 19.26 -3.39
C PHE B 144 -15.37 18.02 -3.32
N MET B 145 -16.48 18.13 -2.60
CA MET B 145 -17.37 16.98 -2.47
C MET B 145 -18.58 17.20 -3.36
N PRO B 146 -18.77 16.38 -4.40
CA PRO B 146 -19.87 16.63 -5.35
C PRO B 146 -21.23 16.80 -4.71
N ASN B 147 -21.52 16.12 -3.58
CA ASN B 147 -22.84 16.27 -2.97
C ASN B 147 -23.12 17.72 -2.60
N ASP B 148 -22.06 18.52 -2.35
CA ASP B 148 -22.26 19.92 -2.00
C ASP B 148 -22.69 20.74 -3.22
N VAL B 149 -22.31 20.30 -4.41
CA VAL B 149 -22.73 20.98 -5.64
C VAL B 149 -24.09 20.47 -6.13
N ALA B 150 -24.35 19.15 -6.06
CA ALA B 150 -25.68 18.61 -6.35
C ALA B 150 -25.88 17.33 -5.53
N ARG B 151 -26.99 17.26 -4.81
CA ARG B 151 -27.26 16.04 -4.05
C ARG B 151 -27.38 14.85 -5.00
N ASP B 152 -26.95 13.70 -4.53
CA ASP B 152 -26.93 12.47 -5.34
C ASP B 152 -28.31 11.78 -5.30
N ASP B 153 -29.33 12.48 -5.79
CA ASP B 153 -30.67 11.93 -5.89
C ASP B 153 -31.51 12.76 -6.87
N SER B 154 -32.78 12.39 -6.99
CA SER B 154 -33.69 13.10 -7.89
C SER B 154 -34.36 14.30 -7.23
N SER B 155 -33.87 14.76 -6.08
CA SER B 155 -34.41 16.01 -5.52
C SER B 155 -33.99 17.23 -6.33
N TYR B 156 -32.90 17.15 -7.10
CA TYR B 156 -32.36 18.28 -7.85
C TYR B 156 -32.17 19.50 -6.95
N THR B 157 -31.40 19.28 -5.88
CA THR B 157 -31.01 20.30 -4.93
C THR B 157 -29.49 20.34 -4.83
N GLY B 158 -28.99 21.44 -4.28
CA GLY B 158 -27.57 21.72 -4.23
C GLY B 158 -27.25 23.07 -4.87
N ALA B 159 -25.99 23.49 -4.68
CA ALA B 159 -25.56 24.78 -5.22
C ALA B 159 -25.95 24.95 -6.69
N PHE B 160 -25.69 23.93 -7.52
CA PHE B 160 -25.94 24.07 -8.96
C PHE B 160 -27.41 24.32 -9.26
N TYR B 161 -28.30 23.55 -8.64
CA TYR B 161 -29.73 23.67 -8.91
C TYR B 161 -30.36 24.87 -8.22
N THR B 162 -29.70 25.44 -7.22
CA THR B 162 -30.14 26.73 -6.71
C THR B 162 -29.98 27.80 -7.78
N LEU B 163 -28.87 27.76 -8.52
CA LEU B 163 -28.67 28.71 -9.60
C LEU B 163 -29.41 28.31 -10.87
N TYR B 164 -29.56 27.01 -11.14
CA TYR B 164 -30.20 26.52 -12.37
C TYR B 164 -31.30 25.53 -12.02
N PRO B 165 -32.47 26.00 -11.59
CA PRO B 165 -33.54 25.07 -11.19
C PRO B 165 -33.85 24.06 -12.27
N HIS B 166 -34.12 22.83 -11.87
CA HIS B 166 -34.28 21.72 -12.79
C HIS B 166 -35.73 21.65 -13.26
N SER B 167 -35.92 21.38 -14.55
CA SER B 167 -37.24 21.04 -15.07
C SER B 167 -37.05 20.06 -16.21
N ASN B 168 -38.16 19.64 -16.81
CA ASN B 168 -38.08 18.69 -17.92
C ASN B 168 -37.94 19.38 -19.27
N LYS B 169 -38.02 20.71 -19.31
CA LYS B 169 -37.68 21.43 -20.53
C LYS B 169 -36.21 21.18 -20.89
N VAL B 170 -35.95 21.02 -22.18
CA VAL B 170 -34.63 20.60 -22.63
C VAL B 170 -33.52 21.44 -21.99
N GLU B 171 -33.71 22.76 -21.93
CA GLU B 171 -32.63 23.62 -21.46
C GLU B 171 -32.45 23.57 -19.94
N ASN B 172 -33.42 23.04 -19.20
CA ASN B 172 -33.35 22.95 -17.75
C ASN B 172 -33.09 21.54 -17.23
N ASP B 173 -33.11 20.52 -18.10
CA ASP B 173 -33.02 19.13 -17.68
C ASP B 173 -31.56 18.68 -17.71
N THR B 174 -30.79 19.30 -16.82
CA THR B 174 -29.36 19.03 -16.69
C THR B 174 -29.15 18.01 -15.59
N GLY B 175 -28.55 16.86 -15.93
CA GLY B 175 -28.40 15.78 -14.97
C GLY B 175 -27.30 16.05 -13.97
N VAL B 176 -27.24 15.18 -12.95
CA VAL B 176 -26.36 15.42 -11.82
C VAL B 176 -24.88 15.26 -12.21
N LEU B 177 -24.56 14.42 -13.19
CA LEU B 177 -23.16 14.33 -13.61
C LEU B 177 -22.70 15.64 -14.24
N MET B 178 -23.55 16.25 -15.06
CA MET B 178 -23.21 17.57 -15.62
C MET B 178 -23.11 18.61 -14.51
N ALA B 179 -24.00 18.53 -13.51
CA ALA B 179 -23.92 19.47 -12.40
C ALA B 179 -22.59 19.34 -11.66
N TRP B 180 -22.16 18.10 -11.39
CA TRP B 180 -20.89 17.90 -10.69
C TRP B 180 -19.73 18.42 -11.52
N ALA B 181 -19.75 18.16 -12.82
CA ALA B 181 -18.72 18.69 -13.70
C ALA B 181 -18.66 20.22 -13.64
N TRP B 182 -19.82 20.86 -13.53
CA TRP B 182 -19.85 22.32 -13.40
C TRP B 182 -19.09 22.77 -12.16
N GLY B 183 -19.18 21.99 -11.07
CA GLY B 183 -18.44 22.32 -9.86
C GLY B 183 -16.94 22.38 -10.09
N ALA B 184 -16.39 21.39 -10.78
CA ALA B 184 -14.98 21.40 -11.11
C ALA B 184 -14.63 22.64 -11.94
N SER B 185 -15.50 23.02 -12.87
CA SER B 185 -15.24 24.21 -13.68
C SER B 185 -15.24 25.48 -12.83
N LYS B 186 -16.07 25.54 -11.79
CA LYS B 186 -16.13 26.76 -10.97
C LYS B 186 -14.86 26.93 -10.15
N ILE B 187 -14.21 25.84 -9.76
CA ILE B 187 -12.90 25.95 -9.12
C ILE B 187 -11.89 26.57 -10.08
N LEU B 188 -11.89 26.12 -11.34
CA LEU B 188 -10.99 26.70 -12.33
C LEU B 188 -11.24 28.19 -12.52
N ASP B 189 -12.52 28.58 -12.59
CA ASP B 189 -12.87 30.00 -12.64
C ASP B 189 -12.21 30.77 -11.50
N ALA B 190 -12.33 30.25 -10.27
CA ALA B 190 -11.74 30.95 -9.14
C ALA B 190 -10.21 31.04 -9.27
N LEU B 191 -9.57 29.95 -9.70
CA LEU B 191 -8.12 29.99 -9.89
C LEU B 191 -7.72 31.01 -10.95
N GLU B 192 -8.50 31.10 -12.02
CA GLU B 192 -8.17 32.08 -13.07
C GLU B 192 -8.24 33.51 -12.54
N LYS B 193 -9.02 33.74 -11.50
CA LYS B 193 -9.17 35.07 -10.91
C LYS B 193 -8.17 35.32 -9.77
N GLY B 194 -7.18 34.45 -9.59
CA GLY B 194 -6.12 34.68 -8.63
C GLY B 194 -6.34 34.11 -7.24
N ALA B 195 -7.28 33.17 -7.06
CA ALA B 195 -7.59 32.68 -5.71
C ALA B 195 -6.37 32.07 -5.03
N ILE B 196 -5.57 31.29 -5.75
CA ILE B 196 -4.43 30.58 -5.16
C ILE B 196 -3.23 30.83 -6.06
N PRO B 197 -2.47 31.90 -5.84
CA PRO B 197 -1.42 32.27 -6.81
C PRO B 197 -0.31 31.23 -6.96
N GLU B 198 -0.14 30.33 -5.98
CA GLU B 198 0.84 29.26 -6.10
C GLU B 198 0.45 28.20 -7.12
N ILE B 199 -0.78 28.19 -7.60
CA ILE B 199 -1.28 27.17 -8.52
C ILE B 199 -1.25 27.70 -9.95
N ASP B 200 -0.76 26.87 -10.85
CA ASP B 200 -0.79 27.13 -12.29
C ASP B 200 -2.09 26.57 -12.86
N ALA B 201 -3.10 27.45 -13.02
CA ALA B 201 -4.41 27.07 -13.55
C ALA B 201 -4.37 26.60 -15.00
N LYS B 202 -3.27 26.82 -15.69
CA LYS B 202 -3.15 26.36 -17.07
C LYS B 202 -2.64 24.93 -17.16
N LYS B 203 -2.34 24.30 -16.03
CA LYS B 203 -1.96 22.90 -15.95
C LYS B 203 -2.82 22.20 -14.91
N ALA B 204 -4.13 22.23 -15.15
CA ALA B 204 -5.11 21.61 -14.26
C ALA B 204 -5.46 20.21 -14.74
N ILE B 205 -5.52 19.28 -13.78
CA ILE B 205 -5.86 17.87 -14.00
C ILE B 205 -7.17 17.61 -13.27
N VAL B 206 -8.14 16.97 -13.93
CA VAL B 206 -9.42 16.63 -13.29
C VAL B 206 -9.52 15.11 -13.15
N THR B 207 -9.86 14.65 -11.95
CA THR B 207 -9.96 13.22 -11.67
C THR B 207 -11.12 12.97 -10.72
N GLY B 208 -11.58 11.72 -10.70
CA GLY B 208 -12.67 11.31 -9.82
C GLY B 208 -12.86 9.82 -9.91
N PHE B 209 -13.43 9.25 -8.84
CA PHE B 209 -13.61 7.80 -8.71
C PHE B 209 -15.05 7.40 -9.01
N SER B 210 -15.21 6.43 -9.92
CA SER B 210 -16.50 5.76 -10.13
C SER B 210 -17.53 6.74 -10.68
N ARG B 211 -18.67 6.91 -9.99
CA ARG B 211 -19.63 7.91 -10.47
C ARG B 211 -18.99 9.29 -10.61
N TYR B 212 -18.04 9.63 -9.73
CA TYR B 212 -17.31 10.88 -9.89
C TYR B 212 -16.31 10.80 -11.04
N GLY B 213 -15.88 9.60 -11.42
CA GLY B 213 -15.08 9.45 -12.62
C GLY B 213 -15.88 9.70 -13.89
N LYS B 214 -17.15 9.30 -13.89
CA LYS B 214 -18.03 9.66 -15.00
C LYS B 214 -18.12 11.19 -15.13
N ALA B 215 -18.33 11.87 -14.00
CA ALA B 215 -18.43 13.33 -14.03
C ALA B 215 -17.09 13.97 -14.41
N ALA B 216 -15.97 13.38 -13.99
CA ALA B 216 -14.69 13.97 -14.36
C ALA B 216 -14.49 13.92 -15.87
N LEU B 217 -14.97 12.84 -16.52
CA LEU B 217 -14.84 12.74 -17.96
C LEU B 217 -15.74 13.76 -18.65
N VAL B 218 -16.95 13.92 -18.15
CA VAL B 218 -17.84 14.97 -18.64
C VAL B 218 -17.17 16.34 -18.51
N ALA B 219 -16.60 16.62 -17.33
CA ALA B 219 -15.93 17.90 -17.12
C ALA B 219 -14.79 18.11 -18.11
N GLY B 220 -13.98 17.07 -18.34
CA GLY B 220 -12.86 17.20 -19.25
C GLY B 220 -13.30 17.36 -20.70
N ALA B 221 -14.40 16.70 -21.07
CA ALA B 221 -14.88 16.81 -22.45
C ALA B 221 -15.54 18.17 -22.70
N PHE B 222 -16.21 18.73 -21.71
CA PHE B 222 -17.00 19.93 -21.93
C PHE B 222 -16.32 21.20 -21.46
N ASP B 223 -15.22 21.10 -20.73
CA ASP B 223 -14.46 22.28 -20.30
C ASP B 223 -13.04 22.12 -20.84
N GLU B 224 -12.77 22.80 -21.96
CA GLU B 224 -11.50 22.70 -22.65
C GLU B 224 -10.32 23.23 -21.85
N ARG B 225 -10.52 23.77 -20.65
CA ARG B 225 -9.37 24.26 -19.89
C ARG B 225 -8.61 23.15 -19.18
N PHE B 226 -9.22 21.98 -18.98
CA PHE B 226 -8.50 20.91 -18.31
C PHE B 226 -7.43 20.32 -19.24
N ALA B 227 -6.19 20.30 -18.78
CA ALA B 227 -5.08 19.80 -19.58
C ALA B 227 -4.91 18.29 -19.49
N VAL B 228 -5.37 17.70 -18.39
CA VAL B 228 -5.35 16.25 -18.19
C VAL B 228 -6.71 15.84 -17.65
N VAL B 229 -7.27 14.78 -18.20
CA VAL B 229 -8.57 14.27 -17.81
C VAL B 229 -8.39 12.81 -17.41
N ASN B 230 -8.79 12.48 -16.18
CA ASN B 230 -8.55 11.15 -15.62
C ASN B 230 -9.84 10.56 -15.03
N PRO B 231 -10.66 9.90 -15.86
CA PRO B 231 -11.77 9.13 -15.29
C PRO B 231 -11.25 7.83 -14.70
N HIS B 232 -11.38 7.67 -13.38
CA HIS B 232 -10.90 6.48 -12.69
C HIS B 232 -12.08 5.56 -12.40
N ALA B 233 -12.04 4.34 -12.95
CA ALA B 233 -13.08 3.33 -12.69
C ALA B 233 -14.46 3.86 -13.00
N SER B 234 -14.59 4.59 -14.11
CA SER B 234 -15.84 5.31 -14.40
C SER B 234 -16.94 4.41 -14.92
N GLY B 235 -16.59 3.30 -15.60
CA GLY B 235 -17.62 2.33 -15.95
C GLY B 235 -18.64 2.84 -16.96
N GLN B 236 -19.83 2.23 -16.91
CA GLN B 236 -20.89 2.52 -17.87
C GLN B 236 -21.51 3.88 -17.59
N GLY B 237 -21.80 4.61 -18.66
CA GLY B 237 -22.10 6.02 -18.56
C GLY B 237 -20.86 6.89 -18.42
N GLY B 238 -19.69 6.27 -18.32
CA GLY B 238 -18.41 6.95 -18.37
C GLY B 238 -17.61 6.48 -19.56
N ALA B 239 -16.45 5.87 -19.31
CA ALA B 239 -15.56 5.47 -20.40
C ALA B 239 -15.91 4.11 -21.00
N ALA B 240 -16.62 3.25 -20.27
CA ALA B 240 -16.90 1.91 -20.75
C ALA B 240 -17.84 1.92 -21.95
N SER B 241 -17.51 1.11 -22.96
CA SER B 241 -18.39 0.91 -24.11
C SER B 241 -19.77 0.45 -23.68
N PHE B 242 -20.82 1.04 -24.28
CA PHE B 242 -22.17 0.55 -24.08
C PHE B 242 -22.43 -0.75 -24.84
N ARG B 243 -21.75 -0.95 -25.97
CA ARG B 243 -22.09 -2.06 -26.85
C ARG B 243 -21.24 -3.31 -26.61
N TYR B 244 -20.05 -3.19 -26.05
CA TYR B 244 -19.14 -4.33 -25.90
C TYR B 244 -18.88 -4.59 -24.43
N SER B 245 -19.32 -5.75 -23.95
CA SER B 245 -18.98 -6.25 -22.63
C SER B 245 -18.63 -7.73 -22.78
N PHE B 246 -18.04 -8.33 -21.75
CA PHE B 246 -17.37 -9.62 -21.88
C PHE B 246 -17.64 -10.53 -20.70
N ALA B 247 -18.86 -10.49 -20.16
CA ALA B 247 -19.20 -11.33 -19.01
C ALA B 247 -18.95 -12.79 -19.34
N GLY B 248 -18.30 -13.52 -18.42
CA GLY B 248 -17.96 -14.91 -18.62
C GLY B 248 -16.70 -15.16 -19.42
N LYS B 249 -16.10 -14.12 -20.00
CA LYS B 249 -14.84 -14.33 -20.71
C LYS B 249 -13.77 -14.73 -19.72
N GLN B 250 -13.00 -15.75 -20.09
CA GLN B 250 -11.95 -16.28 -19.23
C GLN B 250 -10.64 -15.54 -19.55
N TYR B 251 -10.25 -14.60 -18.69
CA TYR B 251 -8.95 -13.96 -18.82
C TYR B 251 -7.92 -14.71 -17.98
N SER B 252 -6.64 -14.47 -18.29
CA SER B 252 -5.59 -15.13 -17.52
C SER B 252 -5.63 -14.73 -16.05
N TRP B 253 -6.19 -13.57 -15.71
CA TRP B 253 -6.29 -13.15 -14.31
C TRP B 253 -7.65 -13.45 -13.69
N GLY B 254 -8.59 -14.02 -14.42
CA GLY B 254 -9.87 -14.40 -13.82
C GLY B 254 -10.99 -14.37 -14.82
N VAL B 255 -12.15 -14.88 -14.39
CA VAL B 255 -13.34 -14.96 -15.24
C VAL B 255 -14.19 -13.70 -15.04
N ALA B 256 -14.58 -13.06 -16.14
CA ALA B 256 -15.26 -11.78 -16.03
C ALA B 256 -16.66 -11.94 -15.44
N GLY B 257 -16.98 -11.11 -14.45
CA GLY B 257 -18.33 -10.94 -13.98
C GLY B 257 -19.10 -9.98 -14.89
N ASN B 258 -20.32 -9.67 -14.46
CA ASN B 258 -21.23 -8.85 -15.27
C ASN B 258 -20.82 -7.39 -15.25
N ALA B 259 -20.94 -6.74 -16.42
CA ALA B 259 -20.87 -5.29 -16.49
C ALA B 259 -22.21 -4.72 -16.05
N GLU B 260 -22.18 -3.49 -15.52
CA GLU B 260 -23.43 -2.87 -15.09
C GLU B 260 -24.41 -2.78 -16.24
N ALA B 261 -25.66 -3.16 -15.97
CA ALA B 261 -26.68 -3.18 -17.01
C ALA B 261 -27.14 -1.78 -17.35
N PHE B 262 -27.37 -1.55 -18.65
CA PHE B 262 -27.89 -0.29 -19.14
C PHE B 262 -29.10 0.19 -18.34
N SER B 263 -30.06 -0.71 -18.11
CA SER B 263 -31.29 -0.34 -17.41
C SER B 263 -31.03 0.17 -16.00
N ASN B 264 -29.96 -0.31 -15.35
CA ASN B 264 -29.67 0.15 -14.01
C ASN B 264 -29.25 1.62 -14.00
N LEU B 265 -28.55 2.07 -15.06
CA LEU B 265 -28.24 3.49 -15.20
C LEU B 265 -29.50 4.34 -15.24
N GLN B 266 -30.57 3.82 -15.84
CA GLN B 266 -31.82 4.56 -16.06
C GLN B 266 -32.79 4.48 -14.89
N GLY B 267 -32.57 3.56 -13.94
CA GLY B 267 -33.53 3.30 -12.88
C GLY B 267 -33.52 4.34 -11.78
N ASN B 268 -34.22 4.02 -10.69
CA ASN B 268 -34.44 5.01 -9.65
C ASN B 268 -33.19 5.29 -8.81
N THR B 269 -32.17 4.44 -8.86
CA THR B 269 -31.00 4.72 -8.03
C THR B 269 -29.94 5.54 -8.75
N GLU B 270 -29.96 5.57 -10.10
CA GLU B 270 -28.94 6.26 -10.87
C GLU B 270 -29.48 7.19 -11.95
N GLY B 271 -30.78 7.14 -12.25
CA GLY B 271 -31.31 7.87 -13.40
C GLY B 271 -31.08 9.36 -13.36
N HIS B 272 -31.03 9.94 -12.15
CA HIS B 272 -30.84 11.38 -12.00
C HIS B 272 -29.46 11.84 -12.49
N TRP B 273 -28.52 10.92 -12.68
CA TRP B 273 -27.22 11.26 -13.26
C TRP B 273 -27.36 11.74 -14.70
N PHE B 274 -28.45 11.38 -15.38
CA PHE B 274 -28.64 11.62 -16.80
C PHE B 274 -29.89 12.50 -17.00
N ASN B 275 -30.46 12.55 -18.20
CA ASN B 275 -31.66 13.36 -18.44
C ASN B 275 -32.84 12.47 -18.83
N ALA B 276 -34.01 13.09 -19.02
CA ALA B 276 -35.21 12.30 -19.26
C ALA B 276 -35.16 11.54 -20.58
N VAL B 277 -34.48 12.09 -21.59
CA VAL B 277 -34.38 11.40 -22.88
C VAL B 277 -33.59 10.12 -22.73
N PHE B 278 -32.45 10.20 -22.04
CA PHE B 278 -31.65 9.00 -21.79
C PHE B 278 -32.47 7.89 -21.18
N ARG B 279 -33.31 8.22 -20.21
CA ARG B 279 -34.03 7.19 -19.48
C ARG B 279 -35.16 6.55 -20.30
N GLU B 280 -35.42 7.03 -21.51
CA GLU B 280 -36.46 6.47 -22.37
C GLU B 280 -35.92 5.44 -23.35
N PHE B 281 -34.61 5.38 -23.56
CA PHE B 281 -34.04 4.38 -24.46
C PHE B 281 -34.38 2.98 -23.95
N LYS B 282 -34.57 2.06 -24.89
CA LYS B 282 -34.85 0.67 -24.54
C LYS B 282 -33.62 -0.22 -24.66
N ASP B 283 -32.64 0.18 -25.47
CA ASP B 283 -31.50 -0.65 -25.76
C ASP B 283 -30.31 0.27 -26.02
N PRO B 284 -29.11 -0.05 -25.51
CA PRO B 284 -27.97 0.83 -25.75
C PRO B 284 -27.56 0.92 -27.22
N ARG B 285 -27.99 -0.02 -28.06
CA ARG B 285 -27.68 0.05 -29.47
C ARG B 285 -28.43 1.17 -30.19
N GLN B 286 -29.46 1.73 -29.56
CA GLN B 286 -30.18 2.87 -30.13
C GLN B 286 -29.47 4.20 -29.93
N LEU B 287 -28.40 4.24 -29.13
CA LEU B 287 -27.73 5.50 -28.82
C LEU B 287 -27.01 6.03 -30.06
N PRO B 288 -27.05 7.34 -30.31
CA PRO B 288 -26.39 7.88 -31.51
C PRO B 288 -24.88 7.98 -31.38
N PHE B 289 -24.34 7.39 -30.32
CA PHE B 289 -22.91 7.47 -30.04
C PHE B 289 -22.53 6.27 -29.20
N ASP B 290 -21.24 6.17 -28.91
CA ASP B 290 -20.73 5.29 -27.87
C ASP B 290 -19.48 5.95 -27.29
N GLN B 291 -18.97 5.41 -26.18
CA GLN B 291 -18.09 6.21 -25.34
C GLN B 291 -16.68 6.39 -25.88
N HIS B 292 -16.31 5.71 -26.97
CA HIS B 292 -15.09 6.13 -27.66
C HIS B 292 -15.22 7.57 -28.14
N GLU B 293 -16.45 8.02 -28.40
CA GLU B 293 -16.64 9.39 -28.89
C GLU B 293 -16.56 10.41 -27.74
N LEU B 294 -17.17 10.10 -26.59
CA LEU B 294 -17.05 10.99 -25.44
C LEU B 294 -15.59 11.22 -25.04
N ILE B 295 -14.77 10.15 -25.07
CA ILE B 295 -13.35 10.32 -24.75
C ILE B 295 -12.68 11.17 -25.82
N ALA B 296 -13.06 10.98 -27.08
CA ALA B 296 -12.45 11.72 -28.17
C ALA B 296 -12.71 13.22 -28.07
N LEU B 297 -13.80 13.62 -27.42
CA LEU B 297 -14.09 15.03 -27.19
C LEU B 297 -13.03 15.73 -26.36
N CYS B 298 -12.15 14.99 -25.67
CA CYS B 298 -11.07 15.63 -24.93
C CYS B 298 -9.92 16.04 -25.82
N ALA B 299 -9.80 15.47 -27.02
CA ALA B 299 -8.63 15.71 -27.85
C ALA B 299 -8.58 17.16 -28.29
N PRO B 300 -7.37 17.75 -28.41
CA PRO B 300 -6.04 17.16 -28.26
C PRO B 300 -5.46 17.28 -26.86
N ARG B 301 -6.32 17.53 -25.86
CA ARG B 301 -5.87 17.52 -24.48
C ARG B 301 -5.71 16.09 -24.00
N THR B 302 -4.93 15.91 -22.93
CA THR B 302 -4.51 14.56 -22.59
C THR B 302 -5.55 13.86 -21.72
N VAL B 303 -5.67 12.55 -21.91
CA VAL B 303 -6.63 11.71 -21.18
C VAL B 303 -5.92 10.46 -20.69
N LEU B 304 -6.17 10.09 -19.43
CA LEU B 304 -5.66 8.84 -18.87
C LEU B 304 -6.83 8.05 -18.26
N ILE B 305 -7.03 6.83 -18.74
CA ILE B 305 -8.06 5.92 -18.21
C ILE B 305 -7.41 5.01 -17.18
N THR B 306 -7.92 5.02 -15.95
CA THR B 306 -7.43 4.14 -14.88
C THR B 306 -8.60 3.33 -14.33
N GLY B 307 -8.28 2.30 -13.54
CA GLY B 307 -9.29 1.39 -13.02
C GLY B 307 -8.69 0.01 -12.77
N GLY B 308 -9.57 -0.98 -12.63
CA GLY B 308 -9.18 -2.33 -12.27
C GLY B 308 -9.44 -3.33 -13.39
N TYR B 309 -8.46 -4.22 -13.61
CA TYR B 309 -8.63 -5.29 -14.57
C TYR B 309 -9.70 -6.30 -14.18
N SER B 310 -10.08 -6.36 -12.90
CA SER B 310 -11.10 -7.29 -12.42
C SER B 310 -12.29 -6.56 -11.82
N ASP B 311 -12.41 -5.26 -12.07
CA ASP B 311 -13.52 -4.45 -11.56
C ASP B 311 -14.68 -4.62 -12.55
N TRP B 312 -15.39 -5.76 -12.41
CA TRP B 312 -16.17 -6.24 -13.54
C TRP B 312 -17.33 -5.30 -13.87
N GLY B 313 -17.95 -4.72 -12.85
CA GLY B 313 -19.06 -3.82 -13.08
C GLY B 313 -18.71 -2.63 -13.96
N THR B 314 -17.44 -2.20 -13.92
CA THR B 314 -16.98 -1.10 -14.76
C THR B 314 -16.53 -1.54 -16.16
N ASN B 315 -16.59 -2.85 -16.48
CA ASN B 315 -16.38 -3.35 -17.84
C ASN B 315 -14.96 -3.10 -18.31
N PRO B 316 -13.98 -3.85 -17.76
CA PRO B 316 -12.57 -3.61 -18.10
C PRO B 316 -12.26 -3.64 -19.59
N GLU B 317 -12.60 -4.72 -20.30
CA GLU B 317 -12.25 -4.73 -21.71
C GLU B 317 -13.12 -3.77 -22.53
N GLY B 318 -14.37 -3.54 -22.08
CA GLY B 318 -15.20 -2.54 -22.72
C GLY B 318 -14.61 -1.15 -22.61
N THR B 319 -13.89 -0.88 -21.52
CA THR B 319 -13.20 0.41 -21.39
C THR B 319 -12.00 0.49 -22.32
N TRP B 320 -11.32 -0.63 -22.53
CA TRP B 320 -10.28 -0.74 -23.54
C TRP B 320 -10.86 -0.48 -24.94
N VAL B 321 -11.99 -1.10 -25.25
CA VAL B 321 -12.64 -0.85 -26.54
C VAL B 321 -12.80 0.65 -26.77
N SER B 322 -13.34 1.36 -25.78
CA SER B 322 -13.54 2.79 -25.93
C SER B 322 -12.22 3.52 -26.10
N PHE B 323 -11.19 3.11 -25.34
CA PHE B 323 -9.89 3.75 -25.43
C PHE B 323 -9.31 3.60 -26.84
N VAL B 324 -9.36 2.39 -27.40
CA VAL B 324 -8.79 2.16 -28.72
C VAL B 324 -9.53 2.97 -29.77
N GLY B 325 -10.86 3.06 -29.67
CA GLY B 325 -11.61 3.86 -30.62
C GLY B 325 -11.33 5.34 -30.52
N ALA B 326 -11.24 5.85 -29.29
CA ALA B 326 -10.90 7.25 -29.07
C ALA B 326 -9.49 7.57 -29.60
N ARG B 327 -8.54 6.66 -29.42
CA ARG B 327 -7.18 6.93 -29.86
C ARG B 327 -7.09 7.13 -31.37
N LYS B 328 -8.04 6.58 -32.14
CA LYS B 328 -8.08 6.87 -33.57
C LYS B 328 -8.23 8.36 -33.85
N VAL B 329 -9.07 9.05 -33.07
CA VAL B 329 -9.18 10.50 -33.23
C VAL B 329 -7.87 11.19 -32.86
N TYR B 330 -7.28 10.79 -31.73
CA TYR B 330 -5.98 11.34 -31.35
C TYR B 330 -4.93 11.10 -32.44
N GLU B 331 -4.93 9.90 -33.03
CA GLU B 331 -3.97 9.59 -34.09
C GLU B 331 -4.22 10.47 -35.32
N PHE B 332 -5.48 10.58 -35.73
CA PHE B 332 -5.87 11.49 -36.81
C PHE B 332 -5.31 12.89 -36.58
N LEU B 333 -5.40 13.39 -35.35
CA LEU B 333 -4.94 14.73 -35.02
C LEU B 333 -3.44 14.80 -34.77
N GLY B 334 -2.71 13.70 -34.89
CA GLY B 334 -1.27 13.75 -34.75
C GLY B 334 -0.74 13.79 -33.32
N VAL B 335 -1.56 13.39 -32.34
CA VAL B 335 -1.18 13.44 -30.93
C VAL B 335 -1.55 12.14 -30.23
N ALA B 336 -1.19 11.00 -30.82
CA ALA B 336 -1.62 9.72 -30.25
C ALA B 336 -1.04 9.46 -28.86
N ASP B 337 0.09 10.06 -28.51
CA ASP B 337 0.61 9.72 -27.19
C ASP B 337 -0.06 10.50 -26.06
N ARG B 338 -1.01 11.37 -26.36
CA ARG B 338 -1.73 12.13 -25.33
C ARG B 338 -2.91 11.37 -24.75
N ILE B 339 -3.20 10.15 -25.21
CA ILE B 339 -4.23 9.31 -24.59
C ILE B 339 -3.54 8.07 -24.03
N GLY B 340 -3.78 7.79 -22.75
CA GLY B 340 -3.13 6.69 -22.08
C GLY B 340 -4.12 5.79 -21.36
N PHE B 341 -3.65 4.58 -21.07
CA PHE B 341 -4.45 3.53 -20.46
C PHE B 341 -3.64 2.94 -19.31
N ALA B 342 -4.27 2.76 -18.14
CA ALA B 342 -3.53 2.18 -17.01
C ALA B 342 -4.51 1.52 -16.06
N LEU B 343 -4.85 0.26 -16.35
CA LEU B 343 -5.56 -0.54 -15.38
C LEU B 343 -4.58 -1.29 -14.49
N ARG B 344 -5.08 -1.80 -13.37
CA ARG B 344 -4.25 -2.53 -12.43
C ARG B 344 -5.12 -3.57 -11.73
N ASP B 345 -4.54 -4.27 -10.78
CA ASP B 345 -5.34 -5.30 -10.12
C ASP B 345 -6.15 -4.68 -8.98
N GLY B 346 -5.85 -4.99 -7.72
CA GLY B 346 -6.56 -4.35 -6.61
C GLY B 346 -8.08 -4.34 -6.60
N SER B 347 -8.67 -3.48 -5.79
N SER B 347 -8.67 -3.46 -5.81
CA SER B 347 -10.11 -3.47 -5.55
CA SER B 347 -10.11 -3.46 -5.58
C SER B 347 -10.74 -2.16 -6.02
C SER B 347 -10.77 -2.24 -6.21
N HIS B 348 -12.08 -2.13 -6.01
CA HIS B 348 -12.89 -1.01 -6.48
C HIS B 348 -12.80 0.15 -5.48
N ALA B 349 -11.73 0.93 -5.64
CA ALA B 349 -11.35 2.03 -4.76
C ALA B 349 -10.25 2.82 -5.48
N ILE B 350 -9.82 3.91 -4.86
CA ILE B 350 -8.59 4.59 -5.25
C ILE B 350 -7.44 3.93 -4.49
N THR B 351 -6.39 3.52 -5.22
CA THR B 351 -5.23 2.90 -4.60
C THR B 351 -3.99 3.75 -4.87
N GLU B 352 -2.94 3.52 -4.06
CA GLU B 352 -1.71 4.27 -4.27
C GLU B 352 -1.18 4.08 -5.70
N GLU B 353 -1.44 2.92 -6.30
CA GLU B 353 -0.97 2.67 -7.66
C GLU B 353 -1.66 3.58 -8.67
N ASP B 354 -2.96 3.84 -8.49
CA ASP B 354 -3.69 4.73 -9.40
C ASP B 354 -3.11 6.14 -9.34
N VAL B 355 -2.87 6.65 -8.13
CA VAL B 355 -2.32 8.00 -7.97
C VAL B 355 -0.94 8.08 -8.60
N ASN B 356 -0.09 7.09 -8.34
CA ASN B 356 1.26 7.13 -8.89
C ASN B 356 1.24 7.09 -10.41
N ASN B 357 0.37 6.25 -10.99
CA ASN B 357 0.21 6.23 -12.44
C ASN B 357 -0.21 7.59 -12.98
N LEU B 358 -1.20 8.21 -12.32
CA LEU B 358 -1.64 9.56 -12.71
C LEU B 358 -0.49 10.56 -12.68
N LEU B 359 0.30 10.53 -11.60
CA LEU B 359 1.40 11.49 -11.45
C LEU B 359 2.51 11.21 -12.45
N ASP B 360 2.77 9.94 -12.76
CA ASP B 360 3.74 9.61 -13.79
C ASP B 360 3.27 10.10 -15.15
N PHE B 361 2.00 9.85 -15.49
CA PHE B 361 1.43 10.36 -16.74
C PHE B 361 1.53 11.88 -16.79
N CYS B 362 1.23 12.56 -15.68
CA CYS B 362 1.26 14.02 -15.66
C CYS B 362 2.68 14.55 -15.79
N ASP B 363 3.64 13.96 -15.06
CA ASP B 363 5.03 14.37 -15.22
C ASP B 363 5.48 14.26 -16.67
N TRP B 364 4.96 13.27 -17.38
CA TRP B 364 5.30 13.08 -18.79
C TRP B 364 4.66 14.17 -19.65
N GLN B 365 3.32 14.29 -19.58
CA GLN B 365 2.59 15.20 -20.46
C GLN B 365 2.82 16.67 -20.10
N LEU B 366 3.08 16.97 -18.84
CA LEU B 366 3.16 18.35 -18.38
C LEU B 366 4.57 18.85 -18.10
N ARG B 367 5.52 17.96 -17.83
CA ARG B 367 6.88 18.38 -17.55
C ARG B 367 7.89 17.70 -18.46
N GLY B 368 7.44 16.93 -19.44
CA GLY B 368 8.35 16.27 -20.36
C GLY B 368 9.19 15.16 -19.78
N ILE B 369 8.84 14.64 -18.61
CA ILE B 369 9.63 13.59 -17.96
C ILE B 369 9.20 12.23 -18.52
N GLN B 370 10.14 11.53 -19.15
CA GLN B 370 9.80 10.28 -19.84
C GLN B 370 9.32 9.24 -18.83
N PRO B 371 8.19 8.59 -19.06
CA PRO B 371 7.66 7.63 -18.10
C PRO B 371 8.27 6.25 -18.28
N THR B 372 8.26 5.48 -17.18
CA THR B 372 8.71 4.10 -17.30
C THR B 372 7.61 3.18 -17.82
N LYS B 373 6.35 3.54 -17.59
CA LYS B 373 5.23 2.72 -18.04
C LYS B 373 4.87 3.03 -19.48
N ASP B 374 4.52 1.98 -20.23
CA ASP B 374 3.97 2.12 -21.57
C ASP B 374 2.47 2.30 -21.45
N PHE B 375 2.01 3.54 -21.59
CA PHE B 375 0.58 3.82 -21.46
C PHE B 375 -0.20 3.50 -22.73
N SER B 376 0.43 2.92 -23.76
CA SER B 376 -0.25 2.68 -25.03
C SER B 376 -0.73 1.25 -25.21
N THR B 377 -0.36 0.33 -24.31
CA THR B 377 -0.78 -1.07 -24.41
C THR B 377 -1.48 -1.48 -23.12
N SER B 378 -1.97 -2.71 -23.09
CA SER B 378 -2.66 -3.27 -21.93
C SER B 378 -2.55 -4.78 -22.01
N ARG B 379 -3.17 -5.47 -21.04
CA ARG B 379 -3.28 -6.92 -21.10
C ARG B 379 -4.24 -7.38 -22.18
N PHE B 380 -5.01 -6.48 -22.78
CA PHE B 380 -6.01 -6.85 -23.77
C PHE B 380 -5.40 -6.80 -25.18
N ALA B 381 -5.94 -7.65 -26.05
CA ALA B 381 -5.61 -7.59 -27.46
C ALA B 381 -6.55 -6.61 -28.17
N ILE B 382 -6.26 -6.34 -29.43
CA ILE B 382 -7.13 -5.50 -30.25
C ILE B 382 -7.84 -6.41 -31.24
N ASP B 383 -9.14 -6.61 -31.02
CA ASP B 383 -9.94 -7.52 -31.84
C ASP B 383 -10.51 -6.75 -33.03
N PRO B 384 -10.15 -7.10 -34.27
CA PRO B 384 -10.73 -6.40 -35.43
C PRO B 384 -12.26 -6.40 -35.44
N ALA B 385 -12.91 -7.24 -34.63
CA ALA B 385 -14.38 -7.27 -34.66
C ALA B 385 -14.98 -5.99 -34.08
N TRP B 386 -14.33 -5.39 -33.08
CA TRP B 386 -14.79 -4.14 -32.51
C TRP B 386 -13.86 -2.96 -32.79
N ASP B 387 -12.70 -3.20 -33.40
CA ASP B 387 -11.78 -2.12 -33.77
C ASP B 387 -12.14 -1.57 -35.15
N THR B 388 -13.39 -1.12 -35.28
CA THR B 388 -13.93 -0.71 -36.58
C THR B 388 -13.79 0.79 -36.86
N ILE B 389 -13.32 1.59 -35.91
CA ILE B 389 -13.11 3.01 -36.17
C ILE B 389 -11.80 3.19 -36.92
N SER B 390 -11.86 3.86 -38.07
CA SER B 390 -10.75 3.93 -39.01
C SER B 390 -10.34 5.38 -39.24
N VAL B 391 -9.05 5.66 -39.09
CA VAL B 391 -8.52 7.00 -39.40
C VAL B 391 -8.68 7.29 -40.89
N PRO B 392 -9.24 8.45 -41.27
CA PRO B 392 -9.32 8.88 -42.68
C PRO B 392 -7.95 9.00 -43.33
N GLU C 22 30.39 -8.98 -47.22
CA GLU C 22 30.11 -9.81 -48.40
C GLU C 22 30.61 -11.25 -48.19
N THR C 23 31.93 -11.41 -48.30
CA THR C 23 32.62 -12.64 -47.96
C THR C 23 33.27 -12.52 -46.58
N LEU C 24 33.68 -13.64 -46.02
CA LEU C 24 34.18 -13.66 -44.65
C LEU C 24 35.48 -12.88 -44.51
N PRO C 25 35.56 -11.89 -43.62
CA PRO C 25 36.85 -11.25 -43.32
C PRO C 25 37.88 -12.30 -42.91
N ASP C 26 39.12 -12.11 -43.34
CA ASP C 26 40.16 -13.13 -43.27
C ASP C 26 40.83 -13.12 -41.90
N SER C 27 40.80 -14.27 -41.20
CA SER C 27 41.48 -14.38 -39.91
C SER C 27 42.96 -14.12 -40.04
N PHE C 28 43.56 -14.49 -41.17
CA PHE C 28 45.01 -14.54 -41.31
C PHE C 28 45.56 -13.29 -41.99
N THR C 29 44.79 -12.22 -42.08
CA THR C 29 45.27 -10.93 -42.57
C THR C 29 45.29 -9.94 -41.42
N PHE C 30 46.48 -9.45 -41.09
CA PHE C 30 46.62 -8.38 -40.11
C PHE C 30 45.82 -7.16 -40.54
N TYR C 31 45.54 -6.28 -39.57
CA TYR C 31 44.75 -5.07 -39.83
C TYR C 31 45.38 -4.18 -40.90
N ASP C 32 46.71 -4.13 -40.96
CA ASP C 32 47.39 -3.29 -41.93
C ASP C 32 47.53 -3.94 -43.31
N GLY C 33 47.05 -5.18 -43.48
CA GLY C 33 47.09 -5.85 -44.76
C GLY C 33 48.21 -6.86 -44.94
N THR C 34 49.18 -6.89 -44.04
CA THR C 34 50.18 -7.94 -44.10
C THR C 34 49.57 -9.27 -43.62
N LYS C 35 50.30 -10.35 -43.82
CA LYS C 35 49.76 -11.68 -43.66
C LYS C 35 50.26 -12.33 -42.38
N VAL C 36 49.38 -13.06 -41.71
CA VAL C 36 49.79 -13.98 -40.66
C VAL C 36 50.45 -15.17 -41.31
N GLN C 37 51.74 -15.38 -41.03
CA GLN C 37 52.51 -16.41 -41.71
C GLN C 37 53.12 -17.42 -40.77
N ARG C 38 53.59 -17.01 -39.60
CA ARG C 38 54.20 -17.91 -38.63
C ARG C 38 53.26 -18.15 -37.47
N LEU C 39 53.49 -19.27 -36.77
CA LEU C 39 52.74 -19.52 -35.53
C LEU C 39 52.91 -18.37 -34.55
N SER C 40 54.14 -17.85 -34.44
CA SER C 40 54.40 -16.75 -33.52
C SER C 40 53.78 -15.42 -33.97
N ASP C 41 53.16 -15.38 -35.15
CA ASP C 41 52.38 -14.19 -35.53
C ASP C 41 50.98 -14.19 -34.92
N TRP C 42 50.50 -15.33 -34.47
CA TRP C 42 49.09 -15.39 -34.09
C TRP C 42 48.74 -14.53 -32.88
N PRO C 43 49.54 -14.53 -31.80
CA PRO C 43 49.18 -13.70 -30.65
C PRO C 43 48.96 -12.25 -31.03
N LYS C 44 49.79 -11.69 -31.90
CA LYS C 44 49.57 -10.31 -32.30
C LYS C 44 48.22 -10.15 -33.01
N ARG C 45 47.88 -11.09 -33.89
CA ARG C 45 46.61 -11.03 -34.62
C ARG C 45 45.42 -11.21 -33.67
N ALA C 46 45.53 -12.14 -32.73
CA ALA C 46 44.45 -12.32 -31.75
C ALA C 46 44.18 -11.04 -30.97
N GLN C 47 45.23 -10.31 -30.61
CA GLN C 47 45.01 -9.06 -29.88
C GLN C 47 44.31 -8.03 -30.75
N GLU C 48 44.64 -7.98 -32.04
CA GLU C 48 43.92 -7.10 -32.94
C GLU C 48 42.44 -7.45 -32.98
N LEU C 49 42.13 -8.75 -33.06
CA LEU C 49 40.73 -9.15 -33.08
C LEU C 49 40.03 -8.77 -31.77
N LYS C 50 40.69 -8.97 -30.62
CA LYS C 50 40.08 -8.54 -29.37
C LYS C 50 39.80 -7.04 -29.38
N ASP C 51 40.73 -6.25 -29.92
CA ASP C 51 40.50 -4.81 -29.98
C ASP C 51 39.32 -4.49 -30.89
N LEU C 52 39.25 -5.14 -32.05
CA LEU C 52 38.11 -4.89 -32.95
C LEU C 52 36.80 -5.21 -32.26
N TYR C 53 36.70 -6.40 -31.65
CA TYR C 53 35.43 -6.81 -31.02
C TYR C 53 35.02 -5.87 -29.90
N GLN C 54 35.98 -5.37 -29.12
CA GLN C 54 35.62 -4.48 -28.02
C GLN C 54 35.15 -3.13 -28.54
N PHE C 55 35.82 -2.61 -29.59
CA PHE C 55 35.49 -1.29 -30.09
C PHE C 55 34.18 -1.29 -30.87
N TYR C 56 33.99 -2.29 -31.72
CA TYR C 56 32.90 -2.29 -32.69
C TYR C 56 31.71 -3.13 -32.27
N MET C 57 31.79 -3.84 -31.15
CA MET C 57 30.68 -4.73 -30.84
C MET C 57 30.31 -4.81 -29.35
N TYR C 58 31.23 -5.28 -28.50
CA TYR C 58 30.85 -5.61 -27.12
C TYR C 58 31.16 -4.53 -26.11
N GLY C 59 31.93 -3.51 -26.48
CA GLY C 59 32.52 -2.63 -25.50
C GLY C 59 33.76 -3.26 -24.89
N TYR C 60 34.52 -2.44 -24.15
CA TYR C 60 35.79 -2.87 -23.62
C TYR C 60 35.64 -3.58 -22.27
N LYS C 61 36.39 -4.66 -22.12
CA LYS C 61 36.54 -5.27 -20.81
C LYS C 61 37.21 -4.26 -19.87
N PRO C 62 36.73 -4.12 -18.64
CA PRO C 62 37.34 -3.12 -17.75
C PRO C 62 38.72 -3.58 -17.29
N ASP C 63 39.52 -2.59 -16.88
CA ASP C 63 40.80 -2.83 -16.23
C ASP C 63 40.51 -3.36 -14.83
N THR C 64 40.68 -4.67 -14.63
CA THR C 64 40.27 -5.29 -13.38
C THR C 64 41.42 -5.41 -12.38
N SER C 65 42.61 -4.90 -12.72
CA SER C 65 43.68 -4.82 -11.74
C SER C 65 43.30 -3.96 -10.55
N VAL C 66 42.30 -3.08 -10.70
CA VAL C 66 41.84 -2.25 -9.59
C VAL C 66 40.97 -3.00 -8.60
N GLU C 67 40.68 -4.27 -8.84
CA GLU C 67 39.72 -5.01 -8.03
C GLU C 67 40.37 -5.72 -6.86
N ASP C 68 39.63 -5.80 -5.76
CA ASP C 68 39.89 -6.70 -4.64
C ASP C 68 38.73 -7.67 -4.56
N VAL C 69 39.02 -8.95 -4.80
CA VAL C 69 38.00 -10.01 -4.89
C VAL C 69 38.10 -10.87 -3.63
N THR C 70 37.03 -10.91 -2.85
CA THR C 70 36.92 -11.78 -1.69
C THR C 70 35.68 -12.65 -1.82
N TYR C 71 35.56 -13.63 -0.94
CA TYR C 71 34.52 -14.63 -1.08
C TYR C 71 34.09 -15.12 0.29
N SER C 72 32.94 -15.79 0.30
CA SER C 72 32.39 -16.42 1.50
C SER C 72 31.67 -17.67 1.05
N VAL C 73 32.07 -18.83 1.57
CA VAL C 73 31.39 -20.09 1.26
C VAL C 73 30.57 -20.48 2.47
N ASN C 74 29.25 -20.55 2.31
CA ASN C 74 28.35 -20.87 3.41
C ASN C 74 27.27 -21.84 2.91
N GLY C 75 27.42 -23.11 3.25
CA GLY C 75 26.51 -24.11 2.75
C GLY C 75 26.89 -24.46 1.32
N ASN C 76 25.91 -24.48 0.43
CA ASN C 76 26.19 -24.65 -1.00
C ASN C 76 26.14 -23.33 -1.75
N THR C 77 26.28 -22.21 -1.04
CA THR C 77 26.26 -20.88 -1.64
C THR C 77 27.66 -20.31 -1.62
N LEU C 78 28.13 -19.85 -2.78
CA LEU C 78 29.36 -19.08 -2.88
C LEU C 78 29.00 -17.61 -3.09
N THR C 79 29.43 -16.75 -2.18
CA THR C 79 29.19 -15.32 -2.31
C THR C 79 30.48 -14.63 -2.72
N ILE C 80 30.42 -13.85 -3.79
CA ILE C 80 31.58 -13.16 -4.35
C ILE C 80 31.42 -11.68 -4.06
N THR C 81 32.46 -11.05 -3.51
CA THR C 81 32.46 -9.62 -3.24
C THR C 81 33.66 -9.00 -3.96
N VAL C 82 33.41 -7.90 -4.67
CA VAL C 82 34.45 -7.21 -5.42
C VAL C 82 34.46 -5.75 -4.99
N LYS C 83 35.64 -5.24 -4.68
CA LYS C 83 35.83 -3.84 -4.30
C LYS C 83 36.60 -3.11 -5.39
N VAL C 84 36.10 -1.95 -5.79
CA VAL C 84 36.80 -1.07 -6.71
C VAL C 84 36.76 0.33 -6.10
N GLY C 85 37.91 0.78 -5.57
CA GLY C 85 37.95 2.09 -4.93
C GLY C 85 36.94 2.21 -3.80
N ASP C 86 36.06 3.21 -3.93
CA ASP C 86 35.05 3.52 -2.94
C ASP C 86 33.83 2.61 -3.01
N LYS C 87 33.74 1.77 -4.04
CA LYS C 87 32.55 0.99 -4.30
C LYS C 87 32.78 -0.48 -4.01
N GLN C 88 31.69 -1.20 -3.76
CA GLN C 88 31.76 -2.65 -3.70
C GLN C 88 30.41 -3.23 -4.07
N ALA C 89 30.43 -4.49 -4.48
CA ALA C 89 29.20 -5.18 -4.84
C ALA C 89 29.47 -6.67 -4.74
N SER C 90 28.39 -7.44 -4.63
N SER C 90 28.39 -7.44 -4.62
CA SER C 90 28.51 -8.88 -4.49
CA SER C 90 28.48 -8.87 -4.43
C SER C 90 27.39 -9.56 -5.26
C SER C 90 27.38 -9.57 -5.24
N PHE C 91 27.58 -10.85 -5.49
CA PHE C 91 26.54 -11.71 -6.06
C PHE C 91 26.79 -13.12 -5.55
N ASN C 92 25.74 -13.95 -5.61
CA ASN C 92 25.75 -15.32 -5.12
C ASN C 92 25.76 -16.33 -6.27
N ALA C 93 26.39 -17.48 -6.02
CA ALA C 93 26.42 -18.60 -6.94
C ALA C 93 26.13 -19.87 -6.17
N THR C 94 25.48 -20.83 -6.84
CA THR C 94 25.15 -22.11 -6.25
C THR C 94 26.21 -23.15 -6.58
N VAL C 95 26.66 -23.89 -5.59
CA VAL C 95 27.78 -24.81 -5.73
C VAL C 95 27.27 -26.23 -5.52
N ARG C 96 27.68 -27.15 -6.40
CA ARG C 96 27.40 -28.56 -6.22
C ARG C 96 28.63 -29.38 -6.61
N LEU C 97 28.99 -30.34 -5.76
CA LEU C 97 30.24 -31.06 -5.87
C LEU C 97 30.02 -32.56 -6.01
N PRO C 98 30.91 -33.27 -6.72
CA PRO C 98 30.87 -34.72 -6.74
C PRO C 98 31.30 -35.29 -5.40
N GLN C 99 31.09 -36.60 -5.25
CA GLN C 99 31.52 -37.32 -4.05
C GLN C 99 32.25 -38.59 -4.48
N ALA C 100 32.42 -39.51 -3.53
CA ALA C 100 33.16 -40.73 -3.79
C ALA C 100 32.56 -41.51 -4.96
N ASN C 101 31.24 -41.68 -4.95
CA ASN C 101 30.49 -42.47 -5.93
C ASN C 101 30.98 -42.31 -7.36
N SER C 102 31.30 -41.07 -7.77
CA SER C 102 31.63 -40.80 -9.17
C SER C 102 32.74 -41.69 -9.69
N GLY C 103 33.59 -42.22 -8.83
CA GLY C 103 34.81 -42.88 -9.29
C GLY C 103 35.94 -41.93 -9.60
N TYR C 104 35.83 -40.66 -9.21
CA TYR C 104 36.87 -39.67 -9.39
C TYR C 104 37.16 -39.01 -8.05
N GLN C 105 38.44 -38.63 -7.86
CA GLN C 105 38.98 -37.96 -6.69
C GLN C 105 39.13 -36.46 -6.96
N PRO C 106 39.03 -35.63 -5.93
CA PRO C 106 39.36 -34.21 -6.08
C PRO C 106 40.81 -34.04 -6.46
N PRO C 107 41.18 -32.88 -7.03
CA PRO C 107 40.26 -31.78 -7.32
C PRO C 107 39.50 -32.07 -8.61
N TYR C 108 38.25 -31.62 -8.69
CA TYR C 108 37.36 -31.89 -9.81
C TYR C 108 37.37 -30.75 -10.81
N PRO C 109 37.19 -31.06 -12.09
CA PRO C 109 36.85 -30.01 -13.05
C PRO C 109 35.50 -29.40 -12.66
N VAL C 110 35.28 -28.15 -13.08
CA VAL C 110 34.11 -27.40 -12.67
C VAL C 110 33.43 -26.81 -13.90
N ILE C 111 32.12 -26.98 -14.00
CA ILE C 111 31.31 -26.31 -15.01
C ILE C 111 30.78 -25.02 -14.37
N ILE C 112 31.11 -23.89 -14.98
CA ILE C 112 30.62 -22.59 -14.53
C ILE C 112 29.49 -22.21 -15.48
N SER C 113 28.27 -22.18 -14.98
CA SER C 113 27.09 -21.96 -15.80
C SER C 113 26.61 -20.52 -15.63
N LEU C 114 26.56 -19.77 -16.73
CA LEU C 114 25.82 -18.52 -16.78
C LEU C 114 24.35 -18.86 -16.89
N GLY C 115 23.68 -18.94 -15.74
CA GLY C 115 22.30 -19.36 -15.69
C GLY C 115 22.12 -20.79 -15.24
N TYR C 116 20.95 -21.35 -15.56
CA TYR C 116 20.60 -22.70 -15.16
C TYR C 116 21.36 -23.74 -16.00
N LEU C 117 21.74 -24.83 -15.35
CA LEU C 117 22.10 -26.05 -16.06
C LEU C 117 20.94 -27.04 -15.97
N ALA C 118 19.87 -26.72 -16.70
CA ALA C 118 18.61 -27.40 -16.46
C ALA C 118 17.75 -27.36 -17.72
N GLY C 119 17.03 -28.46 -17.95
CA GLY C 119 15.97 -28.49 -18.94
C GLY C 119 14.67 -28.00 -18.33
N PHE C 120 13.60 -28.05 -19.12
CA PHE C 120 12.28 -27.66 -18.65
C PHE C 120 11.24 -28.54 -19.35
N ASN C 121 10.19 -28.91 -18.61
CA ASN C 121 9.03 -29.59 -19.18
C ASN C 121 7.80 -28.70 -19.00
N TRP C 122 7.20 -28.26 -20.10
CA TRP C 122 6.11 -27.31 -19.96
C TRP C 122 4.79 -27.98 -19.61
N GLN C 123 4.69 -29.30 -19.70
CA GLN C 123 3.50 -29.98 -19.25
C GLN C 123 3.44 -30.11 -17.73
N THR C 124 4.54 -30.50 -17.11
CA THR C 124 4.61 -30.53 -15.65
C THR C 124 5.00 -29.18 -15.06
N TRP C 125 5.47 -28.25 -15.90
CA TRP C 125 5.95 -26.93 -15.47
C TRP C 125 7.01 -27.07 -14.37
N GLN C 126 8.05 -27.84 -14.72
CA GLN C 126 9.17 -28.16 -13.85
C GLN C 126 10.49 -28.00 -14.60
N PHE C 127 11.48 -27.45 -13.92
CA PHE C 127 12.86 -27.58 -14.37
C PHE C 127 13.33 -29.02 -14.21
N ILE C 128 14.36 -29.38 -14.99
CA ILE C 128 14.95 -30.71 -14.99
C ILE C 128 16.43 -30.51 -14.69
N ASP C 129 16.86 -30.87 -13.48
CA ASP C 129 18.20 -30.53 -13.05
C ASP C 129 19.22 -31.43 -13.73
N TYR C 130 20.12 -30.85 -14.53
CA TYR C 130 21.19 -31.62 -15.14
C TYR C 130 22.52 -31.51 -14.41
N SER C 131 22.60 -30.72 -13.34
CA SER C 131 23.83 -30.76 -12.55
C SER C 131 24.02 -32.13 -11.90
N THR C 132 22.92 -32.89 -11.72
CA THR C 132 23.05 -34.27 -11.26
C THR C 132 23.85 -35.11 -12.24
N ASN C 133 23.57 -34.98 -13.55
CA ASN C 133 24.38 -35.67 -14.54
C ASN C 133 25.84 -35.30 -14.39
N ALA C 134 26.11 -34.02 -14.17
CA ALA C 134 27.48 -33.54 -14.09
C ALA C 134 28.20 -34.10 -12.88
N VAL C 135 27.62 -33.93 -11.69
CA VAL C 135 28.34 -34.37 -10.49
C VAL C 135 28.50 -35.87 -10.48
N ASN C 136 27.52 -36.60 -11.01
CA ASN C 136 27.64 -38.05 -11.08
C ASN C 136 28.77 -38.50 -11.98
N ARG C 137 29.25 -37.62 -12.87
CA ARG C 137 30.37 -37.96 -13.73
C ARG C 137 31.66 -37.26 -13.31
N GLY C 138 31.70 -36.72 -12.10
CA GLY C 138 32.91 -36.15 -11.56
C GLY C 138 33.15 -34.70 -11.90
N TYR C 139 32.10 -33.94 -12.21
CA TYR C 139 32.23 -32.52 -12.51
C TYR C 139 31.51 -31.73 -11.43
N ALA C 140 32.21 -30.76 -10.86
CA ALA C 140 31.52 -29.80 -10.02
C ALA C 140 30.72 -28.85 -10.91
N VAL C 141 29.72 -28.20 -10.32
CA VAL C 141 28.92 -27.23 -11.05
C VAL C 141 28.72 -26.01 -10.16
N ILE C 142 29.00 -24.84 -10.73
CA ILE C 142 28.75 -23.57 -10.08
C ILE C 142 27.87 -22.75 -11.00
N SER C 143 26.71 -22.32 -10.50
N SER C 143 26.70 -22.33 -10.50
CA SER C 143 25.73 -21.58 -11.29
CA SER C 143 25.72 -21.59 -11.29
C SER C 143 25.48 -20.22 -10.67
C SER C 143 25.48 -20.23 -10.66
N PHE C 144 25.56 -19.18 -11.47
CA PHE C 144 25.13 -17.86 -11.03
C PHE C 144 24.08 -17.35 -12.01
N MET C 145 23.31 -16.36 -11.58
CA MET C 145 22.31 -15.78 -12.45
C MET C 145 22.81 -14.47 -13.00
N PRO C 146 23.10 -14.38 -14.30
CA PRO C 146 23.60 -13.13 -14.89
C PRO C 146 22.85 -11.87 -14.46
N ASN C 147 21.54 -11.97 -14.20
CA ASN C 147 20.79 -10.77 -13.81
C ASN C 147 21.37 -10.15 -12.55
N ASP C 148 21.96 -10.96 -11.67
CA ASP C 148 22.54 -10.41 -10.45
C ASP C 148 23.78 -9.58 -10.77
N VAL C 149 24.47 -9.88 -11.87
CA VAL C 149 25.69 -9.17 -12.25
C VAL C 149 25.37 -7.94 -13.09
N ALA C 150 24.43 -8.05 -14.04
CA ALA C 150 23.96 -6.90 -14.80
C ALA C 150 22.51 -7.15 -15.18
N ARG C 151 21.64 -6.15 -14.93
CA ARG C 151 20.26 -6.25 -15.37
C ARG C 151 20.18 -6.37 -16.88
N ASP C 152 19.20 -7.14 -17.35
CA ASP C 152 19.00 -7.38 -18.78
C ASP C 152 18.17 -6.26 -19.41
N ASP C 153 18.69 -5.03 -19.30
CA ASP C 153 18.04 -3.88 -19.91
C ASP C 153 19.05 -2.74 -19.98
N SER C 154 18.59 -1.59 -20.48
CA SER C 154 19.46 -0.45 -20.68
C SER C 154 19.53 0.46 -19.45
N SER C 155 19.20 -0.04 -18.27
CA SER C 155 19.41 0.72 -17.05
C SER C 155 20.88 0.74 -16.63
N TYR C 156 21.67 -0.21 -17.12
CA TYR C 156 23.08 -0.37 -16.73
C TYR C 156 23.21 -0.36 -15.20
N THR C 157 22.47 -1.27 -14.58
CA THR C 157 22.53 -1.50 -13.16
C THR C 157 22.87 -2.97 -12.90
N GLY C 158 23.20 -3.26 -11.66
CA GLY C 158 23.69 -4.55 -11.23
C GLY C 158 25.09 -4.44 -10.66
N ALA C 159 25.55 -5.56 -10.12
CA ALA C 159 26.85 -5.57 -9.45
C ALA C 159 27.94 -4.98 -10.33
N PHE C 160 28.01 -5.41 -11.60
CA PHE C 160 29.08 -4.95 -12.48
C PHE C 160 29.06 -3.43 -12.62
N TYR C 161 27.88 -2.86 -12.86
CA TYR C 161 27.83 -1.44 -13.16
C TYR C 161 27.92 -0.56 -11.91
N THR C 162 27.61 -1.12 -10.74
CA THR C 162 27.97 -0.45 -9.49
C THR C 162 29.46 -0.17 -9.44
N LEU C 163 30.27 -1.14 -9.88
CA LEU C 163 31.72 -1.02 -9.81
C LEU C 163 32.28 -0.26 -11.00
N TYR C 164 31.67 -0.42 -12.16
CA TYR C 164 32.11 0.23 -13.39
C TYR C 164 30.92 0.96 -14.00
N PRO C 165 30.61 2.16 -13.51
CA PRO C 165 29.46 2.90 -14.05
C PRO C 165 29.55 3.07 -15.56
N HIS C 166 28.40 2.95 -16.23
CA HIS C 166 28.34 2.94 -17.68
C HIS C 166 28.26 4.36 -18.23
N SER C 167 28.95 4.59 -19.36
CA SER C 167 28.75 5.82 -20.11
C SER C 167 29.02 5.50 -21.57
N ASN C 168 28.86 6.52 -22.42
CA ASN C 168 29.20 6.31 -23.83
C ASN C 168 30.69 6.46 -24.11
N LYS C 169 31.47 6.94 -23.14
CA LYS C 169 32.92 7.00 -23.33
C LYS C 169 33.46 5.60 -23.60
N VAL C 170 34.35 5.51 -24.59
CA VAL C 170 34.73 4.20 -25.13
C VAL C 170 35.12 3.24 -24.01
N GLU C 171 35.96 3.69 -23.08
CA GLU C 171 36.33 2.88 -21.94
C GLU C 171 35.11 2.35 -21.18
N ASN C 172 34.17 3.25 -20.87
CA ASN C 172 33.06 2.98 -19.96
C ASN C 172 31.87 2.28 -20.60
N ASP C 173 31.83 2.15 -21.93
CA ASP C 173 30.67 1.59 -22.62
C ASP C 173 30.79 0.08 -22.76
N THR C 174 31.10 -0.60 -21.66
CA THR C 174 31.05 -2.06 -21.60
C THR C 174 29.61 -2.52 -21.67
N GLY C 175 29.27 -3.38 -22.66
CA GLY C 175 27.92 -3.87 -22.81
C GLY C 175 27.58 -5.01 -21.85
N VAL C 176 26.29 -5.40 -21.87
CA VAL C 176 25.81 -6.32 -20.85
C VAL C 176 26.36 -7.74 -21.04
N LEU C 177 26.63 -8.16 -22.28
CA LEU C 177 27.22 -9.49 -22.49
C LEU C 177 28.60 -9.56 -21.85
N MET C 178 29.42 -8.53 -22.06
CA MET C 178 30.74 -8.46 -21.46
C MET C 178 30.64 -8.40 -19.93
N ALA C 179 29.60 -7.73 -19.39
CA ALA C 179 29.41 -7.69 -17.95
C ALA C 179 29.08 -9.08 -17.39
N TRP C 180 28.20 -9.83 -18.08
CA TRP C 180 27.90 -11.19 -17.66
C TRP C 180 29.16 -12.06 -17.70
N ALA C 181 29.98 -11.90 -18.74
CA ALA C 181 31.21 -12.68 -18.83
C ALA C 181 32.12 -12.38 -17.64
N TRP C 182 32.19 -11.11 -17.25
CA TRP C 182 32.98 -10.71 -16.08
C TRP C 182 32.51 -11.45 -14.83
N GLY C 183 31.20 -11.68 -14.71
CA GLY C 183 30.69 -12.47 -13.58
C GLY C 183 31.28 -13.86 -13.52
N ALA C 184 31.33 -14.54 -14.67
CA ALA C 184 31.96 -15.86 -14.69
C ALA C 184 33.43 -15.76 -14.34
N SER C 185 34.14 -14.75 -14.88
CA SER C 185 35.53 -14.57 -14.50
C SER C 185 35.69 -14.33 -13.00
N LYS C 186 34.73 -13.64 -12.36
CA LYS C 186 34.89 -13.38 -10.92
C LYS C 186 34.81 -14.68 -10.11
N ILE C 187 34.05 -15.66 -10.58
CA ILE C 187 34.01 -16.96 -9.90
C ILE C 187 35.36 -17.65 -10.02
N LEU C 188 35.97 -17.57 -11.20
CA LEU C 188 37.31 -18.12 -11.39
C LEU C 188 38.33 -17.44 -10.46
N ASP C 189 38.23 -16.11 -10.30
CA ASP C 189 39.11 -15.42 -9.36
C ASP C 189 39.00 -16.00 -7.96
N ALA C 190 37.77 -16.24 -7.50
CA ALA C 190 37.56 -16.78 -6.16
C ALA C 190 38.14 -18.17 -6.04
N LEU C 191 37.91 -19.03 -7.05
CA LEU C 191 38.48 -20.36 -7.04
C LEU C 191 40.01 -20.30 -7.01
N GLU C 192 40.60 -19.40 -7.80
CA GLU C 192 42.05 -19.24 -7.79
C GLU C 192 42.58 -18.91 -6.39
N LYS C 193 41.82 -18.10 -5.65
CA LYS C 193 42.16 -17.76 -4.27
C LYS C 193 41.79 -18.87 -3.28
N GLY C 194 41.40 -20.03 -3.77
CA GLY C 194 41.17 -21.19 -2.93
C GLY C 194 39.80 -21.31 -2.32
N ALA C 195 38.77 -20.68 -2.90
CA ALA C 195 37.44 -20.68 -2.27
C ALA C 195 36.92 -22.09 -2.07
N ILE C 196 37.22 -22.99 -3.00
CA ILE C 196 36.67 -24.35 -2.94
C ILE C 196 37.79 -25.32 -3.31
N PRO C 197 38.57 -25.80 -2.33
CA PRO C 197 39.74 -26.63 -2.66
C PRO C 197 39.41 -27.92 -3.38
N GLU C 198 38.17 -28.44 -3.26
CA GLU C 198 37.79 -29.64 -4.00
C GLU C 198 37.75 -29.42 -5.50
N ILE C 199 37.84 -28.18 -5.96
CA ILE C 199 37.72 -27.85 -7.38
C ILE C 199 39.09 -27.50 -7.93
N ASP C 200 39.34 -27.94 -9.17
CA ASP C 200 40.57 -27.62 -9.91
C ASP C 200 40.28 -26.45 -10.83
N ALA C 201 40.78 -25.26 -10.46
CA ALA C 201 40.51 -24.05 -11.23
C ALA C 201 41.15 -24.07 -12.60
N LYS C 202 42.12 -24.95 -12.85
CA LYS C 202 42.73 -25.07 -14.16
C LYS C 202 41.92 -25.93 -15.11
N LYS C 203 40.82 -26.51 -14.66
CA LYS C 203 39.92 -27.27 -15.53
C LYS C 203 38.51 -26.70 -15.38
N ALA C 204 38.37 -25.42 -15.75
CA ALA C 204 37.10 -24.72 -15.66
C ALA C 204 36.44 -24.68 -17.04
N ILE C 205 35.16 -25.06 -17.08
CA ILE C 205 34.34 -25.10 -18.28
C ILE C 205 33.26 -24.03 -18.15
N VAL C 206 33.17 -23.09 -19.10
CA VAL C 206 32.12 -22.07 -19.07
C VAL C 206 31.04 -22.42 -20.09
N THR C 207 29.77 -22.32 -19.67
CA THR C 207 28.63 -22.66 -20.53
C THR C 207 27.47 -21.71 -20.26
N GLY C 208 26.58 -21.60 -21.24
CA GLY C 208 25.38 -20.78 -21.08
C GLY C 208 24.46 -20.97 -22.27
N PHE C 209 23.18 -20.70 -22.04
CA PHE C 209 22.13 -20.92 -23.03
C PHE C 209 21.72 -19.61 -23.69
N SER C 210 21.69 -19.58 -25.03
CA SER C 210 21.12 -18.50 -25.83
C SER C 210 21.86 -17.20 -25.51
N ARG C 211 21.21 -16.17 -24.98
CA ARG C 211 21.94 -14.93 -24.69
C ARG C 211 23.11 -15.19 -23.73
N TYR C 212 22.94 -16.14 -22.81
CA TYR C 212 24.02 -16.50 -21.90
C TYR C 212 25.08 -17.35 -22.60
N GLY C 213 24.73 -18.02 -23.71
CA GLY C 213 25.75 -18.65 -24.54
C GLY C 213 26.55 -17.65 -25.35
N LYS C 214 25.94 -16.53 -25.74
CA LYS C 214 26.70 -15.41 -26.28
C LYS C 214 27.72 -14.92 -25.26
N ALA C 215 27.26 -14.69 -24.03
CA ALA C 215 28.16 -14.21 -22.99
C ALA C 215 29.21 -15.25 -22.62
N ALA C 216 28.88 -16.55 -22.71
CA ALA C 216 29.86 -17.58 -22.40
C ALA C 216 30.98 -17.62 -23.45
N LEU C 217 30.64 -17.42 -24.73
CA LEU C 217 31.67 -17.32 -25.75
C LEU C 217 32.57 -16.10 -25.50
N VAL C 218 31.97 -14.97 -25.11
CA VAL C 218 32.75 -13.78 -24.79
C VAL C 218 33.68 -14.05 -23.61
N ALA C 219 33.16 -14.72 -22.58
CA ALA C 219 33.98 -15.10 -21.43
C ALA C 219 35.18 -15.94 -21.87
N GLY C 220 34.94 -16.96 -22.70
CA GLY C 220 36.01 -17.84 -23.11
C GLY C 220 37.01 -17.17 -24.05
N ALA C 221 36.54 -16.25 -24.89
CA ALA C 221 37.43 -15.52 -25.78
C ALA C 221 38.30 -14.51 -25.02
N PHE C 222 37.77 -13.89 -23.97
CA PHE C 222 38.47 -12.80 -23.31
C PHE C 222 39.08 -13.17 -21.97
N ASP C 223 38.85 -14.38 -21.46
CA ASP C 223 39.48 -14.85 -20.23
C ASP C 223 40.15 -16.19 -20.54
N GLU C 224 41.47 -16.15 -20.75
CA GLU C 224 42.24 -17.31 -21.18
C GLU C 224 42.32 -18.42 -20.14
N ARG C 225 41.78 -18.23 -18.94
CA ARG C 225 41.85 -19.29 -17.94
C ARG C 225 40.85 -20.41 -18.22
N PHE C 226 39.76 -20.11 -18.91
CA PHE C 226 38.77 -21.14 -19.17
C PHE C 226 39.32 -22.23 -20.09
N ALA C 227 39.34 -23.46 -19.59
CA ALA C 227 39.84 -24.61 -20.36
C ALA C 227 38.87 -25.07 -21.44
N VAL C 228 37.56 -24.96 -21.21
CA VAL C 228 36.55 -25.40 -22.16
C VAL C 228 35.52 -24.28 -22.29
N VAL C 229 35.14 -23.95 -23.52
CA VAL C 229 34.19 -22.88 -23.78
C VAL C 229 33.01 -23.48 -24.55
N ASN C 230 31.81 -23.38 -23.99
CA ASN C 230 30.63 -24.05 -24.54
C ASN C 230 29.49 -23.06 -24.72
N PRO C 231 29.47 -22.32 -25.84
CA PRO C 231 28.29 -21.50 -26.13
C PRO C 231 27.18 -22.39 -26.69
N HIS C 232 26.09 -22.50 -25.94
CA HIS C 232 24.98 -23.37 -26.31
C HIS C 232 23.85 -22.53 -26.91
N ALA C 233 23.46 -22.86 -28.14
CA ALA C 233 22.36 -22.17 -28.84
C ALA C 233 22.57 -20.67 -28.83
N SER C 234 23.82 -20.23 -29.05
CA SER C 234 24.17 -18.81 -28.87
C SER C 234 23.66 -17.93 -29.99
N GLY C 235 23.61 -18.42 -31.23
CA GLY C 235 22.96 -17.67 -32.30
C GLY C 235 23.69 -16.39 -32.69
N GLN C 236 22.91 -15.39 -33.12
CA GLN C 236 23.47 -14.19 -33.73
C GLN C 236 23.99 -13.26 -32.63
N GLY C 237 25.18 -12.72 -32.86
CA GLY C 237 25.93 -12.08 -31.79
C GLY C 237 26.69 -13.05 -30.92
N GLY C 238 26.54 -14.36 -31.18
CA GLY C 238 27.33 -15.39 -30.55
C GLY C 238 28.14 -16.12 -31.59
N ALA C 239 27.90 -17.43 -31.75
CA ALA C 239 28.65 -18.23 -32.70
C ALA C 239 28.14 -18.13 -34.15
N ALA C 240 26.89 -17.74 -34.36
CA ALA C 240 26.32 -17.78 -35.70
C ALA C 240 26.97 -16.73 -36.61
N SER C 241 27.21 -17.10 -37.87
CA SER C 241 27.75 -16.17 -38.85
C SER C 241 26.79 -15.01 -39.08
N PHE C 242 27.33 -13.79 -39.09
CA PHE C 242 26.52 -12.63 -39.45
C PHE C 242 26.14 -12.65 -40.93
N ARG C 243 27.02 -13.18 -41.78
CA ARG C 243 26.91 -13.03 -43.23
C ARG C 243 26.19 -14.18 -43.92
N TYR C 244 26.23 -15.40 -43.34
CA TYR C 244 25.64 -16.58 -43.97
C TYR C 244 24.49 -17.10 -43.11
N SER C 245 23.27 -17.02 -43.67
CA SER C 245 22.07 -17.65 -43.11
C SER C 245 21.28 -18.26 -44.26
N PHE C 246 20.31 -19.13 -43.93
CA PHE C 246 19.73 -20.02 -44.93
C PHE C 246 18.22 -20.16 -44.80
N ALA C 247 17.52 -19.10 -44.42
CA ALA C 247 16.07 -19.16 -44.31
C ALA C 247 15.46 -19.69 -45.61
N GLY C 248 14.50 -20.59 -45.47
CA GLY C 248 13.84 -21.19 -46.62
C GLY C 248 14.56 -22.36 -47.23
N LYS C 249 15.79 -22.63 -46.83
CA LYS C 249 16.50 -23.77 -47.38
C LYS C 249 15.87 -25.07 -46.89
N GLN C 250 15.71 -26.02 -47.82
CA GLN C 250 15.19 -27.33 -47.49
C GLN C 250 16.33 -28.22 -47.04
N TYR C 251 16.31 -28.62 -45.76
CA TYR C 251 17.18 -29.68 -45.26
C TYR C 251 16.41 -30.98 -45.17
N SER C 252 17.14 -32.09 -45.04
CA SER C 252 16.44 -33.35 -44.95
C SER C 252 15.60 -33.47 -43.69
N TRP C 253 15.86 -32.65 -42.66
CA TRP C 253 15.06 -32.68 -41.44
C TRP C 253 14.07 -31.53 -41.32
N GLY C 254 13.96 -30.69 -42.33
CA GLY C 254 12.97 -29.63 -42.32
C GLY C 254 13.40 -28.43 -43.13
N VAL C 255 12.47 -27.48 -43.26
CA VAL C 255 12.72 -26.24 -43.99
C VAL C 255 13.08 -25.17 -42.98
N ALA C 256 14.15 -24.44 -43.26
CA ALA C 256 14.68 -23.47 -42.29
C ALA C 256 13.74 -22.29 -42.13
N GLY C 257 13.45 -21.92 -40.89
CA GLY C 257 12.85 -20.64 -40.58
C GLY C 257 13.89 -19.52 -40.63
N ASN C 258 13.43 -18.31 -40.30
CA ASN C 258 14.30 -17.14 -40.35
C ASN C 258 15.35 -17.18 -39.24
N ALA C 259 16.56 -16.75 -39.56
CA ALA C 259 17.55 -16.40 -38.55
C ALA C 259 17.23 -15.03 -37.98
N GLU C 260 17.66 -14.80 -36.73
CA GLU C 260 17.42 -13.52 -36.09
C GLU C 260 17.97 -12.38 -36.94
N ALA C 261 17.16 -11.34 -37.13
CA ALA C 261 17.59 -10.19 -37.92
C ALA C 261 18.67 -9.38 -37.20
N PHE C 262 19.64 -8.91 -37.97
CA PHE C 262 20.70 -8.02 -37.45
C PHE C 262 20.10 -6.83 -36.72
N SER C 263 19.11 -6.19 -37.34
CA SER C 263 18.51 -5.01 -36.71
C SER C 263 17.87 -5.34 -35.37
N ASN C 264 17.46 -6.59 -35.16
CA ASN C 264 16.85 -6.92 -33.88
C ASN C 264 17.89 -6.92 -32.76
N LEU C 265 19.13 -7.29 -33.07
CA LEU C 265 20.19 -7.18 -32.06
C LEU C 265 20.43 -5.73 -31.65
N GLN C 266 20.21 -4.79 -32.56
CA GLN C 266 20.49 -3.38 -32.33
C GLN C 266 19.34 -2.63 -31.68
N GLY C 267 18.14 -3.19 -31.71
CA GLY C 267 16.97 -2.49 -31.23
C GLY C 267 16.90 -2.40 -29.73
N ASN C 268 15.79 -1.86 -29.26
CA ASN C 268 15.67 -1.55 -27.83
C ASN C 268 15.43 -2.79 -26.98
N THR C 269 15.14 -3.96 -27.56
CA THR C 269 15.01 -5.14 -26.72
C THR C 269 16.35 -5.80 -26.43
N GLU C 270 17.34 -5.63 -27.31
CA GLU C 270 18.60 -6.35 -27.17
C GLU C 270 19.85 -5.49 -27.32
N GLY C 271 19.72 -4.21 -27.69
CA GLY C 271 20.90 -3.42 -28.01
C GLY C 271 21.83 -3.21 -26.83
N HIS C 272 21.29 -3.26 -25.62
CA HIS C 272 22.11 -3.09 -24.42
C HIS C 272 23.14 -4.23 -24.25
N TRP C 273 22.97 -5.34 -24.98
CA TRP C 273 23.98 -6.40 -24.97
C TRP C 273 25.30 -5.95 -25.58
N PHE C 274 25.28 -4.93 -26.43
CA PHE C 274 26.41 -4.51 -27.24
C PHE C 274 26.77 -3.06 -26.91
N ASN C 275 27.55 -2.38 -27.75
CA ASN C 275 27.88 -0.98 -27.49
C ASN C 275 27.22 -0.08 -28.54
N ALA C 276 27.41 1.24 -28.39
CA ALA C 276 26.75 2.19 -29.27
C ALA C 276 27.27 2.09 -30.70
N VAL C 277 28.58 1.87 -30.87
CA VAL C 277 29.11 1.72 -32.23
C VAL C 277 28.42 0.58 -32.94
N PHE C 278 28.25 -0.55 -32.25
CA PHE C 278 27.60 -1.70 -32.87
C PHE C 278 26.21 -1.33 -33.38
N ARG C 279 25.45 -0.56 -32.59
CA ARG C 279 24.08 -0.20 -32.93
C ARG C 279 23.98 0.84 -34.04
N GLU C 280 25.11 1.34 -34.55
CA GLU C 280 25.10 2.27 -35.67
C GLU C 280 25.28 1.60 -37.02
N PHE C 281 25.75 0.35 -37.06
CA PHE C 281 25.92 -0.33 -38.34
C PHE C 281 24.60 -0.44 -39.08
N LYS C 282 24.65 -0.27 -40.39
CA LYS C 282 23.47 -0.42 -41.23
C LYS C 282 23.32 -1.81 -41.81
N ASP C 283 24.39 -2.60 -41.82
CA ASP C 283 24.41 -3.86 -42.55
C ASP C 283 25.53 -4.76 -42.01
N PRO C 284 25.27 -6.04 -41.76
CA PRO C 284 26.32 -6.90 -41.20
C PRO C 284 27.58 -6.95 -42.04
N ARG C 285 27.46 -6.82 -43.37
CA ARG C 285 28.62 -6.88 -44.24
C ARG C 285 29.57 -5.70 -44.03
N GLN C 286 29.20 -4.72 -43.21
CA GLN C 286 30.12 -3.64 -42.83
C GLN C 286 30.96 -3.97 -41.61
N LEU C 287 30.66 -5.05 -40.89
CA LEU C 287 31.43 -5.42 -39.72
C LEU C 287 32.86 -5.79 -40.13
N PRO C 288 33.87 -5.39 -39.36
CA PRO C 288 35.26 -5.75 -39.68
C PRO C 288 35.64 -7.17 -39.30
N PHE C 289 34.67 -8.01 -38.93
CA PHE C 289 34.92 -9.38 -38.53
C PHE C 289 33.67 -10.18 -38.86
N ASP C 290 33.77 -11.50 -38.71
CA ASP C 290 32.61 -12.35 -38.51
C ASP C 290 32.98 -13.37 -37.45
N GLN C 291 32.00 -14.20 -37.06
CA GLN C 291 32.11 -14.89 -35.78
C GLN C 291 33.04 -16.12 -35.82
N HIS C 292 33.53 -16.53 -36.99
CA HIS C 292 34.63 -17.50 -36.99
C HIS C 292 35.86 -16.94 -36.29
N GLU C 293 36.00 -15.62 -36.24
CA GLU C 293 37.14 -15.01 -35.56
C GLU C 293 36.94 -14.95 -34.04
N LEU C 294 35.73 -14.62 -33.58
CA LEU C 294 35.45 -14.67 -32.15
C LEU C 294 35.71 -16.06 -31.60
N ILE C 295 35.24 -17.10 -32.29
CA ILE C 295 35.50 -18.46 -31.82
C ILE C 295 37.00 -18.75 -31.83
N ALA C 296 37.72 -18.25 -32.84
CA ALA C 296 39.15 -18.54 -32.92
C ALA C 296 39.93 -17.86 -31.81
N LEU C 297 39.37 -16.84 -31.16
CA LEU C 297 40.08 -16.22 -30.04
C LEU C 297 40.17 -17.16 -28.84
N CYS C 298 39.43 -18.25 -28.83
CA CYS C 298 39.58 -19.25 -27.78
C CYS C 298 40.82 -20.13 -27.97
N ALA C 299 41.34 -20.22 -29.20
CA ALA C 299 42.47 -21.10 -29.47
C ALA C 299 43.68 -20.67 -28.63
N PRO C 300 44.49 -21.62 -28.12
CA PRO C 300 44.36 -23.06 -28.34
C PRO C 300 43.54 -23.79 -27.28
N ARG C 301 42.73 -23.08 -26.52
CA ARG C 301 41.86 -23.76 -25.55
C ARG C 301 40.67 -24.37 -26.29
N THR C 302 39.94 -25.26 -25.63
CA THR C 302 38.94 -26.05 -26.33
C THR C 302 37.56 -25.35 -26.35
N VAL C 303 36.82 -25.60 -27.43
CA VAL C 303 35.52 -24.99 -27.66
C VAL C 303 34.58 -26.07 -28.18
N LEU C 304 33.35 -26.09 -27.66
CA LEU C 304 32.30 -26.99 -28.13
C LEU C 304 31.07 -26.17 -28.46
N ILE C 305 30.61 -26.26 -29.70
CA ILE C 305 29.39 -25.58 -30.13
C ILE C 305 28.24 -26.57 -30.02
N THR C 306 27.24 -26.24 -29.21
CA THR C 306 26.05 -27.09 -29.10
C THR C 306 24.81 -26.28 -29.45
N GLY C 307 23.70 -26.96 -29.65
CA GLY C 307 22.47 -26.29 -30.07
C GLY C 307 21.61 -27.23 -30.88
N GLY C 308 20.67 -26.65 -31.62
CA GLY C 308 19.65 -27.42 -32.33
C GLY C 308 19.74 -27.30 -33.84
N TYR C 309 19.63 -28.44 -34.53
CA TYR C 309 19.60 -28.43 -36.00
C TYR C 309 18.39 -27.68 -36.56
N SER C 310 17.30 -27.57 -35.79
CA SER C 310 16.09 -26.88 -36.24
C SER C 310 15.78 -25.66 -35.39
N ASP C 311 16.78 -25.17 -34.65
CA ASP C 311 16.62 -23.97 -33.83
C ASP C 311 16.92 -22.76 -34.72
N TRP C 312 15.93 -22.40 -35.54
CA TRP C 312 16.18 -21.57 -36.73
C TRP C 312 16.65 -20.17 -36.35
N GLY C 313 16.10 -19.62 -35.27
CA GLY C 313 16.52 -18.30 -34.84
C GLY C 313 18.01 -18.22 -34.56
N THR C 314 18.62 -19.33 -34.12
CA THR C 314 20.05 -19.38 -33.83
C THR C 314 20.91 -19.68 -35.04
N ASN C 315 20.31 -19.85 -36.23
CA ASN C 315 21.02 -19.99 -37.50
C ASN C 315 21.92 -21.22 -37.51
N PRO C 316 21.36 -22.43 -37.60
CA PRO C 316 22.17 -23.66 -37.49
C PRO C 316 23.31 -23.77 -38.50
N GLU C 317 23.04 -23.60 -39.79
CA GLU C 317 24.14 -23.74 -40.74
C GLU C 317 25.08 -22.53 -40.70
N GLY C 318 24.57 -21.35 -40.37
CA GLY C 318 25.46 -20.22 -40.11
C GLY C 318 26.42 -20.48 -38.97
N THR C 319 25.98 -21.23 -37.96
CA THR C 319 26.87 -21.60 -36.86
C THR C 319 27.94 -22.59 -37.34
N TRP C 320 27.55 -23.54 -38.19
CA TRP C 320 28.51 -24.41 -38.86
C TRP C 320 29.53 -23.62 -39.67
N VAL C 321 29.09 -22.60 -40.39
CA VAL C 321 30.00 -21.76 -41.16
C VAL C 321 31.08 -21.18 -40.25
N SER C 322 30.69 -20.66 -39.09
CA SER C 322 31.68 -20.07 -38.19
C SER C 322 32.62 -21.13 -37.62
N PHE C 323 32.07 -22.31 -37.29
CA PHE C 323 32.88 -23.41 -36.78
C PHE C 323 33.96 -23.81 -37.77
N VAL C 324 33.57 -24.03 -39.04
CA VAL C 324 34.53 -24.41 -40.08
C VAL C 324 35.61 -23.35 -40.23
N GLY C 325 35.21 -22.07 -40.29
CA GLY C 325 36.19 -21.01 -40.43
C GLY C 325 37.10 -20.89 -39.22
N ALA C 326 36.51 -21.02 -38.01
CA ALA C 326 37.31 -20.97 -36.79
C ALA C 326 38.29 -22.12 -36.72
N ARG C 327 37.86 -23.32 -37.12
CA ARG C 327 38.74 -24.47 -37.06
C ARG C 327 40.01 -24.30 -37.91
N LYS C 328 40.00 -23.42 -38.91
CA LYS C 328 41.24 -23.15 -39.66
C LYS C 328 42.33 -22.62 -38.74
N VAL C 329 41.95 -21.79 -37.76
CA VAL C 329 42.96 -21.27 -36.83
C VAL C 329 43.45 -22.39 -35.92
N TYR C 330 42.55 -23.23 -35.43
CA TYR C 330 42.97 -24.37 -34.62
C TYR C 330 43.89 -25.28 -35.42
N GLU C 331 43.58 -25.53 -36.70
N GLU C 331 43.57 -25.48 -36.71
CA GLU C 331 44.47 -26.29 -37.54
CA GLU C 331 44.41 -26.27 -37.61
C GLU C 331 45.82 -25.61 -37.65
C GLU C 331 45.79 -25.63 -37.77
N PHE C 332 45.82 -24.31 -37.98
CA PHE C 332 47.07 -23.56 -38.08
C PHE C 332 47.94 -23.75 -36.85
N LEU C 333 47.33 -23.71 -35.67
CA LEU C 333 48.07 -23.88 -34.42
C LEU C 333 48.33 -25.34 -34.07
N GLY C 334 48.02 -26.27 -34.97
CA GLY C 334 48.28 -27.67 -34.70
C GLY C 334 47.39 -28.33 -33.65
N VAL C 335 46.20 -27.79 -33.39
CA VAL C 335 45.32 -28.33 -32.35
C VAL C 335 43.90 -28.48 -32.89
N ALA C 336 43.76 -29.03 -34.10
CA ALA C 336 42.45 -29.07 -34.74
C ALA C 336 41.43 -29.85 -33.91
N ASP C 337 41.89 -30.82 -33.11
CA ASP C 337 41.00 -31.65 -32.29
C ASP C 337 40.31 -30.88 -31.18
N ARG C 338 40.74 -29.66 -30.87
CA ARG C 338 40.26 -28.98 -29.66
C ARG C 338 38.99 -28.16 -29.90
N ILE C 339 38.47 -28.14 -31.13
CA ILE C 339 37.22 -27.45 -31.44
C ILE C 339 36.23 -28.49 -31.95
N GLY C 340 35.03 -28.50 -31.39
CA GLY C 340 34.04 -29.51 -31.71
C GLY C 340 32.67 -28.93 -31.94
N PHE C 341 31.85 -29.72 -32.62
CA PHE C 341 30.51 -29.31 -33.06
C PHE C 341 29.54 -30.42 -32.64
N ALA C 342 28.45 -30.06 -31.96
CA ALA C 342 27.46 -31.10 -31.60
C ALA C 342 26.07 -30.45 -31.50
N LEU C 343 25.37 -30.42 -32.63
CA LEU C 343 23.96 -30.05 -32.67
C LEU C 343 23.10 -31.29 -32.54
N ARG C 344 21.84 -31.09 -32.16
CA ARG C 344 20.92 -32.21 -32.01
C ARG C 344 19.53 -31.75 -32.43
N ASP C 345 18.52 -32.58 -32.24
CA ASP C 345 17.18 -32.14 -32.62
C ASP C 345 16.53 -31.38 -31.46
N GLY C 346 15.46 -31.88 -30.88
CA GLY C 346 14.83 -31.21 -29.71
C GLY C 346 14.43 -29.76 -29.93
N SER C 347 14.40 -29.00 -28.83
CA SER C 347 13.78 -27.67 -28.78
C SER C 347 14.81 -26.61 -28.34
N HIS C 348 14.38 -25.35 -28.37
CA HIS C 348 15.22 -24.21 -27.98
C HIS C 348 15.26 -24.13 -26.45
N ALA C 349 16.16 -24.91 -25.88
CA ALA C 349 16.30 -25.10 -24.44
C ALA C 349 17.62 -25.81 -24.20
N ILE C 350 17.96 -26.01 -22.93
CA ILE C 350 19.00 -26.96 -22.57
C ILE C 350 18.38 -28.35 -22.45
N THR C 351 18.94 -29.34 -23.14
CA THR C 351 18.43 -30.70 -23.05
C THR C 351 19.50 -31.63 -22.50
N GLU C 352 19.04 -32.79 -22.00
CA GLU C 352 19.98 -33.75 -21.44
C GLU C 352 21.05 -34.15 -22.44
N GLU C 353 20.71 -34.18 -23.73
CA GLU C 353 21.71 -34.51 -24.73
C GLU C 353 22.79 -33.45 -24.83
N ASP C 354 22.44 -32.17 -24.67
CA ASP C 354 23.45 -31.11 -24.67
C ASP C 354 24.45 -31.29 -23.54
N VAL C 355 23.96 -31.59 -22.34
CA VAL C 355 24.85 -31.73 -21.20
C VAL C 355 25.69 -33.00 -21.33
N ASN C 356 25.10 -34.09 -21.83
CA ASN C 356 25.92 -35.29 -22.02
C ASN C 356 26.98 -35.07 -23.10
N ASN C 357 26.63 -34.38 -24.19
CA ASN C 357 27.65 -34.06 -25.19
C ASN C 357 28.78 -33.25 -24.57
N LEU C 358 28.44 -32.24 -23.75
CA LEU C 358 29.49 -31.47 -23.08
C LEU C 358 30.34 -32.37 -22.19
N LEU C 359 29.70 -33.25 -21.41
CA LEU C 359 30.46 -34.09 -20.50
C LEU C 359 31.36 -35.07 -21.26
N ASP C 360 30.88 -35.59 -22.39
CA ASP C 360 31.72 -36.46 -23.23
C ASP C 360 32.89 -35.69 -23.83
N PHE C 361 32.64 -34.46 -24.30
CA PHE C 361 33.72 -33.64 -24.84
C PHE C 361 34.74 -33.31 -23.74
N CYS C 362 34.26 -33.01 -22.52
CA CYS C 362 35.18 -32.68 -21.44
C CYS C 362 35.99 -33.89 -20.99
N ASP C 363 35.35 -35.07 -20.93
CA ASP C 363 36.08 -36.28 -20.55
C ASP C 363 37.20 -36.57 -21.56
N TRP C 364 36.95 -36.28 -22.84
CA TRP C 364 37.98 -36.44 -23.86
C TRP C 364 39.08 -35.40 -23.66
N GLN C 365 38.71 -34.12 -23.62
CA GLN C 365 39.71 -33.07 -23.67
C GLN C 365 40.46 -32.94 -22.35
N LEU C 366 39.78 -33.20 -21.23
CA LEU C 366 40.37 -32.98 -19.92
C LEU C 366 40.87 -34.26 -19.25
N ARG C 367 40.33 -35.42 -19.63
CA ARG C 367 40.69 -36.69 -19.01
C ARG C 367 41.20 -37.74 -19.99
N GLY C 368 41.27 -37.43 -21.29
CA GLY C 368 41.83 -38.37 -22.23
C GLY C 368 40.98 -39.58 -22.54
N ILE C 369 39.70 -39.56 -22.21
CA ILE C 369 38.79 -40.67 -22.52
C ILE C 369 38.27 -40.49 -23.95
N GLN C 370 38.55 -41.48 -24.80
CA GLN C 370 38.13 -41.37 -26.20
C GLN C 370 36.62 -41.29 -26.30
N PRO C 371 36.08 -40.36 -27.10
CA PRO C 371 34.63 -40.22 -27.23
C PRO C 371 34.06 -41.14 -28.30
N THR C 372 32.80 -41.51 -28.11
CA THR C 372 32.10 -42.25 -29.15
C THR C 372 31.71 -41.34 -30.31
N LYS C 373 31.39 -40.08 -30.01
CA LYS C 373 30.91 -39.14 -31.00
C LYS C 373 32.06 -38.54 -31.79
N ASP C 374 31.79 -38.29 -33.07
CA ASP C 374 32.71 -37.54 -33.94
C ASP C 374 32.32 -36.07 -33.86
N PHE C 375 33.09 -35.30 -33.07
CA PHE C 375 32.82 -33.86 -32.92
C PHE C 375 33.31 -33.02 -34.08
N SER C 376 33.88 -33.63 -35.13
CA SER C 376 34.44 -32.85 -36.24
C SER C 376 33.52 -32.78 -37.46
N THR C 377 32.45 -33.57 -37.51
CA THR C 377 31.54 -33.55 -38.65
C THR C 377 30.13 -33.26 -38.17
N SER C 378 29.24 -33.01 -39.12
CA SER C 378 27.85 -32.71 -38.79
C SER C 378 26.97 -33.15 -39.97
N ARG C 379 25.69 -32.83 -39.89
CA ARG C 379 24.78 -33.06 -41.01
C ARG C 379 25.03 -32.11 -42.17
N PHE C 380 25.84 -31.08 -41.99
CA PHE C 380 26.03 -30.06 -43.02
C PHE C 380 27.22 -30.42 -43.91
N ALA C 381 27.09 -30.11 -45.19
CA ALA C 381 28.20 -30.12 -46.11
C ALA C 381 29.08 -28.89 -45.88
N ILE C 382 30.29 -28.93 -46.42
CA ILE C 382 31.18 -27.77 -46.43
C ILE C 382 31.17 -27.22 -47.85
N ASP C 383 30.62 -26.02 -48.01
CA ASP C 383 30.42 -25.43 -49.33
C ASP C 383 31.60 -24.51 -49.66
N PRO C 384 32.32 -24.74 -50.76
CA PRO C 384 33.46 -23.86 -51.09
C PRO C 384 33.06 -22.39 -51.23
N ALA C 385 31.79 -22.09 -51.51
CA ALA C 385 31.37 -20.69 -51.59
C ALA C 385 31.67 -19.93 -50.32
N TRP C 386 31.42 -20.53 -49.15
CA TRP C 386 31.67 -19.83 -47.90
C TRP C 386 32.87 -20.35 -47.13
N ASP C 387 33.41 -21.51 -47.50
CA ASP C 387 34.61 -22.05 -46.85
C ASP C 387 35.85 -21.39 -47.45
N THR C 388 35.99 -20.09 -47.19
CA THR C 388 36.99 -19.26 -47.86
C THR C 388 38.18 -18.90 -46.97
N ILE C 389 38.32 -19.51 -45.80
CA ILE C 389 39.46 -19.25 -44.93
C ILE C 389 40.51 -20.32 -45.20
N SER C 390 41.73 -19.89 -45.57
CA SER C 390 42.83 -20.79 -45.92
C SER C 390 43.88 -20.77 -44.81
N VAL C 391 44.28 -21.96 -44.34
CA VAL C 391 45.41 -22.07 -43.42
C VAL C 391 46.69 -21.63 -44.13
N PRO C 392 47.45 -20.68 -43.59
CA PRO C 392 48.73 -20.32 -44.22
C PRO C 392 49.65 -21.54 -44.35
N THR C 393 50.20 -21.69 -45.55
CA THR C 393 51.14 -22.77 -45.85
C THR C 393 52.14 -22.99 -44.71
N SER D 12 8.23 -10.87 -21.42
CA SER D 12 8.71 -12.22 -21.64
C SER D 12 8.60 -13.12 -20.41
N GLU D 13 8.09 -14.33 -20.63
CA GLU D 13 7.90 -15.30 -19.56
C GLU D 13 8.93 -16.43 -19.63
N ASN D 14 9.98 -16.26 -20.43
CA ASN D 14 11.02 -17.28 -20.52
C ASN D 14 11.81 -17.32 -19.20
N LEU D 15 11.57 -18.35 -18.39
CA LEU D 15 12.19 -18.40 -17.07
C LEU D 15 13.69 -18.63 -17.12
N TYR D 16 14.26 -19.06 -18.27
CA TYR D 16 15.71 -19.19 -18.34
C TYR D 16 16.42 -17.89 -18.01
N PHE D 17 15.76 -16.74 -18.22
CA PHE D 17 16.44 -15.46 -18.11
C PHE D 17 15.87 -14.58 -17.01
N GLN D 18 15.19 -15.18 -16.02
N GLN D 18 15.19 -15.18 -16.02
CA GLN D 18 14.57 -14.42 -14.95
CA GLN D 18 14.56 -14.42 -14.95
C GLN D 18 15.06 -14.82 -13.57
C GLN D 18 15.04 -14.85 -13.56
N GLY D 19 16.12 -15.62 -13.47
CA GLY D 19 16.58 -16.11 -12.17
C GLY D 19 17.33 -15.06 -11.35
N HIS D 20 17.37 -15.32 -10.04
N HIS D 20 17.28 -15.25 -10.03
CA HIS D 20 18.00 -14.44 -9.05
CA HIS D 20 18.03 -14.45 -9.07
C HIS D 20 18.34 -15.29 -7.83
C HIS D 20 18.38 -15.36 -7.90
N ILE D 21 19.56 -15.18 -7.31
CA ILE D 21 20.01 -16.01 -6.21
C ILE D 21 20.18 -15.15 -4.95
N GLU D 22 19.37 -15.45 -3.94
CA GLU D 22 19.57 -14.99 -2.57
C GLU D 22 20.10 -16.16 -1.75
N THR D 23 20.73 -15.82 -0.64
CA THR D 23 21.19 -16.86 0.29
C THR D 23 20.23 -16.86 1.49
N LEU D 24 19.53 -17.99 1.68
CA LEU D 24 18.46 -18.17 2.67
C LEU D 24 19.00 -18.85 3.92
N PRO D 25 18.70 -18.32 5.10
CA PRO D 25 19.06 -19.04 6.34
C PRO D 25 18.51 -20.47 6.31
N ASP D 26 19.29 -21.39 6.86
CA ASP D 26 19.04 -22.82 6.74
C ASP D 26 18.32 -23.35 7.98
N SER D 27 17.09 -23.85 7.78
CA SER D 27 16.35 -24.49 8.86
C SER D 27 17.14 -25.63 9.50
N PHE D 28 17.95 -26.33 8.72
CA PHE D 28 18.60 -27.54 9.20
C PHE D 28 20.01 -27.29 9.77
N THR D 29 20.40 -26.04 9.98
CA THR D 29 21.68 -25.73 10.59
C THR D 29 21.43 -25.06 11.94
N PHE D 30 21.90 -25.68 13.02
CA PHE D 30 21.81 -25.09 14.35
C PHE D 30 22.54 -23.76 14.42
N TYR D 31 22.22 -22.99 15.46
CA TYR D 31 22.85 -21.67 15.62
C TYR D 31 24.37 -21.78 15.64
N ASP D 32 24.91 -22.83 16.27
CA ASP D 32 26.35 -22.98 16.41
C ASP D 32 27.04 -23.49 15.15
N GLY D 33 26.29 -24.03 14.19
CA GLY D 33 26.85 -24.51 12.94
C GLY D 33 26.73 -26.01 12.75
N THR D 34 26.42 -26.77 13.80
CA THR D 34 26.16 -28.19 13.63
C THR D 34 24.84 -28.40 12.88
N LYS D 35 24.64 -29.63 12.42
CA LYS D 35 23.54 -29.93 11.52
C LYS D 35 22.44 -30.71 12.22
N VAL D 36 21.20 -30.43 11.82
CA VAL D 36 20.05 -31.25 12.19
C VAL D 36 20.11 -32.52 11.35
N GLN D 37 20.14 -33.68 12.01
CA GLN D 37 20.39 -34.93 11.30
C GLN D 37 19.39 -36.02 11.62
N ARG D 38 18.91 -36.08 12.86
CA ARG D 38 17.88 -37.02 13.24
C ARG D 38 16.59 -36.27 13.58
N LEU D 39 15.48 -37.01 13.56
CA LEU D 39 14.19 -36.44 13.93
C LEU D 39 14.26 -35.79 15.31
N SER D 40 15.02 -36.39 16.22
CA SER D 40 15.07 -35.88 17.59
C SER D 40 15.82 -34.57 17.69
N ASP D 41 16.60 -34.21 16.66
CA ASP D 41 17.23 -32.90 16.65
C ASP D 41 16.23 -31.78 16.42
N TRP D 42 15.07 -32.05 15.79
CA TRP D 42 14.26 -30.93 15.34
C TRP D 42 13.69 -30.14 16.51
N PRO D 43 13.18 -30.78 17.57
CA PRO D 43 12.63 -29.99 18.69
C PRO D 43 13.62 -28.99 19.24
N LYS D 44 14.90 -29.35 19.34
CA LYS D 44 15.89 -28.39 19.83
C LYS D 44 16.10 -27.27 18.83
N ARG D 45 16.03 -27.57 17.53
CA ARG D 45 16.16 -26.52 16.54
C ARG D 45 14.94 -25.60 16.55
N ALA D 46 13.75 -26.17 16.69
CA ALA D 46 12.55 -25.34 16.76
C ALA D 46 12.62 -24.37 17.92
N GLN D 47 13.14 -24.82 19.07
CA GLN D 47 13.28 -23.92 20.21
C GLN D 47 14.25 -22.78 19.92
N GLU D 48 15.37 -23.06 19.23
CA GLU D 48 16.28 -21.99 18.82
C GLU D 48 15.56 -20.97 17.94
N LEU D 49 14.79 -21.44 16.95
CA LEU D 49 14.08 -20.53 16.06
C LEU D 49 13.03 -19.72 16.83
N LYS D 50 12.34 -20.34 17.77
CA LYS D 50 11.39 -19.56 18.58
C LYS D 50 12.11 -18.43 19.32
N ASP D 51 13.27 -18.73 19.91
CA ASP D 51 14.04 -17.70 20.60
C ASP D 51 14.47 -16.59 19.65
N LEU D 52 14.95 -16.95 18.45
CA LEU D 52 15.39 -15.93 17.52
C LEU D 52 14.24 -15.04 17.06
N TYR D 53 13.08 -15.64 16.79
CA TYR D 53 11.95 -14.84 16.33
C TYR D 53 11.44 -13.91 17.43
N GLN D 54 11.45 -14.37 18.68
CA GLN D 54 11.01 -13.51 19.78
C GLN D 54 11.98 -12.34 20.00
N PHE D 55 13.28 -12.62 20.04
CA PHE D 55 14.22 -11.55 20.34
C PHE D 55 14.35 -10.57 19.17
N TYR D 56 14.41 -11.07 17.93
CA TYR D 56 14.76 -10.21 16.80
C TYR D 56 13.56 -9.65 16.04
N MET D 57 12.33 -10.05 16.38
CA MET D 57 11.22 -9.67 15.54
C MET D 57 9.93 -9.39 16.32
N TYR D 58 9.36 -10.39 17.01
CA TYR D 58 8.02 -10.22 17.57
C TYR D 58 7.99 -9.85 19.05
N GLY D 59 9.09 -10.01 19.78
CA GLY D 59 9.04 -9.97 21.23
C GLY D 59 8.53 -11.30 21.80
N TYR D 60 8.65 -11.42 23.13
CA TYR D 60 8.42 -12.70 23.80
C TYR D 60 6.97 -12.90 24.21
N LYS D 61 6.47 -14.12 24.00
CA LYS D 61 5.18 -14.52 24.55
C LYS D 61 5.29 -14.67 26.07
N PRO D 62 4.39 -14.07 26.85
CA PRO D 62 4.50 -14.21 28.32
C PRO D 62 4.28 -15.64 28.77
N ASP D 63 4.75 -15.93 29.98
CA ASP D 63 4.66 -17.27 30.57
C ASP D 63 3.20 -17.60 30.91
N THR D 64 2.64 -18.61 30.24
N THR D 64 2.64 -18.62 30.24
CA THR D 64 1.23 -18.94 30.42
CA THR D 64 1.23 -18.94 30.41
C THR D 64 0.95 -19.64 31.74
C THR D 64 0.94 -19.69 31.70
N SER D 65 1.96 -20.28 32.34
CA SER D 65 1.74 -21.06 33.56
C SER D 65 1.28 -20.22 34.74
N VAL D 66 1.50 -18.91 34.72
CA VAL D 66 1.09 -18.03 35.81
C VAL D 66 -0.07 -17.14 35.41
N GLU D 67 -0.75 -17.45 34.31
CA GLU D 67 -1.96 -16.74 33.89
C GLU D 67 -3.18 -17.53 34.33
N ASP D 68 -4.11 -16.86 35.00
CA ASP D 68 -5.34 -17.48 35.47
C ASP D 68 -6.49 -17.04 34.56
N VAL D 69 -7.01 -17.96 33.77
CA VAL D 69 -8.00 -17.66 32.74
C VAL D 69 -9.36 -18.18 33.18
N THR D 70 -10.37 -17.31 33.18
CA THR D 70 -11.75 -17.67 33.49
C THR D 70 -12.65 -17.05 32.42
N TYR D 71 -13.94 -17.38 32.49
CA TYR D 71 -14.83 -17.03 31.39
C TYR D 71 -16.27 -17.01 31.84
N SER D 72 -17.12 -16.38 31.03
CA SER D 72 -18.55 -16.55 31.12
C SER D 72 -19.11 -16.60 29.72
N VAL D 73 -20.22 -17.31 29.55
CA VAL D 73 -20.86 -17.46 28.27
C VAL D 73 -22.24 -16.83 28.39
N ASN D 74 -22.49 -15.78 27.60
CA ASN D 74 -23.71 -14.99 27.70
C ASN D 74 -24.30 -14.86 26.29
N GLY D 75 -25.34 -15.64 26.00
CA GLY D 75 -25.84 -15.67 24.64
C GLY D 75 -24.76 -16.16 23.72
N ASN D 76 -24.47 -15.39 22.67
CA ASN D 76 -23.36 -15.70 21.76
C ASN D 76 -22.06 -15.00 22.16
N THR D 77 -21.96 -14.50 23.39
CA THR D 77 -20.79 -13.75 23.82
C THR D 77 -19.98 -14.57 24.80
N LEU D 78 -18.72 -14.84 24.47
CA LEU D 78 -17.78 -15.51 25.36
C LEU D 78 -16.85 -14.43 25.92
N THR D 79 -16.95 -14.18 27.23
CA THR D 79 -16.13 -13.16 27.88
C THR D 79 -14.93 -13.83 28.53
N ILE D 80 -13.74 -13.47 28.08
CA ILE D 80 -12.48 -14.01 28.57
C ILE D 80 -11.93 -13.05 29.62
N THR D 81 -11.52 -13.58 30.77
CA THR D 81 -10.86 -12.78 31.79
C THR D 81 -9.56 -13.46 32.16
N VAL D 82 -8.47 -12.68 32.22
CA VAL D 82 -7.15 -13.21 32.55
C VAL D 82 -6.62 -12.43 33.74
N LYS D 83 -6.13 -13.15 34.75
CA LYS D 83 -5.52 -12.57 35.95
C LYS D 83 -4.04 -12.92 35.97
N VAL D 84 -3.19 -11.92 36.18
CA VAL D 84 -1.75 -12.08 36.25
C VAL D 84 -1.24 -11.21 37.39
N GLY D 85 -0.70 -11.85 38.43
CA GLY D 85 -0.41 -11.08 39.63
C GLY D 85 -1.68 -10.44 40.14
N ASP D 86 -1.61 -9.14 40.45
CA ASP D 86 -2.78 -8.43 40.95
C ASP D 86 -3.46 -7.60 39.86
N LYS D 87 -3.19 -7.90 38.59
CA LYS D 87 -3.82 -7.25 37.46
C LYS D 87 -4.83 -8.21 36.81
N GLN D 88 -5.83 -7.65 36.16
CA GLN D 88 -6.71 -8.48 35.36
C GLN D 88 -7.30 -7.65 34.23
N ALA D 89 -7.67 -8.34 33.16
CA ALA D 89 -8.23 -7.71 31.98
C ALA D 89 -9.16 -8.72 31.31
N SER D 90 -10.08 -8.20 30.51
CA SER D 90 -11.08 -9.02 29.85
C SER D 90 -11.27 -8.56 28.41
N PHE D 91 -11.73 -9.49 27.58
CA PHE D 91 -12.23 -9.14 26.26
C PHE D 91 -13.29 -10.15 25.84
N ASN D 92 -14.09 -9.75 24.86
CA ASN D 92 -15.24 -10.51 24.41
C ASN D 92 -14.95 -11.15 23.06
N ALA D 93 -15.43 -12.36 22.90
CA ALA D 93 -15.44 -13.04 21.61
C ALA D 93 -16.88 -13.42 21.29
N THR D 94 -17.14 -13.60 20.00
CA THR D 94 -18.47 -13.96 19.50
C THR D 94 -18.45 -15.41 19.04
N VAL D 95 -19.42 -16.20 19.51
CA VAL D 95 -19.47 -17.64 19.24
C VAL D 95 -20.64 -17.95 18.31
N ARG D 96 -20.39 -18.76 17.29
CA ARG D 96 -21.45 -19.30 16.46
C ARG D 96 -21.26 -20.80 16.31
N LEU D 97 -22.34 -21.59 16.60
CA LEU D 97 -22.34 -23.05 16.54
C LEU D 97 -23.20 -23.56 15.41
N PRO D 98 -22.81 -24.66 14.76
CA PRO D 98 -23.72 -25.29 13.79
C PRO D 98 -24.96 -25.82 14.51
N GLN D 99 -26.00 -26.08 13.72
CA GLN D 99 -27.23 -26.67 14.23
C GLN D 99 -27.40 -28.07 13.65
N ALA D 100 -28.45 -28.76 14.11
CA ALA D 100 -28.64 -30.17 13.80
C ALA D 100 -28.49 -30.46 12.30
N ASN D 101 -28.91 -29.52 11.45
CA ASN D 101 -28.88 -29.70 10.01
C ASN D 101 -27.48 -29.83 9.43
N SER D 102 -26.43 -29.48 10.18
CA SER D 102 -25.08 -29.63 9.67
C SER D 102 -24.82 -31.03 9.14
N GLY D 103 -25.58 -32.03 9.59
CA GLY D 103 -25.24 -33.41 9.35
C GLY D 103 -24.14 -33.94 10.25
N TYR D 104 -23.54 -33.07 11.07
CA TYR D 104 -22.58 -33.45 12.08
C TYR D 104 -23.13 -33.11 13.45
N GLN D 105 -22.62 -33.80 14.44
CA GLN D 105 -23.02 -33.68 15.82
C GLN D 105 -21.88 -33.09 16.64
N PRO D 106 -22.18 -32.45 17.77
CA PRO D 106 -21.11 -32.00 18.67
C PRO D 106 -20.33 -33.19 19.19
N PRO D 107 -19.07 -32.99 19.62
CA PRO D 107 -18.36 -31.71 19.66
C PRO D 107 -17.85 -31.32 18.28
N TYR D 108 -17.86 -30.06 17.98
CA TYR D 108 -17.45 -29.52 16.69
C TYR D 108 -16.02 -29.01 16.74
N PRO D 109 -15.30 -29.13 15.64
CA PRO D 109 -14.07 -28.35 15.50
C PRO D 109 -14.42 -26.86 15.46
N VAL D 110 -13.44 -26.02 15.81
CA VAL D 110 -13.71 -24.61 15.99
C VAL D 110 -12.67 -23.81 15.21
N ILE D 111 -13.14 -22.84 14.43
CA ILE D 111 -12.30 -21.84 13.80
C ILE D 111 -12.27 -20.62 14.71
N ILE D 112 -11.08 -20.30 15.23
CA ILE D 112 -10.86 -19.08 16.00
C ILE D 112 -10.28 -18.06 15.03
N SER D 113 -11.05 -17.01 14.74
CA SER D 113 -10.71 -16.04 13.70
C SER D 113 -10.31 -14.74 14.35
N LEU D 114 -9.13 -14.23 13.99
CA LEU D 114 -8.70 -12.90 14.42
C LEU D 114 -9.36 -11.90 13.49
N GLY D 115 -10.39 -11.21 13.99
CA GLY D 115 -11.30 -10.47 13.15
C GLY D 115 -12.50 -11.32 12.76
N TYR D 116 -13.49 -10.67 12.16
CA TYR D 116 -14.65 -11.40 11.65
C TYR D 116 -14.27 -12.21 10.41
N LEU D 117 -14.82 -13.43 10.30
CA LEU D 117 -14.65 -14.24 9.10
C LEU D 117 -15.66 -13.74 8.06
N ALA D 118 -15.29 -12.66 7.39
CA ALA D 118 -16.26 -11.90 6.61
C ALA D 118 -15.51 -11.09 5.55
N GLY D 119 -16.04 -11.13 4.33
CA GLY D 119 -15.50 -10.33 3.26
C GLY D 119 -16.11 -8.94 3.23
N PHE D 120 -15.50 -8.06 2.44
CA PHE D 120 -15.92 -6.68 2.28
C PHE D 120 -16.34 -6.46 0.84
N ASN D 121 -17.56 -5.95 0.65
CA ASN D 121 -18.10 -5.62 -0.67
C ASN D 121 -17.73 -4.17 -0.97
N TRP D 122 -16.78 -3.96 -1.89
CA TRP D 122 -16.32 -2.62 -2.18
C TRP D 122 -17.35 -1.75 -2.91
N GLN D 123 -18.43 -2.34 -3.43
CA GLN D 123 -19.51 -1.57 -4.03
C GLN D 123 -20.36 -0.88 -2.95
N THR D 124 -20.88 -1.68 -2.01
CA THR D 124 -21.80 -1.22 -0.99
C THR D 124 -21.12 -0.91 0.33
N TRP D 125 -19.86 -1.29 0.49
CA TRP D 125 -19.17 -1.22 1.78
C TRP D 125 -19.91 -2.02 2.86
N GLN D 126 -20.68 -3.04 2.43
CA GLN D 126 -21.26 -4.04 3.32
C GLN D 126 -20.32 -5.23 3.47
N PHE D 127 -20.39 -5.88 4.64
CA PHE D 127 -19.68 -7.12 4.86
C PHE D 127 -20.52 -8.32 4.47
N ILE D 128 -19.84 -9.37 4.02
CA ILE D 128 -20.46 -10.65 3.66
C ILE D 128 -20.01 -11.66 4.71
N ASP D 129 -20.99 -12.26 5.42
CA ASP D 129 -20.68 -13.13 6.56
C ASP D 129 -20.37 -14.54 6.08
N TYR D 130 -19.11 -14.96 6.19
CA TYR D 130 -18.71 -16.33 5.83
C TYR D 130 -18.73 -17.29 7.01
N SER D 131 -19.07 -16.83 8.22
CA SER D 131 -19.29 -17.81 9.28
C SER D 131 -20.48 -18.71 8.96
N THR D 132 -21.40 -18.27 8.09
CA THR D 132 -22.47 -19.15 7.65
C THR D 132 -21.92 -20.37 6.92
N ASN D 133 -20.96 -20.16 6.01
CA ASN D 133 -20.36 -21.28 5.29
C ASN D 133 -19.74 -22.29 6.25
N ALA D 134 -19.06 -21.80 7.30
CA ALA D 134 -18.39 -22.67 8.24
C ALA D 134 -19.37 -23.50 9.05
N VAL D 135 -20.35 -22.83 9.70
CA VAL D 135 -21.28 -23.60 10.53
C VAL D 135 -22.08 -24.58 9.69
N ASN D 136 -22.39 -24.22 8.42
CA ASN D 136 -23.12 -25.13 7.55
C ASN D 136 -22.33 -26.39 7.25
N ARG D 137 -21.01 -26.35 7.40
CA ARG D 137 -20.17 -27.51 7.22
C ARG D 137 -19.72 -28.09 8.56
N GLY D 138 -20.44 -27.75 9.63
CA GLY D 138 -20.18 -28.34 10.93
C GLY D 138 -18.99 -27.78 11.67
N TYR D 139 -18.56 -26.54 11.38
CA TYR D 139 -17.48 -25.89 12.11
C TYR D 139 -18.05 -24.79 12.99
N ALA D 140 -17.68 -24.80 14.27
CA ALA D 140 -17.93 -23.63 15.11
C ALA D 140 -17.01 -22.50 14.68
N VAL D 141 -17.47 -21.27 14.91
CA VAL D 141 -16.65 -20.09 14.66
C VAL D 141 -16.67 -19.21 15.90
N ILE D 142 -15.48 -18.84 16.37
CA ILE D 142 -15.32 -17.86 17.45
C ILE D 142 -14.40 -16.76 16.95
N SER D 143 -14.88 -15.53 16.94
CA SER D 143 -14.09 -14.41 16.47
C SER D 143 -13.94 -13.40 17.59
N PHE D 144 -12.85 -12.66 17.56
CA PHE D 144 -12.71 -11.55 18.47
C PHE D 144 -12.14 -10.38 17.69
N MET D 145 -12.29 -9.18 18.24
N MET D 145 -12.29 -9.18 18.25
CA MET D 145 -11.78 -7.98 17.61
CA MET D 145 -11.77 -7.97 17.62
C MET D 145 -10.37 -7.73 18.13
C MET D 145 -10.36 -7.75 18.14
N PRO D 146 -9.32 -7.91 17.33
CA PRO D 146 -7.97 -7.87 17.89
C PRO D 146 -7.64 -6.56 18.58
N ASN D 147 -8.21 -5.44 18.15
CA ASN D 147 -7.91 -4.16 18.79
C ASN D 147 -8.31 -4.13 20.26
N ASP D 148 -9.29 -4.94 20.68
CA ASP D 148 -9.63 -5.07 22.10
C ASP D 148 -8.48 -5.66 22.91
N VAL D 149 -7.70 -6.56 22.29
CA VAL D 149 -6.57 -7.18 22.97
C VAL D 149 -5.34 -6.28 22.88
N ALA D 150 -5.09 -5.68 21.72
CA ALA D 150 -4.04 -4.69 21.55
C ALA D 150 -4.42 -3.76 20.42
N ARG D 151 -4.41 -2.46 20.69
CA ARG D 151 -4.71 -1.50 19.62
C ARG D 151 -3.65 -1.58 18.52
N ASP D 152 -4.11 -1.38 17.29
CA ASP D 152 -3.27 -1.44 16.10
C ASP D 152 -2.53 -0.10 15.92
N ASP D 153 -1.73 0.25 16.93
CA ASP D 153 -0.93 1.48 16.89
C ASP D 153 0.10 1.43 18.01
N SER D 154 0.83 2.54 18.15
CA SER D 154 1.91 2.62 19.13
C SER D 154 1.44 3.06 20.51
N SER D 155 0.14 3.05 20.79
CA SER D 155 -0.32 3.37 22.14
C SER D 155 0.05 2.28 23.13
N TYR D 156 0.23 1.04 22.66
CA TYR D 156 0.43 -0.13 23.51
C TYR D 156 -0.59 -0.17 24.64
N THR D 157 -1.86 -0.15 24.23
CA THR D 157 -2.99 -0.29 25.12
C THR D 157 -3.86 -1.43 24.62
N GLY D 158 -4.69 -1.95 25.52
CA GLY D 158 -5.54 -3.09 25.27
C GLY D 158 -5.42 -4.10 26.39
N ALA D 159 -6.29 -5.11 26.34
CA ALA D 159 -6.30 -6.11 27.41
C ALA D 159 -4.90 -6.66 27.66
N PHE D 160 -4.16 -6.97 26.58
CA PHE D 160 -2.84 -7.57 26.75
C PHE D 160 -1.89 -6.64 27.49
N TYR D 161 -1.82 -5.37 27.07
CA TYR D 161 -0.86 -4.44 27.69
C TYR D 161 -1.32 -3.96 29.06
N THR D 162 -2.60 -4.10 29.39
CA THR D 162 -3.02 -3.86 30.77
C THR D 162 -2.39 -4.88 31.71
N LEU D 163 -2.30 -6.14 31.26
CA LEU D 163 -1.63 -7.18 32.03
C LEU D 163 -0.11 -7.09 31.92
N TYR D 164 0.40 -6.73 30.73
CA TYR D 164 1.84 -6.70 30.44
C TYR D 164 2.24 -5.34 29.87
N PRO D 165 2.39 -4.33 30.73
CA PRO D 165 2.74 -2.99 30.22
C PRO D 165 3.99 -3.02 29.35
N HIS D 166 3.93 -2.28 28.26
CA HIS D 166 5.01 -2.30 27.28
C HIS D 166 6.15 -1.41 27.75
N SER D 167 7.37 -1.84 27.48
CA SER D 167 8.55 -0.99 27.65
C SER D 167 9.62 -1.52 26.72
N ASN D 168 10.80 -0.91 26.77
CA ASN D 168 11.90 -1.37 25.93
C ASN D 168 12.70 -2.51 26.57
N LYS D 169 12.45 -2.81 27.83
CA LYS D 169 12.98 -4.02 28.43
C LYS D 169 12.64 -5.22 27.56
N VAL D 170 13.61 -6.12 27.36
CA VAL D 170 13.43 -7.20 26.38
C VAL D 170 12.21 -8.04 26.71
N GLU D 171 11.99 -8.37 27.98
CA GLU D 171 10.84 -9.21 28.28
C GLU D 171 9.51 -8.45 28.22
N ASN D 172 9.55 -7.12 28.13
CA ASN D 172 8.33 -6.32 28.05
C ASN D 172 8.09 -5.75 26.66
N ASP D 173 9.06 -5.84 25.76
CA ASP D 173 8.93 -5.28 24.42
C ASP D 173 8.27 -6.33 23.53
N THR D 174 7.00 -6.60 23.83
CA THR D 174 6.20 -7.54 23.06
C THR D 174 5.36 -6.76 22.08
N GLY D 175 5.48 -7.10 20.79
CA GLY D 175 4.78 -6.37 19.75
C GLY D 175 3.32 -6.75 19.65
N VAL D 176 2.61 -6.02 18.79
CA VAL D 176 1.16 -6.15 18.73
C VAL D 176 0.74 -7.45 18.07
N LEU D 177 1.53 -7.96 17.11
CA LEU D 177 1.17 -9.23 16.47
C LEU D 177 1.22 -10.36 17.49
N MET D 178 2.25 -10.40 18.33
CA MET D 178 2.31 -11.40 19.38
C MET D 178 1.17 -11.21 20.38
N ALA D 179 0.78 -9.96 20.65
CA ALA D 179 -0.36 -9.72 21.54
C ALA D 179 -1.66 -10.28 20.95
N TRP D 180 -1.91 -10.03 19.67
CA TRP D 180 -3.10 -10.60 19.04
C TRP D 180 -3.07 -12.12 19.07
N ALA D 181 -1.90 -12.70 18.80
CA ALA D 181 -1.75 -14.15 18.90
C ALA D 181 -2.09 -14.65 20.29
N TRP D 182 -1.59 -13.97 21.33
CA TRP D 182 -1.93 -14.29 22.71
C TRP D 182 -3.45 -14.29 22.93
N GLY D 183 -4.15 -13.33 22.31
CA GLY D 183 -5.61 -13.32 22.42
C GLY D 183 -6.25 -14.60 21.91
N ALA D 184 -5.84 -15.05 20.72
CA ALA D 184 -6.38 -16.30 20.19
C ALA D 184 -6.10 -17.45 21.16
N SER D 185 -4.92 -17.47 21.76
CA SER D 185 -4.57 -18.54 22.69
C SER D 185 -5.36 -18.45 23.98
N LYS D 186 -5.74 -17.25 24.42
CA LYS D 186 -6.56 -17.19 25.64
C LYS D 186 -7.97 -17.72 25.39
N ILE D 187 -8.51 -17.51 24.19
CA ILE D 187 -9.76 -18.16 23.83
C ILE D 187 -9.60 -19.68 23.91
N LEU D 188 -8.52 -20.20 23.36
CA LEU D 188 -8.28 -21.64 23.41
C LEU D 188 -8.16 -22.12 24.85
N ASP D 189 -7.51 -21.32 25.72
CA ASP D 189 -7.47 -21.63 27.15
C ASP D 189 -8.88 -21.85 27.73
N ALA D 190 -9.79 -20.92 27.45
CA ALA D 190 -11.15 -21.07 27.96
C ALA D 190 -11.81 -22.35 27.42
N LEU D 191 -11.63 -22.63 26.12
CA LEU D 191 -12.23 -23.81 25.53
C LEU D 191 -11.68 -25.08 26.15
N GLU D 192 -10.38 -25.11 26.39
CA GLU D 192 -9.72 -26.25 27.00
C GLU D 192 -10.27 -26.51 28.41
N LYS D 193 -10.61 -25.45 29.14
CA LYS D 193 -11.24 -25.61 30.45
C LYS D 193 -12.71 -25.98 30.38
N GLY D 194 -13.33 -25.98 29.20
CA GLY D 194 -14.70 -26.41 29.07
C GLY D 194 -15.73 -25.31 28.87
N ALA D 195 -15.32 -24.11 28.44
CA ALA D 195 -16.24 -22.98 28.34
C ALA D 195 -17.42 -23.31 27.43
N ILE D 196 -17.17 -23.94 26.28
CA ILE D 196 -18.22 -24.26 25.32
C ILE D 196 -18.21 -25.77 25.08
N PRO D 197 -19.00 -26.55 25.83
CA PRO D 197 -18.88 -28.01 25.72
C PRO D 197 -19.20 -28.57 24.33
N GLU D 198 -19.94 -27.85 23.50
CA GLU D 198 -20.20 -28.33 22.14
C GLU D 198 -18.97 -28.27 21.24
N ILE D 199 -17.86 -27.72 21.71
CA ILE D 199 -16.67 -27.53 20.87
C ILE D 199 -15.56 -28.47 21.32
N ASP D 200 -14.82 -29.01 20.35
CA ASP D 200 -13.66 -29.89 20.62
C ASP D 200 -12.39 -29.06 20.53
N ALA D 201 -11.84 -28.69 21.70
CA ALA D 201 -10.65 -27.86 21.78
C ALA D 201 -9.41 -28.53 21.18
N LYS D 202 -9.46 -29.84 20.91
CA LYS D 202 -8.37 -30.53 20.23
C LYS D 202 -8.42 -30.37 18.72
N LYS D 203 -9.45 -29.72 18.19
CA LYS D 203 -9.58 -29.53 16.75
C LYS D 203 -9.77 -28.04 16.48
N ALA D 204 -8.79 -27.26 16.94
CA ALA D 204 -8.86 -25.81 16.86
C ALA D 204 -8.08 -25.32 15.65
N ILE D 205 -8.68 -24.41 14.91
CA ILE D 205 -8.12 -23.79 13.71
C ILE D 205 -7.99 -22.30 13.99
N VAL D 206 -6.83 -21.71 13.72
CA VAL D 206 -6.64 -20.28 13.86
C VAL D 206 -6.47 -19.67 12.47
N THR D 207 -7.23 -18.61 12.18
CA THR D 207 -7.19 -17.95 10.88
C THR D 207 -7.26 -16.44 11.09
N GLY D 208 -6.78 -15.70 10.08
CA GLY D 208 -6.85 -14.25 10.08
C GLY D 208 -6.44 -13.73 8.72
N PHE D 209 -6.95 -12.56 8.35
CA PHE D 209 -6.68 -11.95 7.06
C PHE D 209 -5.74 -10.76 7.20
N SER D 210 -4.76 -10.68 6.31
CA SER D 210 -3.91 -9.51 6.16
C SER D 210 -3.04 -9.33 7.41
N ARG D 211 -3.10 -8.16 8.05
CA ARG D 211 -2.39 -7.96 9.30
C ARG D 211 -2.76 -9.03 10.34
N TYR D 212 -4.03 -9.45 10.35
CA TYR D 212 -4.44 -10.49 11.28
C TYR D 212 -3.95 -11.85 10.81
N GLY D 213 -3.64 -11.99 9.53
CA GLY D 213 -3.03 -13.21 9.05
C GLY D 213 -1.61 -13.36 9.53
N LYS D 214 -0.85 -12.25 9.58
CA LYS D 214 0.48 -12.33 10.18
C LYS D 214 0.36 -12.86 11.60
N ALA D 215 -0.60 -12.34 12.38
CA ALA D 215 -0.74 -12.75 13.77
C ALA D 215 -1.22 -14.19 13.89
N ALA D 216 -2.06 -14.65 12.95
CA ALA D 216 -2.50 -16.05 12.99
C ALA D 216 -1.32 -17.01 12.81
N LEU D 217 -0.36 -16.66 11.95
CA LEU D 217 0.83 -17.50 11.81
C LEU D 217 1.65 -17.51 13.10
N VAL D 218 1.81 -16.34 13.74
CA VAL D 218 2.52 -16.31 15.01
C VAL D 218 1.80 -17.18 16.04
N ALA D 219 0.47 -17.08 16.10
CA ALA D 219 -0.26 -17.89 17.08
C ALA D 219 -0.05 -19.38 16.83
N GLY D 220 -0.06 -19.80 15.55
CA GLY D 220 0.16 -21.20 15.24
C GLY D 220 1.57 -21.66 15.58
N ALA D 221 2.56 -20.80 15.31
CA ALA D 221 3.95 -21.16 15.60
C ALA D 221 4.23 -21.23 17.09
N PHE D 222 3.60 -20.37 17.89
CA PHE D 222 3.95 -20.25 19.30
C PHE D 222 2.92 -20.88 20.24
N ASP D 223 1.86 -21.49 19.71
CA ASP D 223 0.89 -22.22 20.53
C ASP D 223 0.64 -23.57 19.87
N GLU D 224 1.32 -24.61 20.37
CA GLU D 224 1.25 -25.93 19.74
C GLU D 224 -0.12 -26.57 19.84
N ARG D 225 -1.07 -25.99 20.55
CA ARG D 225 -2.38 -26.62 20.61
C ARG D 225 -3.20 -26.43 19.34
N PHE D 226 -2.87 -25.45 18.49
CA PHE D 226 -3.66 -25.23 17.28
C PHE D 226 -3.41 -26.37 16.29
N ALA D 227 -4.49 -27.01 15.86
CA ALA D 227 -4.34 -28.16 14.95
C ALA D 227 -4.21 -27.72 13.51
N VAL D 228 -4.77 -26.56 13.16
CA VAL D 228 -4.71 -26.01 11.80
C VAL D 228 -4.37 -24.53 11.91
N VAL D 229 -3.41 -24.08 11.09
CA VAL D 229 -2.95 -22.70 11.11
C VAL D 229 -3.14 -22.12 9.71
N ASN D 230 -3.93 -21.03 9.60
CA ASN D 230 -4.27 -20.44 8.30
C ASN D 230 -3.98 -18.94 8.25
N PRO D 231 -2.76 -18.55 7.90
CA PRO D 231 -2.49 -17.14 7.57
C PRO D 231 -3.02 -16.84 6.18
N HIS D 232 -4.04 -15.97 6.10
CA HIS D 232 -4.64 -15.64 4.83
C HIS D 232 -4.11 -14.30 4.36
N ALA D 233 -3.43 -14.30 3.20
CA ALA D 233 -2.88 -13.08 2.63
C ALA D 233 -2.02 -12.34 3.66
N SER D 234 -1.16 -13.09 4.36
CA SER D 234 -0.43 -12.49 5.47
C SER D 234 0.68 -11.54 4.98
N GLY D 235 1.38 -11.90 3.90
CA GLY D 235 2.36 -10.98 3.32
C GLY D 235 3.63 -10.84 4.16
N GLN D 236 4.29 -9.69 4.05
CA GLN D 236 5.60 -9.52 4.68
C GLN D 236 5.44 -9.32 6.18
N GLY D 237 6.34 -9.92 6.96
CA GLY D 237 6.09 -10.09 8.38
C GLY D 237 5.23 -11.30 8.73
N GLY D 238 4.64 -11.95 7.73
CA GLY D 238 3.88 -13.18 7.86
C GLY D 238 4.53 -14.29 7.04
N ALA D 239 3.83 -14.88 6.07
CA ALA D 239 4.41 -16.03 5.37
C ALA D 239 5.38 -15.66 4.24
N ALA D 240 5.32 -14.43 3.73
CA ALA D 240 6.09 -14.09 2.55
C ALA D 240 7.59 -14.02 2.86
N SER D 241 8.41 -14.55 1.95
CA SER D 241 9.85 -14.40 2.08
C SER D 241 10.26 -12.92 2.18
N PHE D 242 11.19 -12.63 3.09
CA PHE D 242 11.78 -11.31 3.14
C PHE D 242 12.75 -11.08 1.97
N ARG D 243 13.48 -12.11 1.57
CA ARG D 243 14.59 -11.94 0.62
C ARG D 243 14.19 -12.10 -0.84
N TYR D 244 13.14 -12.85 -1.15
CA TYR D 244 12.69 -13.10 -2.52
C TYR D 244 11.38 -12.36 -2.76
N SER D 245 11.42 -11.41 -3.68
CA SER D 245 10.23 -10.74 -4.19
C SER D 245 10.46 -10.53 -5.67
N PHE D 246 9.39 -10.22 -6.40
CA PHE D 246 9.43 -10.35 -7.85
C PHE D 246 8.74 -9.19 -8.56
N ALA D 247 8.83 -7.98 -7.99
CA ALA D 247 8.23 -6.82 -8.62
C ALA D 247 8.72 -6.69 -10.06
N GLY D 248 7.78 -6.43 -10.98
CA GLY D 248 8.10 -6.30 -12.38
C GLY D 248 8.19 -7.60 -13.16
N LYS D 249 8.13 -8.75 -12.50
CA LYS D 249 8.17 -10.02 -13.22
C LYS D 249 6.88 -10.21 -14.02
N GLN D 250 7.04 -10.68 -15.26
CA GLN D 250 5.89 -10.95 -16.12
C GLN D 250 5.38 -12.36 -15.86
N TYR D 251 4.21 -12.48 -15.21
CA TYR D 251 3.46 -13.71 -15.14
C TYR D 251 2.42 -13.74 -16.24
N SER D 252 1.90 -14.93 -16.55
CA SER D 252 0.90 -14.99 -17.59
C SER D 252 -0.37 -14.22 -17.20
N TRP D 253 -0.62 -13.98 -15.92
CA TRP D 253 -1.81 -13.25 -15.49
C TRP D 253 -1.53 -11.77 -15.18
N GLY D 254 -0.33 -11.28 -15.48
CA GLY D 254 -0.02 -9.88 -15.24
C GLY D 254 1.40 -9.62 -14.80
N VAL D 255 1.84 -8.36 -14.89
CA VAL D 255 3.14 -7.94 -14.35
C VAL D 255 3.00 -7.69 -12.86
N ALA D 256 3.98 -8.15 -12.08
CA ALA D 256 3.90 -8.04 -10.63
C ALA D 256 4.12 -6.61 -10.17
N GLY D 257 3.22 -6.12 -9.32
CA GLY D 257 3.45 -4.87 -8.61
C GLY D 257 4.45 -5.04 -7.48
N ASN D 258 4.63 -3.96 -6.73
CA ASN D 258 5.59 -3.97 -5.63
C ASN D 258 5.09 -4.81 -4.48
N ALA D 259 6.00 -5.54 -3.86
CA ALA D 259 5.73 -6.13 -2.56
C ALA D 259 5.93 -5.06 -1.48
N GLU D 260 5.33 -5.29 -0.32
CA GLU D 260 5.52 -4.33 0.76
C GLU D 260 6.99 -4.18 1.10
N ALA D 261 7.46 -2.94 1.19
CA ALA D 261 8.85 -2.68 1.52
C ALA D 261 9.12 -2.99 2.99
N PHE D 262 10.30 -3.57 3.24
CA PHE D 262 10.78 -3.86 4.58
C PHE D 262 10.75 -2.61 5.47
N SER D 263 11.22 -1.49 4.96
CA SER D 263 11.21 -0.28 5.79
C SER D 263 9.79 0.14 6.14
N ASN D 264 8.80 -0.17 5.30
CA ASN D 264 7.43 0.19 5.69
C ASN D 264 6.97 -0.60 6.91
N LEU D 265 7.39 -1.86 7.02
CA LEU D 265 7.09 -2.64 8.22
C LEU D 265 7.65 -2.00 9.47
N GLN D 266 8.79 -1.32 9.36
CA GLN D 266 9.45 -0.75 10.52
C GLN D 266 9.00 0.67 10.83
N GLY D 267 8.29 1.30 9.89
CA GLY D 267 7.91 2.70 10.00
C GLY D 267 6.78 2.94 10.99
N ASN D 268 6.32 4.17 11.00
CA ASN D 268 5.42 4.61 12.06
C ASN D 268 3.97 4.13 11.87
N THR D 269 3.61 3.58 10.72
CA THR D 269 2.26 3.03 10.58
C THR D 269 2.17 1.53 10.90
N GLU D 270 3.29 0.82 10.99
CA GLU D 270 3.27 -0.62 11.21
C GLU D 270 4.30 -1.12 12.21
N GLY D 271 5.25 -0.28 12.63
CA GLY D 271 6.36 -0.73 13.46
C GLY D 271 5.93 -1.33 14.78
N HIS D 272 4.76 -0.93 15.30
CA HIS D 272 4.25 -1.47 16.55
C HIS D 272 3.93 -2.95 16.47
N TRP D 273 3.86 -3.53 15.27
CA TRP D 273 3.65 -4.98 15.15
C TRP D 273 4.83 -5.78 15.68
N PHE D 274 6.03 -5.18 15.68
CA PHE D 274 7.29 -5.84 15.96
C PHE D 274 7.90 -5.23 17.24
N ASN D 275 9.16 -5.56 17.51
CA ASN D 275 9.85 -5.00 18.67
C ASN D 275 10.93 -4.02 18.22
N ALA D 276 11.62 -3.40 19.19
CA ALA D 276 12.58 -2.36 18.86
C ALA D 276 13.78 -2.91 18.13
N VAL D 277 14.20 -4.14 18.46
CA VAL D 277 15.31 -4.74 17.76
C VAL D 277 14.99 -4.87 16.27
N PHE D 278 13.79 -5.38 15.95
CA PHE D 278 13.39 -5.56 14.56
C PHE D 278 13.49 -4.24 13.78
N ARG D 279 13.03 -3.14 14.38
CA ARG D 279 13.02 -1.85 13.70
C ARG D 279 14.41 -1.24 13.54
N GLU D 280 15.45 -1.92 14.04
CA GLU D 280 16.82 -1.44 13.87
C GLU D 280 17.51 -2.03 12.65
N PHE D 281 17.03 -3.14 12.11
CA PHE D 281 17.70 -3.74 10.95
C PHE D 281 17.68 -2.78 9.78
N LYS D 282 18.79 -2.74 9.04
CA LYS D 282 18.85 -1.89 7.87
C LYS D 282 18.54 -2.64 6.57
N ASP D 283 18.53 -3.98 6.60
CA ASP D 283 18.37 -4.77 5.41
C ASP D 283 17.77 -6.11 5.83
N PRO D 284 16.74 -6.62 5.15
CA PRO D 284 16.21 -7.94 5.51
C PRO D 284 17.26 -9.04 5.45
N ARG D 285 18.31 -8.87 4.66
CA ARG D 285 19.34 -9.88 4.56
C ARG D 285 20.15 -10.05 5.85
N GLN D 286 20.07 -9.11 6.79
CA GLN D 286 20.71 -9.27 8.09
C GLN D 286 19.88 -10.09 9.09
N LEU D 287 18.62 -10.37 8.79
CA LEU D 287 17.79 -11.17 9.68
C LEU D 287 18.39 -12.57 9.85
N PRO D 288 18.34 -13.15 11.06
CA PRO D 288 18.90 -14.50 11.23
C PRO D 288 17.97 -15.63 10.82
N PHE D 289 16.92 -15.30 10.06
CA PHE D 289 15.91 -16.27 9.63
C PHE D 289 15.25 -15.71 8.39
N ASP D 290 14.45 -16.54 7.74
CA ASP D 290 13.46 -16.06 6.80
C ASP D 290 12.21 -16.91 7.00
N GLN D 291 11.13 -16.52 6.33
CA GLN D 291 9.83 -16.94 6.84
C GLN D 291 9.48 -18.39 6.54
N HIS D 292 10.29 -19.10 5.76
CA HIS D 292 10.12 -20.55 5.72
C HIS D 292 10.34 -21.17 7.09
N GLU D 293 11.14 -20.51 7.93
CA GLU D 293 11.42 -21.07 9.25
C GLU D 293 10.25 -20.85 10.21
N LEU D 294 9.65 -19.66 10.19
CA LEU D 294 8.45 -19.41 10.99
C LEU D 294 7.34 -20.40 10.64
N ILE D 295 7.12 -20.64 9.35
CA ILE D 295 6.10 -21.61 8.95
C ILE D 295 6.48 -22.99 9.47
N ALA D 296 7.77 -23.36 9.38
CA ALA D 296 8.22 -24.67 9.84
C ALA D 296 8.05 -24.84 11.35
N LEU D 297 7.94 -23.73 12.10
CA LEU D 297 7.68 -23.84 13.53
C LEU D 297 6.32 -24.43 13.84
N CYS D 298 5.42 -24.49 12.86
CA CYS D 298 4.11 -25.10 13.05
C CYS D 298 4.14 -26.63 12.96
N ALA D 299 5.20 -27.20 12.37
CA ALA D 299 5.22 -28.64 12.16
C ALA D 299 5.36 -29.36 13.51
N PRO D 300 4.73 -30.54 13.66
CA PRO D 300 4.01 -31.26 12.62
C PRO D 300 2.52 -30.96 12.60
N ARG D 301 2.11 -29.80 13.11
CA ARG D 301 0.72 -29.42 12.98
C ARG D 301 0.48 -28.86 11.58
N THR D 302 -0.78 -28.75 11.18
CA THR D 302 -1.04 -28.48 9.77
C THR D 302 -1.13 -26.98 9.51
N VAL D 303 -0.73 -26.58 8.30
CA VAL D 303 -0.67 -25.19 7.86
C VAL D 303 -1.25 -25.09 6.46
N LEU D 304 -2.15 -24.11 6.25
CA LEU D 304 -2.68 -23.77 4.94
C LEU D 304 -2.40 -22.30 4.63
N ILE D 305 -1.63 -22.03 3.57
CA ILE D 305 -1.38 -20.68 3.07
C ILE D 305 -2.40 -20.33 2.01
N THR D 306 -3.20 -19.28 2.23
CA THR D 306 -4.17 -18.84 1.25
C THR D 306 -3.92 -17.38 0.85
N GLY D 307 -4.50 -16.96 -0.27
CA GLY D 307 -4.29 -15.60 -0.74
C GLY D 307 -4.60 -15.48 -2.23
N GLY D 308 -4.11 -14.40 -2.83
CA GLY D 308 -4.42 -14.07 -4.21
C GLY D 308 -3.18 -14.00 -5.09
N TYR D 309 -3.27 -14.56 -6.30
CA TYR D 309 -2.16 -14.56 -7.24
C TYR D 309 -1.82 -13.15 -7.72
N SER D 310 -2.77 -12.22 -7.66
CA SER D 310 -2.55 -10.84 -8.08
C SER D 310 -2.44 -9.90 -6.88
N ASP D 311 -2.27 -10.45 -5.68
CA ASP D 311 -2.20 -9.64 -4.45
C ASP D 311 -0.75 -9.23 -4.21
N TRP D 312 -0.31 -8.26 -5.02
CA TRP D 312 1.13 -8.03 -5.18
C TRP D 312 1.78 -7.58 -3.88
N GLY D 313 1.08 -6.78 -3.09
CA GLY D 313 1.67 -6.33 -1.83
C GLY D 313 1.99 -7.46 -0.88
N THR D 314 1.32 -8.61 -1.00
CA THR D 314 1.61 -9.75 -0.13
C THR D 314 2.64 -10.69 -0.74
N ASN D 315 3.18 -10.39 -1.94
CA ASN D 315 4.32 -11.10 -2.52
C ASN D 315 3.97 -12.55 -2.83
N PRO D 316 3.14 -12.80 -3.86
CA PRO D 316 2.69 -14.19 -4.14
C PRO D 316 3.80 -15.20 -4.32
N GLU D 317 4.77 -14.97 -5.21
CA GLU D 317 5.78 -16.01 -5.41
C GLU D 317 6.71 -16.10 -4.21
N GLY D 318 6.96 -14.98 -3.52
CA GLY D 318 7.74 -15.04 -2.30
C GLY D 318 7.07 -15.85 -1.20
N THR D 319 5.75 -15.87 -1.19
CA THR D 319 5.01 -16.74 -0.26
C THR D 319 5.13 -18.21 -0.70
N TRP D 320 5.15 -18.45 -2.01
CA TRP D 320 5.45 -19.78 -2.52
C TRP D 320 6.86 -20.22 -2.11
N VAL D 321 7.85 -19.31 -2.22
CA VAL D 321 9.21 -19.63 -1.81
C VAL D 321 9.24 -20.12 -0.36
N SER D 322 8.60 -19.36 0.54
CA SER D 322 8.57 -19.76 1.95
C SER D 322 7.86 -21.09 2.13
N PHE D 323 6.76 -21.30 1.40
CA PHE D 323 6.03 -22.56 1.53
C PHE D 323 6.90 -23.75 1.16
N VAL D 324 7.63 -23.65 0.04
CA VAL D 324 8.46 -24.77 -0.41
C VAL D 324 9.60 -25.02 0.58
N GLY D 325 10.20 -23.95 1.09
CA GLY D 325 11.22 -24.10 2.12
C GLY D 325 10.69 -24.76 3.38
N ALA D 326 9.53 -24.30 3.87
CA ALA D 326 8.95 -24.90 5.08
C ALA D 326 8.58 -26.36 4.86
N ARG D 327 8.11 -26.70 3.66
CA ARG D 327 7.71 -28.09 3.40
C ARG D 327 8.90 -29.05 3.52
N LYS D 328 10.13 -28.57 3.34
CA LYS D 328 11.31 -29.41 3.55
C LYS D 328 11.35 -29.94 4.98
N VAL D 329 10.94 -29.13 5.96
CA VAL D 329 10.91 -29.59 7.34
C VAL D 329 9.79 -30.60 7.54
N TYR D 330 8.60 -30.31 7.00
CA TYR D 330 7.50 -31.26 7.06
C TYR D 330 7.90 -32.59 6.43
N GLU D 331 8.59 -32.55 5.30
N GLU D 331 8.61 -32.54 5.30
CA GLU D 331 9.07 -33.78 4.67
CA GLU D 331 9.08 -33.76 4.64
C GLU D 331 10.04 -34.51 5.57
C GLU D 331 10.08 -34.51 5.52
N PHE D 332 11.00 -33.77 6.15
CA PHE D 332 11.94 -34.38 7.07
C PHE D 332 11.22 -35.10 8.21
N LEU D 333 10.16 -34.51 8.73
CA LEU D 333 9.38 -35.10 9.80
C LEU D 333 8.38 -36.15 9.32
N GLY D 334 8.34 -36.44 8.02
CA GLY D 334 7.43 -37.46 7.49
C GLY D 334 5.98 -37.06 7.38
N VAL D 335 5.68 -35.76 7.35
CA VAL D 335 4.31 -35.28 7.31
C VAL D 335 4.14 -34.23 6.21
N ALA D 336 4.63 -34.54 5.00
CA ALA D 336 4.71 -33.52 3.95
C ALA D 336 3.33 -32.97 3.55
N ASP D 337 2.26 -33.77 3.62
CA ASP D 337 1.00 -33.21 3.16
C ASP D 337 0.22 -32.48 4.25
N ARG D 338 0.83 -32.24 5.41
CA ARG D 338 0.18 -31.40 6.41
C ARG D 338 0.39 -29.91 6.15
N ILE D 339 1.13 -29.55 5.10
CA ILE D 339 1.33 -28.15 4.73
C ILE D 339 0.74 -27.99 3.34
N GLY D 340 -0.16 -27.01 3.18
CA GLY D 340 -0.84 -26.81 1.92
C GLY D 340 -0.73 -25.37 1.44
N PHE D 341 -0.93 -25.20 0.13
CA PHE D 341 -0.83 -23.90 -0.55
C PHE D 341 -2.07 -23.73 -1.42
N ALA D 342 -2.75 -22.57 -1.31
CA ALA D 342 -3.99 -22.36 -2.09
C ALA D 342 -4.21 -20.87 -2.34
N LEU D 343 -3.48 -20.32 -3.32
CA LEU D 343 -3.76 -19.00 -3.86
C LEU D 343 -4.81 -19.11 -4.94
N ARG D 344 -5.55 -18.02 -5.17
CA ARG D 344 -6.62 -18.04 -6.16
C ARG D 344 -6.59 -16.72 -6.94
N ASP D 345 -7.51 -16.59 -7.89
CA ASP D 345 -7.63 -15.37 -8.69
C ASP D 345 -7.89 -14.16 -7.81
N GLY D 346 -7.40 -13.00 -8.25
CA GLY D 346 -7.78 -11.78 -7.59
C GLY D 346 -6.74 -11.28 -6.59
N SER D 347 -7.18 -10.30 -5.80
N SER D 347 -7.18 -10.31 -5.79
CA SER D 347 -6.25 -9.52 -5.00
CA SER D 347 -6.24 -9.55 -4.98
C SER D 347 -6.57 -9.59 -3.50
C SER D 347 -6.59 -9.60 -3.50
N HIS D 348 -6.27 -8.52 -2.78
CA HIS D 348 -6.35 -8.51 -1.32
C HIS D 348 -7.78 -8.53 -0.80
N ALA D 349 -8.31 -9.71 -0.52
CA ALA D 349 -9.67 -9.86 0.01
C ALA D 349 -9.82 -11.19 0.71
N ILE D 350 -10.86 -11.29 1.53
CA ILE D 350 -11.43 -12.56 1.96
C ILE D 350 -12.53 -12.91 0.98
N THR D 351 -12.35 -13.97 0.19
CA THR D 351 -13.38 -14.37 -0.75
C THR D 351 -14.02 -15.67 -0.29
N GLU D 352 -15.18 -15.98 -0.87
CA GLU D 352 -15.83 -17.24 -0.54
C GLU D 352 -14.93 -18.42 -0.88
N GLU D 353 -14.16 -18.32 -1.98
CA GLU D 353 -13.25 -19.40 -2.35
C GLU D 353 -12.16 -19.62 -1.30
N ASP D 354 -11.69 -18.54 -0.66
CA ASP D 354 -10.69 -18.70 0.40
C ASP D 354 -11.26 -19.51 1.57
N VAL D 355 -12.51 -19.25 1.95
CA VAL D 355 -13.08 -19.95 3.08
C VAL D 355 -13.39 -21.40 2.73
N ASN D 356 -13.89 -21.64 1.52
CA ASN D 356 -14.12 -23.02 1.09
C ASN D 356 -12.81 -23.81 0.99
N ASN D 357 -11.73 -23.17 0.54
CA ASN D 357 -10.42 -23.83 0.57
C ASN D 357 -10.03 -24.21 1.99
N LEU D 358 -10.22 -23.29 2.95
CA LEU D 358 -9.92 -23.61 4.35
C LEU D 358 -10.76 -24.79 4.81
N LEU D 359 -12.06 -24.76 4.52
CA LEU D 359 -12.96 -25.80 5.00
C LEU D 359 -12.64 -27.14 4.36
N ASP D 360 -12.24 -27.14 3.10
CA ASP D 360 -11.83 -28.40 2.47
C ASP D 360 -10.55 -28.94 3.10
N PHE D 361 -9.61 -28.05 3.41
CA PHE D 361 -8.37 -28.47 4.06
C PHE D 361 -8.64 -29.02 5.46
N CYS D 362 -9.53 -28.37 6.21
CA CYS D 362 -9.85 -28.83 7.54
C CYS D 362 -10.55 -30.18 7.50
N ASP D 363 -11.54 -30.32 6.62
CA ASP D 363 -12.21 -31.61 6.43
C ASP D 363 -11.21 -32.71 6.12
N TRP D 364 -10.16 -32.39 5.34
CA TRP D 364 -9.11 -33.36 5.05
C TRP D 364 -8.31 -33.69 6.29
N GLN D 365 -7.76 -32.67 6.94
CA GLN D 365 -6.82 -32.88 8.03
C GLN D 365 -7.50 -33.33 9.31
N LEU D 366 -8.75 -32.94 9.53
CA LEU D 366 -9.41 -33.22 10.80
C LEU D 366 -10.46 -34.32 10.70
N ARG D 367 -11.01 -34.56 9.52
CA ARG D 367 -12.03 -35.57 9.32
C ARG D 367 -11.62 -36.64 8.32
N GLY D 368 -10.48 -36.50 7.66
CA GLY D 368 -10.02 -37.48 6.71
C GLY D 368 -10.82 -37.54 5.42
N ILE D 369 -11.49 -36.47 5.06
CA ILE D 369 -12.22 -36.39 3.79
C ILE D 369 -11.26 -35.95 2.68
N GLN D 370 -11.21 -36.74 1.59
CA GLN D 370 -10.30 -36.44 0.49
C GLN D 370 -10.64 -35.08 -0.12
N PRO D 371 -9.65 -34.20 -0.30
CA PRO D 371 -9.95 -32.84 -0.78
C PRO D 371 -10.25 -32.72 -2.27
N THR D 372 -9.76 -33.65 -3.09
CA THR D 372 -9.86 -33.51 -4.55
C THR D 372 -9.12 -32.26 -5.06
N LYS D 373 -9.22 -31.14 -4.34
CA LYS D 373 -8.35 -30.00 -4.61
C LYS D 373 -6.89 -30.34 -4.27
N ASP D 374 -5.96 -29.92 -5.13
CA ASP D 374 -4.53 -30.18 -4.95
C ASP D 374 -3.93 -29.05 -4.11
N PHE D 375 -3.57 -29.35 -2.87
CA PHE D 375 -2.97 -28.34 -1.98
C PHE D 375 -1.45 -28.33 -2.03
N SER D 376 -0.83 -29.11 -2.92
CA SER D 376 0.60 -29.27 -2.91
C SER D 376 1.31 -28.48 -4.01
N THR D 377 0.58 -27.82 -4.89
CA THR D 377 1.18 -27.20 -6.07
C THR D 377 0.76 -25.75 -6.18
N SER D 378 1.20 -25.09 -7.25
CA SER D 378 0.88 -23.69 -7.51
C SER D 378 1.14 -23.42 -8.98
N ARG D 379 0.86 -22.19 -9.39
CA ARG D 379 1.20 -21.75 -10.73
C ARG D 379 2.68 -21.45 -10.90
N PHE D 380 3.46 -21.43 -9.82
CA PHE D 380 4.87 -21.08 -9.87
C PHE D 380 5.73 -22.33 -10.01
N ALA D 381 6.69 -22.29 -10.93
CA ALA D 381 7.67 -23.36 -10.97
C ALA D 381 8.50 -23.36 -9.69
N ILE D 382 9.04 -24.52 -9.34
CA ILE D 382 10.03 -24.57 -8.28
C ILE D 382 11.40 -24.24 -8.89
N ASP D 383 11.96 -23.11 -8.45
CA ASP D 383 13.11 -22.48 -9.11
C ASP D 383 14.41 -23.03 -8.55
N PRO D 384 15.25 -23.68 -9.35
CA PRO D 384 16.56 -24.13 -8.83
C PRO D 384 17.37 -23.02 -8.18
N ALA D 385 17.16 -21.76 -8.56
CA ALA D 385 17.95 -20.68 -7.98
C ALA D 385 17.73 -20.56 -6.48
N TRP D 386 16.52 -20.85 -6.01
CA TRP D 386 16.29 -20.76 -4.57
C TRP D 386 16.06 -22.10 -3.90
N ASP D 387 15.72 -23.14 -4.65
CA ASP D 387 15.46 -24.46 -4.07
C ASP D 387 16.75 -25.26 -3.92
N THR D 388 17.65 -24.74 -3.07
CA THR D 388 18.96 -25.35 -2.86
C THR D 388 19.08 -26.09 -1.54
N ILE D 389 17.99 -26.20 -0.76
CA ILE D 389 18.00 -26.88 0.52
C ILE D 389 17.61 -28.35 0.32
N SER D 390 18.39 -29.24 0.91
CA SER D 390 18.12 -30.68 0.88
C SER D 390 17.67 -31.15 2.25
N VAL D 391 16.55 -31.87 2.29
CA VAL D 391 16.14 -32.61 3.49
C VAL D 391 17.30 -33.51 3.87
N PRO D 392 17.84 -33.40 5.09
CA PRO D 392 18.95 -34.25 5.56
C PRO D 392 18.73 -35.75 5.28
#